data_7DOD
#
_entry.id   7DOD
#
_cell.length_a   1.00
_cell.length_b   1.00
_cell.length_c   1.00
_cell.angle_alpha   90.00
_cell.angle_beta   90.00
_cell.angle_gamma   90.00
#
_symmetry.space_group_name_H-M   'P 1'
#
_entity_poly.entity_id   1
_entity_poly.type   'polypeptide(L)'
_entity_poly.pdbx_seq_one_letter_code
;MEGNGSQLGSRQHQESQAAVDPPGATGPTTSHVVVSNPEQPNGPAQRLEMAVATGAIQSNVPEAIRNCFAVYRTFAWNDR
MPAGTFLGSVSLHPNINPYTSHLSGMWAGWGGSFESRVSISGSGVFAGRVVASVIPPGVDPSSIRDPGVLPHAFVDARIT
EPVSFMIPDVRNTDYHRMDGNEPTCSLGLWVYQPLINPFSTSAVSTCWVSIETKPGGDFDFCLLKPPGQRMENGVSPEGL
LPRRLGYARGNRVGGLVVGLVLVADHHQVNRHFNANSITYGWSTAPVNPMAAEIVVKHDYTNNRNAWLSIGAKNKGPLFP
GLPNHFPDSCASTLVGAMDTGRHMPATGVCGPAIGFQDNGDVFENETPAVMFATFNPLTGGDNTNPIALYDSINPASLAV
MCTKSNSNFDSSGFANDKNVVVQMSWEMYTNSQQIQGRVTPMQGTNFVFTSSGANTLALWEERLLSYDGHQAILYSSQME
RTSEYFQNDNVNIPPGSMAVFNVETNSASFQIGIREDGYMVTGGTIGTHVVLDPETRFQYVGLLPLTAALAGPNGNSGRA
RRVFQ
;
_entity_poly.pdbx_strand_id   C,A,B
#
# COMPACT_ATOMS: atom_id res chain seq x y z
N ASP A 21 -9.44 -32.61 -40.31
CA ASP A 21 -8.29 -31.73 -40.49
C ASP A 21 -6.97 -32.45 -40.31
N PRO A 22 -5.99 -32.11 -41.14
CA PRO A 22 -4.63 -32.61 -40.93
C PRO A 22 -4.03 -32.02 -39.66
N PRO A 23 -3.06 -32.70 -39.05
CA PRO A 23 -2.59 -32.25 -37.71
C PRO A 23 -1.81 -30.95 -37.70
N GLY A 24 -1.35 -30.45 -38.84
CA GLY A 24 -0.64 -29.18 -38.84
C GLY A 24 -1.53 -27.99 -39.10
N ALA A 25 -2.73 -28.24 -39.63
CA ALA A 25 -3.66 -27.19 -40.02
C ALA A 25 -4.81 -27.10 -39.05
N THR A 26 -5.42 -25.92 -38.97
CA THR A 26 -6.49 -25.62 -38.04
C THR A 26 -7.51 -24.76 -38.76
N GLY A 27 -8.66 -25.32 -39.08
CA GLY A 27 -9.71 -24.55 -39.70
C GLY A 27 -10.43 -23.67 -38.71
N PRO A 28 -11.38 -22.90 -39.21
CA PRO A 28 -12.33 -22.23 -38.31
C PRO A 28 -13.28 -23.26 -37.69
N THR A 29 -13.95 -22.83 -36.62
CA THR A 29 -15.00 -23.54 -35.87
C THR A 29 -14.41 -24.69 -35.03
N THR A 30 -13.13 -24.98 -35.20
CA THR A 30 -12.51 -26.09 -34.49
C THR A 30 -12.12 -25.66 -33.10
N SER A 31 -12.65 -26.34 -32.09
CA SER A 31 -12.41 -25.99 -30.70
C SER A 31 -12.27 -27.25 -29.86
N HIS A 32 -11.25 -27.29 -29.02
CA HIS A 32 -11.09 -28.32 -28.00
C HIS A 32 -11.28 -27.64 -26.66
N VAL A 33 -12.52 -27.66 -26.16
CA VAL A 33 -12.88 -26.91 -24.97
C VAL A 33 -12.31 -27.61 -23.74
N VAL A 34 -11.52 -26.88 -22.96
CA VAL A 34 -10.99 -27.35 -21.69
C VAL A 34 -11.73 -26.60 -20.59
N VAL A 35 -12.38 -27.35 -19.70
CA VAL A 35 -13.15 -26.74 -18.62
C VAL A 35 -12.18 -26.42 -17.48
N SER A 36 -11.91 -25.14 -17.28
CA SER A 36 -10.94 -24.70 -16.28
C SER A 36 -11.54 -24.42 -14.93
N ASN A 37 -12.85 -24.57 -14.76
CA ASN A 37 -13.53 -24.33 -13.50
C ASN A 37 -14.82 -25.14 -13.49
N PRO A 38 -15.03 -25.99 -12.50
CA PRO A 38 -16.30 -26.73 -12.42
C PRO A 38 -17.42 -25.97 -11.73
N GLU A 39 -17.54 -24.67 -12.01
CA GLU A 39 -18.62 -23.84 -11.48
C GLU A 39 -19.13 -22.91 -12.56
N GLN A 40 -19.40 -23.45 -13.74
CA GLN A 40 -19.99 -22.65 -14.79
C GLN A 40 -21.43 -22.30 -14.44
N PRO A 41 -21.87 -21.08 -14.74
CA PRO A 41 -23.28 -20.73 -14.58
C PRO A 41 -24.15 -21.50 -15.57
N ASN A 42 -25.43 -21.58 -15.24
CA ASN A 42 -26.39 -22.15 -16.18
C ASN A 42 -26.59 -21.14 -17.30
N GLY A 43 -25.90 -21.38 -18.41
CA GLY A 43 -26.02 -20.60 -19.62
C GLY A 43 -27.41 -20.43 -20.20
N PRO A 44 -28.09 -21.55 -20.54
CA PRO A 44 -29.45 -21.42 -21.09
C PRO A 44 -30.49 -20.90 -20.11
N ALA A 45 -30.26 -21.01 -18.80
CA ALA A 45 -31.20 -20.42 -17.86
C ALA A 45 -30.99 -18.91 -17.73
N GLN A 46 -29.75 -18.44 -17.88
CA GLN A 46 -29.51 -17.01 -18.02
C GLN A 46 -30.08 -16.47 -19.32
N ARG A 47 -30.06 -17.29 -20.36
CA ARG A 47 -30.71 -16.91 -21.62
C ARG A 47 -32.23 -16.83 -21.44
N LEU A 48 -32.79 -17.71 -20.60
CA LEU A 48 -34.20 -17.57 -20.23
C LEU A 48 -34.46 -16.30 -19.42
N GLU A 49 -33.51 -15.91 -18.55
CA GLU A 49 -33.67 -14.68 -17.78
C GLU A 49 -33.69 -13.45 -18.68
N MET A 50 -32.82 -13.44 -19.69
CA MET A 50 -32.83 -12.35 -20.66
C MET A 50 -34.12 -12.32 -21.46
N ALA A 51 -34.63 -13.49 -21.88
CA ALA A 51 -35.86 -13.53 -22.65
C ALA A 51 -37.07 -13.12 -21.81
N VAL A 52 -37.03 -13.35 -20.51
CA VAL A 52 -38.10 -12.86 -19.65
C VAL A 52 -37.98 -11.35 -19.44
N ALA A 53 -36.76 -10.85 -19.25
CA ALA A 53 -36.58 -9.45 -18.88
C ALA A 53 -36.74 -8.50 -20.05
N THR A 54 -36.47 -8.94 -21.27
CA THR A 54 -36.51 -8.05 -22.43
C THR A 54 -37.38 -8.53 -23.57
N GLY A 55 -37.87 -9.76 -23.55
CA GLY A 55 -38.53 -10.30 -24.72
C GLY A 55 -37.60 -10.61 -25.86
N ALA A 56 -36.32 -10.82 -25.57
CA ALA A 56 -35.32 -11.13 -26.59
C ALA A 56 -35.31 -12.64 -26.78
N ILE A 57 -36.32 -13.13 -27.50
CA ILE A 57 -36.49 -14.56 -27.65
C ILE A 57 -35.66 -15.09 -28.81
N GLN A 58 -35.55 -14.33 -29.88
CA GLN A 58 -34.84 -14.75 -31.08
C GLN A 58 -33.41 -14.21 -31.09
N SER A 59 -32.57 -14.88 -31.85
CA SER A 59 -31.15 -14.56 -31.88
C SER A 59 -30.88 -13.39 -32.81
N ASN A 60 -29.90 -12.57 -32.43
CA ASN A 60 -29.61 -11.32 -33.11
C ASN A 60 -28.22 -11.30 -33.75
N VAL A 61 -27.53 -12.43 -33.77
CA VAL A 61 -26.18 -12.53 -34.29
C VAL A 61 -26.23 -13.49 -35.47
N PRO A 62 -25.64 -13.15 -36.62
CA PRO A 62 -25.53 -14.13 -37.71
C PRO A 62 -24.66 -15.32 -37.33
N GLU A 63 -24.98 -16.48 -37.88
CA GLU A 63 -24.25 -17.70 -37.56
C GLU A 63 -22.85 -17.73 -38.16
N ALA A 64 -22.57 -16.86 -39.13
CA ALA A 64 -21.20 -16.70 -39.60
C ALA A 64 -20.28 -16.19 -38.50
N ILE A 65 -20.81 -15.38 -37.58
CA ILE A 65 -20.05 -14.89 -36.45
C ILE A 65 -20.02 -15.91 -35.33
N ARG A 66 -21.13 -16.62 -35.13
CA ARG A 66 -21.18 -17.62 -34.08
C ARG A 66 -20.38 -18.87 -34.40
N ASN A 67 -19.99 -19.06 -35.65
CA ASN A 67 -19.23 -20.24 -36.01
C ASN A 67 -17.74 -20.03 -36.10
N CYS A 68 -17.25 -18.85 -36.47
CA CYS A 68 -15.83 -18.68 -36.72
C CYS A 68 -15.18 -17.82 -35.64
N PHE A 69 -13.90 -18.06 -35.43
CA PHE A 69 -13.08 -17.29 -34.51
C PHE A 69 -12.48 -16.07 -35.19
N ALA A 70 -12.11 -15.09 -34.38
CA ALA A 70 -11.48 -13.87 -34.85
C ALA A 70 -10.35 -13.54 -33.91
N VAL A 71 -9.21 -13.10 -34.45
CA VAL A 71 -8.02 -12.90 -33.64
C VAL A 71 -8.20 -11.69 -32.73
N TYR A 72 -7.82 -11.85 -31.47
CA TYR A 72 -7.96 -10.78 -30.50
C TYR A 72 -6.60 -10.29 -30.01
N ARG A 73 -5.76 -11.15 -29.45
CA ARG A 73 -4.46 -10.68 -28.98
C ARG A 73 -3.37 -11.66 -29.37
N THR A 74 -2.13 -11.19 -29.22
CA THR A 74 -0.96 -12.06 -29.19
C THR A 74 -0.02 -11.53 -28.12
N PHE A 75 0.59 -12.44 -27.40
CA PHE A 75 1.34 -12.17 -26.17
C PHE A 75 2.72 -12.78 -26.28
N ALA A 76 3.73 -12.02 -25.90
CA ALA A 76 5.07 -12.57 -25.87
C ALA A 76 5.29 -13.35 -24.59
N TRP A 77 6.09 -14.41 -24.69
CA TRP A 77 6.45 -15.23 -23.54
C TRP A 77 7.89 -15.67 -23.69
N ASN A 78 8.77 -15.11 -22.87
CA ASN A 78 10.21 -15.22 -22.98
C ASN A 78 10.74 -16.31 -22.08
N ASP A 79 12.04 -16.57 -22.20
CA ASP A 79 12.77 -17.25 -21.14
C ASP A 79 12.84 -16.40 -19.89
N ARG A 80 12.99 -15.09 -20.06
CA ARG A 80 13.37 -14.18 -18.99
C ARG A 80 12.19 -13.67 -18.18
N MET A 81 11.06 -14.35 -18.23
CA MET A 81 9.96 -14.01 -17.35
C MET A 81 9.72 -15.15 -16.38
N PRO A 82 9.73 -14.88 -15.07
CA PRO A 82 9.65 -15.93 -14.07
C PRO A 82 8.23 -16.48 -13.94
N ALA A 83 8.08 -17.43 -13.03
CA ALA A 83 6.77 -18.00 -12.76
C ALA A 83 5.87 -16.97 -12.09
N GLY A 84 4.60 -16.98 -12.46
CA GLY A 84 3.64 -16.04 -11.94
C GLY A 84 3.54 -14.74 -12.70
N THR A 85 4.22 -14.63 -13.85
CA THR A 85 4.19 -13.41 -14.63
C THR A 85 2.90 -13.34 -15.44
N PHE A 86 2.20 -12.23 -15.31
CA PHE A 86 0.93 -12.04 -15.99
C PHE A 86 1.16 -11.77 -17.47
N LEU A 87 0.68 -12.67 -18.32
CA LEU A 87 0.85 -12.51 -19.76
C LEU A 87 -0.20 -11.56 -20.33
N GLY A 88 -1.47 -11.85 -20.08
CA GLY A 88 -2.53 -10.94 -20.45
C GLY A 88 -3.87 -11.54 -20.09
N SER A 89 -4.89 -10.69 -20.13
CA SER A 89 -6.25 -11.12 -19.85
C SER A 89 -7.16 -10.75 -21.00
N VAL A 90 -8.27 -11.47 -21.07
CA VAL A 90 -9.35 -11.22 -22.01
C VAL A 90 -10.60 -10.98 -21.17
N SER A 91 -11.01 -9.73 -21.07
CA SER A 91 -12.19 -9.38 -20.30
C SER A 91 -13.44 -9.59 -21.15
N LEU A 92 -14.51 -10.07 -20.52
CA LEU A 92 -15.74 -10.36 -21.24
C LEU A 92 -16.48 -9.07 -21.53
N HIS A 93 -16.60 -8.74 -22.81
CA HIS A 93 -17.32 -7.57 -23.29
C HIS A 93 -17.57 -7.81 -24.77
N PRO A 94 -18.60 -7.19 -25.35
CA PRO A 94 -18.80 -7.31 -26.80
C PRO A 94 -17.74 -6.64 -27.66
N ASN A 95 -16.80 -5.89 -27.11
CA ASN A 95 -15.79 -5.25 -27.94
C ASN A 95 -14.59 -6.14 -28.23
N ILE A 96 -14.54 -7.36 -27.67
CA ILE A 96 -13.41 -8.24 -27.91
C ILE A 96 -13.59 -9.06 -29.17
N ASN A 97 -14.73 -8.97 -29.83
CA ASN A 97 -14.93 -9.48 -31.17
C ASN A 97 -15.20 -8.27 -32.07
N PRO A 98 -14.58 -8.17 -33.24
CA PRO A 98 -14.86 -7.00 -34.10
C PRO A 98 -16.27 -6.98 -34.65
N TYR A 99 -16.81 -8.14 -34.99
CA TYR A 99 -18.17 -8.19 -35.53
C TYR A 99 -19.20 -7.89 -34.46
N THR A 100 -18.99 -8.43 -33.26
CA THR A 100 -19.91 -8.17 -32.15
C THR A 100 -19.82 -6.73 -31.67
N SER A 101 -18.63 -6.14 -31.69
CA SER A 101 -18.51 -4.73 -31.37
C SER A 101 -19.15 -3.85 -32.43
N HIS A 102 -19.17 -4.30 -33.68
CA HIS A 102 -19.90 -3.56 -34.70
C HIS A 102 -21.40 -3.67 -34.48
N LEU A 103 -21.89 -4.90 -34.26
CA LEU A 103 -23.32 -5.15 -34.08
C LEU A 103 -23.89 -4.54 -32.81
N SER A 104 -23.06 -4.26 -31.80
CA SER A 104 -23.54 -3.80 -30.51
C SER A 104 -24.12 -2.38 -30.54
N GLY A 105 -23.86 -1.62 -31.61
CA GLY A 105 -24.34 -0.24 -31.67
C GLY A 105 -25.83 -0.10 -31.91
N MET A 106 -26.49 -1.17 -32.36
CA MET A 106 -27.93 -1.21 -32.55
C MET A 106 -28.69 -1.68 -31.33
N TRP A 107 -28.00 -2.02 -30.26
CA TRP A 107 -28.63 -2.73 -29.16
C TRP A 107 -28.30 -2.06 -27.84
N ALA A 108 -29.24 -2.13 -26.91
CA ALA A 108 -29.05 -1.52 -25.60
C ALA A 108 -28.66 -2.53 -24.53
N GLY A 109 -28.65 -3.82 -24.84
CA GLY A 109 -28.29 -4.82 -23.87
C GLY A 109 -27.52 -5.95 -24.52
N TRP A 110 -26.88 -6.76 -23.67
CA TRP A 110 -26.19 -7.95 -24.13
C TRP A 110 -26.11 -8.92 -22.96
N GLY A 111 -25.64 -10.12 -23.26
CA GLY A 111 -25.39 -11.09 -22.23
C GLY A 111 -25.10 -12.44 -22.85
N GLY A 112 -24.25 -13.21 -22.19
CA GLY A 112 -23.87 -14.51 -22.70
C GLY A 112 -22.38 -14.74 -22.64
N SER A 113 -21.99 -15.99 -22.68
CA SER A 113 -20.58 -16.35 -22.60
C SER A 113 -19.91 -16.20 -23.95
N PHE A 114 -18.60 -16.00 -23.93
CA PHE A 114 -17.83 -16.11 -25.17
C PHE A 114 -17.01 -17.40 -25.17
N GLU A 115 -16.39 -17.65 -26.30
CA GLU A 115 -15.53 -18.79 -26.50
C GLU A 115 -14.21 -18.27 -27.04
N SER A 116 -13.11 -18.86 -26.60
CA SER A 116 -11.80 -18.24 -26.80
C SER A 116 -10.74 -19.30 -27.00
N ARG A 117 -10.22 -19.46 -28.21
CA ARG A 117 -9.16 -20.44 -28.39
C ARG A 117 -7.80 -19.78 -28.29
N VAL A 118 -6.89 -20.48 -27.61
CA VAL A 118 -5.55 -20.03 -27.34
C VAL A 118 -4.61 -20.95 -28.11
N SER A 119 -3.76 -20.37 -28.94
CA SER A 119 -2.72 -21.12 -29.60
C SER A 119 -1.37 -20.64 -29.09
N ILE A 120 -0.49 -21.59 -28.82
CA ILE A 120 0.85 -21.30 -28.34
C ILE A 120 1.83 -21.75 -29.42
N SER A 121 2.63 -20.82 -29.93
CA SER A 121 3.56 -21.08 -31.01
C SER A 121 4.95 -21.37 -30.43
N GLY A 122 5.06 -22.55 -29.86
CA GLY A 122 6.32 -23.03 -29.33
C GLY A 122 6.68 -24.35 -29.98
N SER A 123 7.99 -24.59 -30.08
CA SER A 123 8.47 -25.83 -30.66
C SER A 123 8.23 -26.99 -29.69
N GLY A 124 8.41 -28.20 -30.20
CA GLY A 124 8.35 -29.39 -29.37
C GLY A 124 9.58 -29.64 -28.53
N VAL A 125 10.54 -28.74 -28.59
CA VAL A 125 11.76 -28.84 -27.80
C VAL A 125 11.67 -28.02 -26.52
N PHE A 126 10.80 -27.02 -26.47
CA PHE A 126 10.69 -26.14 -25.31
C PHE A 126 10.02 -26.85 -24.13
N ALA A 127 10.01 -26.16 -23.00
CA ALA A 127 9.29 -26.57 -21.82
C ALA A 127 8.75 -25.32 -21.15
N GLY A 128 7.67 -25.48 -20.42
CA GLY A 128 7.05 -24.36 -19.73
C GLY A 128 5.55 -24.49 -19.77
N ARG A 129 4.90 -23.97 -18.73
CA ARG A 129 3.46 -24.07 -18.61
C ARG A 129 2.87 -22.71 -18.33
N VAL A 130 1.68 -22.48 -18.88
CA VAL A 130 0.88 -21.29 -18.65
C VAL A 130 -0.36 -21.67 -17.85
N VAL A 131 -0.63 -20.94 -16.78
CA VAL A 131 -1.91 -21.02 -16.08
C VAL A 131 -2.92 -20.18 -16.82
N ALA A 132 -4.04 -20.80 -17.18
CA ALA A 132 -5.19 -20.11 -17.77
C ALA A 132 -6.38 -20.31 -16.83
N SER A 133 -6.83 -19.25 -16.19
CA SER A 133 -7.95 -19.38 -15.27
C SER A 133 -8.96 -18.28 -15.52
N VAL A 134 -10.22 -18.60 -15.27
CA VAL A 134 -11.31 -17.65 -15.38
C VAL A 134 -11.53 -16.99 -14.04
N ILE A 135 -11.60 -15.66 -14.04
CA ILE A 135 -11.58 -14.84 -12.84
C ILE A 135 -12.98 -14.34 -12.55
N PRO A 136 -13.44 -14.35 -11.30
CA PRO A 136 -14.78 -13.84 -11.00
C PRO A 136 -14.86 -12.35 -11.22
N PRO A 137 -16.05 -11.82 -11.48
CA PRO A 137 -16.19 -10.37 -11.66
C PRO A 137 -15.99 -9.62 -10.35
N GLY A 138 -15.24 -8.53 -10.42
CA GLY A 138 -14.84 -7.79 -9.26
C GLY A 138 -13.45 -8.09 -8.77
N VAL A 139 -12.72 -8.96 -9.46
CA VAL A 139 -11.34 -9.28 -9.13
C VAL A 139 -10.51 -8.99 -10.37
N ASP A 140 -9.49 -8.20 -10.22
CA ASP A 140 -8.61 -7.65 -11.24
C ASP A 140 -7.55 -8.68 -11.61
N PRO A 141 -7.42 -9.04 -12.90
CA PRO A 141 -6.41 -10.05 -13.30
C PRO A 141 -4.98 -9.64 -13.07
N SER A 142 -4.66 -8.36 -13.20
CA SER A 142 -3.28 -7.92 -13.02
C SER A 142 -2.88 -7.85 -11.55
N SER A 143 -3.85 -7.82 -10.65
CA SER A 143 -3.58 -7.68 -9.22
C SER A 143 -3.53 -9.02 -8.50
N ILE A 144 -3.80 -10.11 -9.18
CA ILE A 144 -3.72 -11.44 -8.57
C ILE A 144 -2.25 -11.82 -8.42
N ARG A 145 -1.84 -12.13 -7.18
CA ARG A 145 -0.46 -12.49 -6.91
C ARG A 145 -0.23 -13.99 -6.81
N ASP A 146 -1.29 -14.79 -6.68
CA ASP A 146 -1.18 -16.24 -6.54
C ASP A 146 -2.05 -16.90 -7.59
N PRO A 147 -1.52 -17.11 -8.81
CA PRO A 147 -2.39 -17.55 -9.91
C PRO A 147 -2.70 -19.04 -9.93
N GLY A 148 -1.88 -19.87 -9.30
CA GLY A 148 -2.19 -21.28 -9.19
C GLY A 148 -3.15 -21.65 -8.09
N VAL A 149 -3.66 -20.68 -7.34
CA VAL A 149 -4.63 -20.96 -6.29
C VAL A 149 -6.04 -21.01 -6.87
N LEU A 150 -6.35 -20.16 -7.85
CA LEU A 150 -7.60 -20.22 -8.56
C LEU A 150 -7.75 -21.54 -9.32
N PRO A 151 -8.98 -22.03 -9.50
CA PRO A 151 -9.20 -23.19 -10.37
C PRO A 151 -8.84 -22.87 -11.82
N HIS A 152 -7.90 -23.63 -12.36
CA HIS A 152 -7.14 -23.22 -13.51
C HIS A 152 -6.87 -24.40 -14.41
N ALA A 153 -6.54 -24.11 -15.66
CA ALA A 153 -6.03 -25.09 -16.59
C ALA A 153 -4.56 -24.80 -16.85
N PHE A 154 -3.81 -25.85 -17.19
CA PHE A 154 -2.44 -25.73 -17.66
C PHE A 154 -2.44 -25.82 -19.17
N VAL A 155 -1.59 -25.02 -19.81
CA VAL A 155 -1.30 -25.22 -21.21
C VAL A 155 0.21 -25.32 -21.35
N ASP A 156 0.68 -26.37 -22.00
CA ASP A 156 2.09 -26.60 -22.21
C ASP A 156 2.60 -25.73 -23.35
N ALA A 157 3.91 -25.46 -23.36
CA ALA A 157 4.50 -24.74 -24.46
C ALA A 157 4.65 -25.59 -25.71
N ARG A 158 4.71 -26.92 -25.55
CA ARG A 158 4.81 -27.88 -26.64
C ARG A 158 3.49 -28.21 -27.28
N ILE A 159 2.45 -27.45 -27.03
CA ILE A 159 1.12 -27.85 -27.47
C ILE A 159 0.94 -27.53 -28.95
N THR A 160 0.18 -28.38 -29.63
CA THR A 160 -0.01 -28.29 -31.07
C THR A 160 -1.43 -27.87 -31.45
N GLU A 161 -2.43 -28.52 -30.88
CA GLU A 161 -3.80 -28.10 -31.10
C GLU A 161 -4.09 -26.84 -30.28
N PRO A 162 -4.89 -25.92 -30.81
CA PRO A 162 -5.33 -24.78 -30.00
C PRO A 162 -6.39 -25.19 -28.99
N VAL A 163 -6.36 -24.53 -27.84
CA VAL A 163 -7.15 -24.91 -26.67
C VAL A 163 -8.19 -23.83 -26.41
N SER A 164 -9.45 -24.24 -26.43
CA SER A 164 -10.57 -23.31 -26.30
C SER A 164 -11.04 -23.25 -24.85
N PHE A 165 -11.42 -22.05 -24.41
CA PHE A 165 -11.96 -21.79 -23.08
C PHE A 165 -13.23 -20.99 -23.22
N MET A 166 -14.28 -21.42 -22.52
CA MET A 166 -15.47 -20.60 -22.39
C MET A 166 -15.22 -19.50 -21.37
N ILE A 167 -15.53 -18.26 -21.73
CA ILE A 167 -15.50 -17.16 -20.78
C ILE A 167 -16.94 -16.92 -20.34
N PRO A 168 -17.33 -17.35 -19.15
CA PRO A 168 -18.75 -17.32 -18.77
C PRO A 168 -19.21 -15.92 -18.44
N ASP A 169 -20.53 -15.76 -18.43
CA ASP A 169 -21.16 -14.51 -18.05
C ASP A 169 -21.69 -14.70 -16.63
N VAL A 170 -20.88 -14.35 -15.64
CA VAL A 170 -21.35 -14.28 -14.27
C VAL A 170 -21.86 -12.87 -14.03
N ARG A 171 -23.17 -12.72 -13.94
CA ARG A 171 -23.75 -11.40 -13.79
C ARG A 171 -24.84 -11.40 -12.75
N ASN A 172 -24.93 -10.30 -12.01
CA ASN A 172 -26.01 -10.08 -11.05
C ASN A 172 -27.35 -9.95 -11.77
N THR A 173 -27.35 -9.27 -12.89
CA THR A 173 -28.56 -8.78 -13.53
C THR A 173 -29.05 -9.79 -14.56
N ASP A 174 -30.19 -9.49 -15.17
CA ASP A 174 -30.74 -10.38 -16.18
C ASP A 174 -30.11 -10.14 -17.54
N TYR A 175 -29.53 -8.96 -17.74
CA TYR A 175 -28.73 -8.64 -18.91
C TYR A 175 -27.78 -7.53 -18.51
N HIS A 176 -26.76 -7.34 -19.33
CA HIS A 176 -25.84 -6.22 -19.17
C HIS A 176 -26.33 -5.07 -20.00
N ARG A 177 -26.44 -3.88 -19.40
CA ARG A 177 -26.65 -2.68 -20.19
C ARG A 177 -25.43 -2.40 -21.05
N MET A 178 -25.67 -1.89 -22.25
CA MET A 178 -24.55 -1.48 -23.10
C MET A 178 -23.86 -0.26 -22.51
N ASP A 179 -24.62 0.56 -21.80
CA ASP A 179 -24.07 1.51 -20.84
C ASP A 179 -23.22 0.86 -19.78
N GLY A 180 -23.66 -0.29 -19.28
CA GLY A 180 -23.29 -0.87 -18.00
C GLY A 180 -21.82 -1.01 -17.68
N ASN A 181 -21.39 -0.34 -16.62
CA ASN A 181 -20.02 -0.42 -16.13
C ASN A 181 -19.89 -1.46 -15.03
N GLU A 182 -20.43 -2.59 -15.25
CA GLU A 182 -20.34 -3.63 -14.25
C GLU A 182 -19.19 -4.57 -14.58
N PRO A 183 -18.58 -5.17 -13.57
CA PRO A 183 -17.50 -6.13 -13.83
C PRO A 183 -18.05 -7.40 -14.44
N THR A 184 -17.32 -7.91 -15.42
CA THR A 184 -17.57 -9.21 -16.02
C THR A 184 -16.42 -10.14 -15.66
N CYS A 185 -16.54 -11.40 -16.07
CA CYS A 185 -15.44 -12.32 -15.90
C CYS A 185 -14.31 -12.00 -16.86
N SER A 186 -13.12 -12.48 -16.51
CA SER A 186 -11.95 -12.37 -17.35
C SER A 186 -11.38 -13.75 -17.58
N LEU A 187 -10.46 -13.84 -18.53
CA LEU A 187 -9.60 -15.00 -18.70
C LEU A 187 -8.17 -14.50 -18.57
N GLY A 188 -7.52 -14.85 -17.48
CA GLY A 188 -6.13 -14.46 -17.31
C GLY A 188 -5.18 -15.53 -17.80
N LEU A 189 -3.97 -15.11 -18.10
CA LEU A 189 -2.88 -16.02 -18.45
C LEU A 189 -1.67 -15.64 -17.62
N TRP A 190 -1.10 -16.62 -16.93
CA TRP A 190 0.10 -16.42 -16.13
C TRP A 190 1.13 -17.47 -16.49
N VAL A 191 2.39 -17.14 -16.27
CA VAL A 191 3.46 -18.11 -16.43
C VAL A 191 3.45 -19.01 -15.20
N TYR A 192 3.12 -20.28 -15.41
CA TYR A 192 3.17 -21.26 -14.33
C TYR A 192 4.57 -21.78 -14.14
N GLN A 193 5.13 -22.37 -15.19
CA GLN A 193 6.49 -22.84 -15.20
C GLN A 193 7.23 -22.12 -16.32
N PRO A 194 8.40 -21.53 -16.03
CA PRO A 194 9.04 -20.64 -16.99
C PRO A 194 9.49 -21.35 -18.26
N LEU A 195 9.59 -20.57 -19.32
CA LEU A 195 9.97 -21.11 -20.61
C LEU A 195 11.46 -21.37 -20.62
N ILE A 196 11.86 -22.57 -21.01
CA ILE A 196 13.28 -22.89 -21.15
C ILE A 196 13.50 -23.46 -22.55
N ASN A 197 14.71 -23.27 -23.04
CA ASN A 197 15.23 -23.85 -24.25
C ASN A 197 16.39 -24.75 -23.88
N PRO A 198 16.40 -26.02 -24.30
CA PRO A 198 17.57 -26.86 -24.06
C PRO A 198 18.80 -26.40 -24.82
N PHE A 199 18.61 -25.82 -26.01
CA PHE A 199 19.70 -25.23 -26.78
C PHE A 199 20.23 -24.04 -26.02
N SER A 200 21.45 -24.16 -25.49
CA SER A 200 21.97 -23.09 -24.64
C SER A 200 22.38 -21.88 -25.46
N THR A 201 21.43 -20.97 -25.66
CA THR A 201 21.67 -19.71 -26.35
C THR A 201 21.63 -18.59 -25.33
N SER A 202 22.54 -17.64 -25.46
CA SER A 202 22.48 -16.45 -24.62
C SER A 202 21.32 -15.54 -25.01
N ALA A 203 20.85 -15.63 -26.25
CA ALA A 203 19.73 -14.83 -26.71
C ALA A 203 18.41 -15.33 -26.13
N VAL A 204 17.40 -14.48 -26.19
CA VAL A 204 16.10 -14.76 -25.59
C VAL A 204 15.27 -15.57 -26.59
N SER A 205 14.82 -16.75 -26.17
CA SER A 205 13.92 -17.54 -26.99
C SER A 205 12.48 -17.17 -26.63
N THR A 206 11.72 -16.78 -27.64
CA THR A 206 10.42 -16.15 -27.45
C THR A 206 9.34 -17.04 -28.05
N CYS A 207 8.24 -17.18 -27.32
CA CYS A 207 7.08 -17.93 -27.74
C CYS A 207 5.89 -16.98 -27.80
N TRP A 208 4.90 -17.30 -28.64
CA TRP A 208 3.80 -16.39 -28.89
C TRP A 208 2.47 -17.04 -28.53
N VAL A 209 1.69 -16.37 -27.70
CA VAL A 209 0.42 -16.88 -27.21
C VAL A 209 -0.68 -16.03 -27.84
N SER A 210 -1.35 -16.56 -28.85
CA SER A 210 -2.39 -15.84 -29.56
C SER A 210 -3.76 -16.28 -29.07
N ILE A 211 -4.66 -15.31 -28.92
CA ILE A 211 -6.00 -15.54 -28.39
C ILE A 211 -7.01 -15.09 -29.43
N GLU A 212 -7.91 -16.00 -29.80
CA GLU A 212 -9.06 -15.79 -30.67
C GLU A 212 -10.35 -15.96 -29.90
N THR A 213 -11.43 -15.42 -30.47
CA THR A 213 -12.66 -15.18 -29.74
C THR A 213 -13.88 -15.33 -30.63
N LYS A 214 -14.85 -16.16 -30.22
CA LYS A 214 -16.21 -16.26 -30.74
C LYS A 214 -17.20 -15.58 -29.82
N PRO A 215 -18.41 -15.32 -30.31
CA PRO A 215 -19.58 -15.26 -29.41
C PRO A 215 -20.06 -16.67 -29.15
N GLY A 216 -20.04 -17.08 -27.89
CA GLY A 216 -20.23 -18.48 -27.63
C GLY A 216 -21.62 -18.92 -27.19
N GLY A 217 -22.45 -19.38 -28.11
CA GLY A 217 -23.58 -20.18 -27.70
C GLY A 217 -24.78 -19.38 -27.28
N ASP A 218 -24.86 -19.14 -25.97
CA ASP A 218 -25.93 -18.38 -25.34
C ASP A 218 -25.76 -16.87 -25.44
N PHE A 219 -24.80 -16.36 -26.20
CA PHE A 219 -24.67 -14.92 -26.34
C PHE A 219 -25.78 -14.36 -27.20
N ASP A 220 -26.37 -13.24 -26.76
CA ASP A 220 -27.32 -12.52 -27.59
C ASP A 220 -27.35 -11.05 -27.19
N PHE A 221 -27.99 -10.25 -28.02
CA PHE A 221 -28.30 -8.85 -27.76
C PHE A 221 -29.77 -8.69 -27.40
N CYS A 222 -30.12 -7.56 -26.78
CA CYS A 222 -31.40 -7.44 -26.11
C CYS A 222 -32.36 -6.45 -26.74
N LEU A 223 -31.99 -5.17 -26.84
CA LEU A 223 -32.96 -4.09 -26.93
C LEU A 223 -32.58 -3.12 -28.02
N LEU A 224 -33.35 -3.08 -29.11
CA LEU A 224 -33.08 -2.16 -30.20
C LEU A 224 -33.16 -0.69 -29.82
N LYS A 225 -32.04 -0.04 -29.81
CA LYS A 225 -31.96 1.39 -29.96
C LYS A 225 -31.63 1.70 -31.41
N PRO A 226 -31.85 2.94 -31.89
CA PRO A 226 -31.37 3.29 -33.21
C PRO A 226 -29.86 3.33 -33.25
N PRO A 227 -29.25 3.10 -34.41
CA PRO A 227 -27.78 2.95 -34.48
C PRO A 227 -27.06 4.26 -34.19
N GLY A 228 -26.10 4.20 -33.28
CA GLY A 228 -25.39 5.38 -32.86
C GLY A 228 -26.15 6.28 -31.92
N GLN A 229 -27.24 5.79 -31.33
CA GLN A 229 -27.95 6.55 -30.31
C GLN A 229 -27.10 6.62 -29.05
N ARG A 230 -26.93 7.83 -28.53
CA ARG A 230 -26.21 8.02 -27.28
C ARG A 230 -27.06 7.55 -26.13
N MET A 231 -26.53 6.67 -25.31
CA MET A 231 -27.27 6.15 -24.18
C MET A 231 -26.99 7.01 -22.94
N GLU A 232 -27.37 6.49 -21.78
CA GLU A 232 -27.61 7.32 -20.61
C GLU A 232 -26.32 7.87 -20.00
N ASN A 233 -25.35 7.00 -19.73
CA ASN A 233 -24.17 7.44 -18.99
C ASN A 233 -22.95 7.67 -19.88
N GLY A 234 -23.15 7.81 -21.18
CA GLY A 234 -22.07 8.25 -22.02
C GLY A 234 -21.90 7.54 -23.35
N VAL A 235 -20.88 7.94 -24.09
CA VAL A 235 -20.47 7.25 -25.28
C VAL A 235 -19.28 6.36 -24.93
N SER A 236 -18.91 5.48 -25.85
CA SER A 236 -17.75 4.64 -25.63
C SER A 236 -16.48 5.48 -25.76
N PRO A 237 -15.49 5.26 -24.89
CA PRO A 237 -14.25 6.05 -24.94
C PRO A 237 -13.29 5.69 -26.05
N GLU A 238 -13.71 4.87 -27.03
CA GLU A 238 -12.88 4.50 -28.18
C GLU A 238 -12.41 5.72 -28.95
N GLY A 239 -13.25 6.75 -29.03
CA GLY A 239 -12.89 7.96 -29.73
C GLY A 239 -12.11 8.96 -28.92
N LEU A 240 -11.56 8.60 -27.75
CA LEU A 240 -10.75 9.56 -27.03
C LEU A 240 -9.40 9.79 -27.72
N LEU A 241 -8.82 8.74 -28.29
CA LEU A 241 -7.52 8.81 -28.94
C LEU A 241 -7.66 8.45 -30.41
N PRO A 242 -6.80 8.96 -31.29
CA PRO A 242 -6.89 8.63 -32.71
C PRO A 242 -6.43 7.21 -32.98
N ARG A 243 -6.72 6.73 -34.19
CA ARG A 243 -6.27 5.38 -34.56
C ARG A 243 -4.78 5.35 -34.82
N ARG A 244 -4.25 6.36 -35.49
CA ARG A 244 -2.82 6.62 -35.53
C ARG A 244 -2.61 8.08 -35.19
N LEU A 245 -1.42 8.39 -34.68
CA LEU A 245 -1.15 9.70 -34.05
C LEU A 245 -1.28 10.83 -35.06
N GLY A 246 -0.43 10.83 -36.09
CA GLY A 246 -0.52 11.86 -37.10
C GLY A 246 -0.05 13.20 -36.57
N TYR A 247 -0.71 14.26 -37.02
CA TYR A 247 -0.37 15.62 -36.60
C TYR A 247 -1.33 16.08 -35.51
N ALA A 248 -1.28 15.39 -34.39
CA ALA A 248 -2.12 15.69 -33.24
C ALA A 248 -1.57 16.87 -32.47
N ARG A 249 -2.47 17.60 -31.82
CA ARG A 249 -2.13 18.85 -31.14
C ARG A 249 -2.64 18.82 -29.71
N GLY A 250 -1.84 19.39 -28.79
CA GLY A 250 -2.22 19.40 -27.40
C GLY A 250 -3.16 20.53 -27.04
N ASN A 251 -3.65 20.49 -25.80
CA ASN A 251 -4.70 21.41 -25.37
C ASN A 251 -4.18 22.68 -24.70
N ARG A 252 -2.88 22.94 -24.70
CA ARG A 252 -2.42 24.16 -24.06
C ARG A 252 -2.18 25.28 -25.06
N VAL A 253 -1.41 25.00 -26.11
CA VAL A 253 -1.12 25.99 -27.14
C VAL A 253 -1.67 25.49 -28.47
N GLY A 254 -1.69 24.19 -28.65
CA GLY A 254 -1.94 23.62 -29.94
C GLY A 254 -0.69 23.24 -30.70
N GLY A 255 0.44 23.10 -30.00
CA GLY A 255 1.65 22.63 -30.63
C GLY A 255 1.57 21.15 -30.93
N LEU A 256 2.55 20.69 -31.69
CA LEU A 256 2.56 19.30 -32.16
C LEU A 256 2.92 18.37 -31.01
N VAL A 257 2.19 17.26 -30.89
CA VAL A 257 2.47 16.29 -29.83
C VAL A 257 3.67 15.45 -30.23
N VAL A 258 4.71 15.49 -29.40
CA VAL A 258 5.97 14.80 -29.67
C VAL A 258 6.05 13.48 -28.93
N GLY A 259 5.73 13.46 -27.65
CA GLY A 259 5.74 12.21 -26.93
C GLY A 259 5.03 12.26 -25.59
N LEU A 260 5.51 11.46 -24.65
CA LEU A 260 4.96 11.36 -23.31
C LEU A 260 6.01 11.67 -22.26
N VAL A 261 5.53 12.19 -21.13
CA VAL A 261 6.35 12.31 -19.93
C VAL A 261 5.57 11.71 -18.76
N LEU A 262 6.33 11.27 -17.77
CA LEU A 262 5.78 10.82 -16.50
C LEU A 262 6.17 11.82 -15.43
N VAL A 263 5.17 12.50 -14.88
CA VAL A 263 5.34 13.57 -13.90
C VAL A 263 4.59 13.11 -12.66
N ALA A 264 4.97 13.66 -11.50
CA ALA A 264 4.25 13.36 -10.27
C ALA A 264 2.87 14.00 -10.27
N ASP A 265 2.81 15.33 -10.33
CA ASP A 265 1.56 16.07 -10.30
C ASP A 265 1.49 17.05 -11.46
N HIS A 266 0.31 17.61 -11.67
CA HIS A 266 0.11 18.59 -12.73
C HIS A 266 -1.12 19.42 -12.38
N HIS A 267 -1.23 20.60 -13.00
CA HIS A 267 -2.26 21.57 -12.62
C HIS A 267 -3.07 22.08 -13.82
N GLN A 268 -3.06 21.37 -14.95
CA GLN A 268 -3.54 21.94 -16.20
C GLN A 268 -5.05 21.96 -16.19
N VAL A 269 -5.63 23.14 -16.39
CA VAL A 269 -7.06 23.36 -16.16
C VAL A 269 -7.70 23.94 -17.42
N ASN A 270 -6.93 24.69 -18.22
CA ASN A 270 -7.39 25.09 -19.55
C ASN A 270 -7.61 23.92 -20.48
N ARG A 271 -8.78 23.91 -21.12
CA ARG A 271 -9.16 22.96 -22.18
C ARG A 271 -9.06 21.52 -21.71
N HIS A 272 -9.20 21.30 -20.42
CA HIS A 272 -9.23 19.99 -19.84
C HIS A 272 -10.65 19.71 -19.42
N PHE A 273 -11.21 18.62 -19.92
CA PHE A 273 -12.61 18.31 -19.72
C PHE A 273 -12.71 16.91 -19.12
N ASN A 274 -13.70 16.73 -18.26
CA ASN A 274 -13.91 15.44 -17.60
C ASN A 274 -14.67 14.51 -18.52
N ALA A 275 -14.89 13.28 -18.05
CA ALA A 275 -15.84 12.39 -18.69
C ALA A 275 -17.27 12.88 -18.54
N ASN A 276 -17.55 13.70 -17.53
CA ASN A 276 -18.83 14.35 -17.34
C ASN A 276 -18.96 15.63 -18.15
N SER A 277 -18.03 15.87 -19.08
CA SER A 277 -18.01 17.01 -20.01
C SER A 277 -17.94 18.34 -19.28
N ILE A 278 -17.19 18.36 -18.18
CA ILE A 278 -17.05 19.54 -17.32
C ILE A 278 -15.60 19.95 -17.31
N THR A 279 -15.35 21.24 -17.47
CA THR A 279 -14.03 21.82 -17.28
C THR A 279 -14.01 22.67 -16.02
N TYR A 280 -12.81 23.05 -15.62
CA TYR A 280 -12.59 23.96 -14.52
C TYR A 280 -11.98 25.28 -14.96
N GLY A 281 -11.67 25.42 -16.24
CA GLY A 281 -10.97 26.56 -16.78
C GLY A 281 -11.88 27.53 -17.48
N TRP A 282 -11.33 28.17 -18.52
CA TRP A 282 -12.02 29.27 -19.17
C TRP A 282 -11.93 29.21 -20.69
N SER A 283 -11.46 28.10 -21.26
CA SER A 283 -11.23 28.02 -22.69
C SER A 283 -12.02 26.87 -23.30
N THR A 284 -12.15 26.91 -24.62
CA THR A 284 -12.91 25.93 -25.38
C THR A 284 -11.92 24.99 -26.07
N ALA A 285 -12.33 23.74 -26.27
CA ALA A 285 -11.37 22.69 -26.61
C ALA A 285 -10.68 22.81 -27.97
N PRO A 286 -11.30 23.24 -29.08
CA PRO A 286 -10.48 23.59 -30.24
C PRO A 286 -9.76 24.89 -29.97
N VAL A 287 -8.43 24.86 -30.08
CA VAL A 287 -7.62 26.03 -29.77
C VAL A 287 -7.79 27.05 -30.89
N ASN A 288 -8.07 28.28 -30.53
CA ASN A 288 -8.22 29.39 -31.44
C ASN A 288 -7.27 30.49 -30.98
N PRO A 289 -6.93 31.44 -31.85
CA PRO A 289 -6.23 32.63 -31.37
C PRO A 289 -7.09 33.45 -30.45
N MET A 290 -6.44 34.09 -29.47
CA MET A 290 -7.16 34.82 -28.43
C MET A 290 -7.68 36.13 -28.98
N ALA A 291 -9.00 36.28 -28.99
CA ALA A 291 -9.63 37.56 -29.20
C ALA A 291 -9.89 38.21 -27.86
N ALA A 292 -9.55 39.49 -27.75
CA ALA A 292 -9.66 40.20 -26.49
C ALA A 292 -9.82 41.67 -26.77
N GLU A 293 -10.23 42.40 -25.73
CA GLU A 293 -10.36 43.84 -25.81
C GLU A 293 -9.10 44.51 -25.27
N ILE A 294 -8.98 45.79 -25.57
CA ILE A 294 -7.95 46.64 -25.01
C ILE A 294 -8.61 47.49 -23.94
N VAL A 295 -8.08 47.44 -22.73
CA VAL A 295 -8.64 48.24 -21.64
C VAL A 295 -7.80 49.49 -21.46
N VAL A 296 -6.52 49.34 -21.13
CA VAL A 296 -5.61 50.45 -20.92
C VAL A 296 -4.33 50.19 -21.70
N LYS A 297 -3.94 51.14 -22.54
CA LYS A 297 -2.67 51.12 -23.24
C LYS A 297 -1.59 51.77 -22.39
N HIS A 298 -0.40 51.17 -22.39
CA HIS A 298 0.74 51.70 -21.65
C HIS A 298 1.93 51.89 -22.59
N ASP A 299 2.63 53.00 -22.41
CA ASP A 299 3.81 53.30 -23.22
C ASP A 299 5.06 52.69 -22.59
N TYR A 300 6.12 52.62 -23.39
CA TYR A 300 7.34 52.00 -22.91
C TYR A 300 8.06 52.92 -21.94
N THR A 301 8.94 52.32 -21.14
CA THR A 301 9.63 53.00 -20.05
C THR A 301 11.10 52.60 -20.15
N ASN A 302 11.97 53.32 -19.43
CA ASN A 302 13.37 52.93 -19.34
C ASN A 302 13.54 51.59 -18.65
N ASN A 303 12.60 51.22 -17.78
CA ASN A 303 12.61 49.95 -17.07
C ASN A 303 11.91 48.83 -17.82
N ARG A 304 10.70 49.07 -18.35
CA ARG A 304 9.84 48.00 -18.85
C ARG A 304 9.16 48.43 -20.13
N ASN A 305 8.85 47.44 -20.98
CA ASN A 305 8.38 47.69 -22.33
C ASN A 305 6.95 48.21 -22.34
N ALA A 306 6.48 48.55 -23.54
CA ALA A 306 5.09 48.93 -23.72
C ALA A 306 4.21 47.71 -23.61
N TRP A 307 3.09 47.85 -22.89
CA TRP A 307 2.21 46.72 -22.67
C TRP A 307 0.77 47.20 -22.70
N LEU A 308 -0.14 46.27 -22.46
CA LEU A 308 -1.53 46.46 -22.83
C LEU A 308 -2.36 45.58 -21.91
N SER A 309 -3.41 46.15 -21.34
CA SER A 309 -4.26 45.39 -20.44
C SER A 309 -5.47 44.84 -21.20
N ILE A 310 -5.91 43.67 -20.77
CA ILE A 310 -6.83 42.82 -21.50
C ILE A 310 -8.03 42.50 -20.64
N GLY A 311 -9.23 42.57 -21.22
CA GLY A 311 -10.37 41.95 -20.61
C GLY A 311 -11.63 42.02 -21.44
N ALA A 312 -12.31 40.90 -21.60
CA ALA A 312 -13.58 40.90 -22.30
C ALA A 312 -14.67 41.54 -21.44
N LYS A 313 -15.66 42.14 -22.10
CA LYS A 313 -16.78 42.76 -21.40
C LYS A 313 -17.81 41.69 -21.02
N ASN A 314 -17.40 40.82 -20.09
CA ASN A 314 -18.18 39.67 -19.61
C ASN A 314 -18.63 38.78 -20.76
N LYS A 315 -17.73 38.57 -21.72
CA LYS A 315 -18.04 37.78 -22.91
C LYS A 315 -17.21 36.51 -22.98
N GLY A 316 -16.60 36.10 -21.88
CA GLY A 316 -15.97 34.81 -21.79
C GLY A 316 -17.00 33.71 -21.81
N PRO A 317 -16.70 32.60 -22.47
CA PRO A 317 -17.68 31.51 -22.57
C PRO A 317 -17.86 30.75 -21.29
N LEU A 318 -16.85 30.70 -20.44
CA LEU A 318 -16.88 29.93 -19.21
C LEU A 318 -16.74 30.80 -17.98
N PHE A 319 -15.72 31.64 -17.93
CA PHE A 319 -15.58 32.65 -16.89
C PHE A 319 -15.72 34.02 -17.51
N PRO A 320 -16.84 34.73 -17.30
CA PRO A 320 -17.01 36.05 -17.92
C PRO A 320 -16.07 37.06 -17.30
N GLY A 321 -15.02 37.43 -18.02
CA GLY A 321 -13.96 38.22 -17.45
C GLY A 321 -12.63 37.64 -17.85
N LEU A 322 -12.59 36.33 -18.01
CA LEU A 322 -11.45 35.66 -18.62
C LEU A 322 -11.76 35.40 -20.08
N PRO A 323 -10.99 35.96 -21.02
CA PRO A 323 -11.27 35.73 -22.43
C PRO A 323 -10.99 34.31 -22.84
N ASN A 324 -11.73 33.86 -23.85
CA ASN A 324 -11.52 32.55 -24.46
C ASN A 324 -10.09 32.48 -25.00
N HIS A 325 -9.41 31.40 -24.63
CA HIS A 325 -8.05 31.06 -25.06
C HIS A 325 -7.04 32.06 -24.52
N PHE A 326 -7.15 32.41 -23.25
CA PHE A 326 -5.96 33.02 -22.65
C PHE A 326 -5.05 31.89 -22.17
N PRO A 327 -3.74 32.02 -22.36
CA PRO A 327 -2.83 30.91 -22.01
C PRO A 327 -2.63 30.80 -20.51
N ASP A 328 -2.59 29.56 -20.03
CA ASP A 328 -2.07 29.27 -18.70
C ASP A 328 -0.57 29.08 -18.69
N SER A 329 0.05 29.16 -19.87
CA SER A 329 1.51 29.16 -20.01
C SER A 329 2.04 30.56 -20.21
N CYS A 330 1.31 31.56 -19.71
CA CYS A 330 1.70 32.94 -19.80
C CYS A 330 2.83 33.24 -18.81
N ALA A 331 3.34 34.47 -18.87
CA ALA A 331 4.37 34.91 -17.96
C ALA A 331 3.75 35.23 -16.61
N SER A 332 4.38 34.74 -15.54
CA SER A 332 3.90 34.95 -14.19
C SER A 332 5.09 34.84 -13.23
N THR A 333 4.80 35.08 -11.95
CA THR A 333 5.82 34.93 -10.91
C THR A 333 6.19 33.47 -10.72
N LEU A 334 5.23 32.57 -10.94
CA LEU A 334 5.46 31.14 -10.77
C LEU A 334 6.35 30.57 -11.87
N VAL A 335 6.40 31.20 -13.03
CA VAL A 335 7.10 30.67 -14.19
C VAL A 335 8.52 31.23 -14.28
N GLY A 336 8.66 32.54 -14.26
CA GLY A 336 9.98 33.15 -14.28
C GLY A 336 9.93 34.65 -14.04
N ALA A 337 10.77 35.14 -13.14
CA ALA A 337 10.74 36.55 -12.77
C ALA A 337 11.40 37.40 -13.85
N MET A 338 11.14 38.72 -13.78
CA MET A 338 11.59 39.64 -14.81
C MET A 338 13.08 39.91 -14.69
N ASP A 339 13.69 40.23 -15.83
CA ASP A 339 15.13 40.48 -15.90
C ASP A 339 15.39 41.83 -16.52
N THR A 340 16.50 42.46 -16.13
CA THR A 340 16.88 43.76 -16.66
C THR A 340 17.77 43.59 -17.90
N GLY A 341 17.27 42.78 -18.82
CA GLY A 341 17.82 42.57 -20.14
C GLY A 341 16.85 43.14 -21.14
N ARG A 342 15.95 42.27 -21.63
CA ARG A 342 14.91 42.61 -22.60
C ARG A 342 13.83 43.56 -22.07
N HIS A 343 13.90 43.93 -20.78
CA HIS A 343 12.99 44.88 -20.14
C HIS A 343 11.55 44.37 -20.14
N MET A 344 11.41 43.07 -19.93
CA MET A 344 10.13 42.38 -20.06
C MET A 344 10.19 41.12 -19.19
N PRO A 345 9.06 40.42 -18.99
CA PRO A 345 9.16 39.12 -18.31
C PRO A 345 10.02 38.13 -19.08
N ALA A 346 10.71 37.27 -18.32
CA ALA A 346 11.73 36.41 -18.91
C ALA A 346 11.09 35.25 -19.67
N THR A 347 10.26 34.47 -19.00
CA THR A 347 9.74 33.24 -19.55
C THR A 347 8.25 33.41 -19.81
N GLY A 348 7.82 33.03 -21.01
CA GLY A 348 6.42 33.16 -21.36
C GLY A 348 6.18 32.68 -22.78
N VAL A 349 4.94 32.85 -23.22
CA VAL A 349 4.52 32.46 -24.56
C VAL A 349 4.19 33.72 -25.35
N CYS A 350 4.77 33.81 -26.55
CA CYS A 350 4.73 34.99 -27.40
C CYS A 350 4.09 34.66 -28.73
N GLY A 351 3.59 35.71 -29.39
CA GLY A 351 3.04 35.65 -30.72
C GLY A 351 2.74 37.05 -31.21
N PRO A 352 2.43 37.18 -32.49
CA PRO A 352 2.08 38.50 -33.04
C PRO A 352 0.67 38.93 -32.67
N ALA A 353 0.49 40.25 -32.61
CA ALA A 353 -0.75 40.85 -32.13
C ALA A 353 -1.39 41.65 -33.25
N ILE A 354 -2.65 41.34 -33.55
CA ILE A 354 -3.39 42.00 -34.63
C ILE A 354 -4.50 42.82 -34.00
N GLY A 355 -4.42 44.13 -34.11
CA GLY A 355 -5.49 44.97 -33.63
C GLY A 355 -6.62 45.10 -34.64
N PHE A 356 -7.83 45.22 -34.12
CA PHE A 356 -9.00 45.31 -34.98
C PHE A 356 -10.13 45.99 -34.22
N GLN A 357 -11.05 46.59 -34.96
CA GLN A 357 -12.13 47.37 -34.37
C GLN A 357 -13.31 46.46 -34.06
N ASP A 358 -14.45 47.05 -33.73
CA ASP A 358 -15.63 46.26 -33.41
C ASP A 358 -16.28 45.67 -34.65
N ASN A 359 -16.23 46.38 -35.78
CA ASN A 359 -16.76 45.85 -37.04
C ASN A 359 -15.76 44.95 -37.77
N GLY A 360 -14.60 44.68 -37.20
CA GLY A 360 -13.60 43.85 -37.83
C GLY A 360 -12.58 44.60 -38.64
N ASP A 361 -12.50 45.91 -38.50
CA ASP A 361 -11.57 46.76 -39.24
C ASP A 361 -10.17 46.52 -38.67
N VAL A 362 -9.42 45.64 -39.33
CA VAL A 362 -8.08 45.28 -38.88
C VAL A 362 -7.11 46.41 -39.15
N PHE A 363 -6.35 46.79 -38.12
CA PHE A 363 -5.20 47.66 -38.29
C PHE A 363 -4.09 46.87 -38.96
N GLU A 364 -3.87 47.12 -40.25
CA GLU A 364 -3.02 46.26 -41.08
C GLU A 364 -1.56 46.68 -41.13
N ASN A 365 -1.19 47.79 -40.50
CA ASN A 365 0.16 48.33 -40.70
C ASN A 365 1.21 47.54 -39.92
N GLU A 366 1.10 47.49 -38.60
CA GLU A 366 2.05 46.77 -37.77
C GLU A 366 1.38 45.60 -37.09
N THR A 367 2.19 44.61 -36.71
CA THR A 367 1.73 43.41 -36.02
C THR A 367 2.81 43.04 -35.02
N PRO A 368 2.86 43.72 -33.86
CA PRO A 368 4.02 43.59 -32.99
C PRO A 368 4.07 42.26 -32.26
N ALA A 369 5.29 41.77 -32.07
CA ALA A 369 5.51 40.57 -31.27
C ALA A 369 5.20 40.87 -29.81
N VAL A 370 4.62 39.89 -29.13
CA VAL A 370 3.82 40.13 -27.93
C VAL A 370 3.91 38.92 -27.02
N MET A 371 4.15 39.16 -25.73
CA MET A 371 4.18 38.13 -24.71
C MET A 371 2.92 38.19 -23.86
N PHE A 372 2.34 37.01 -23.61
CA PHE A 372 1.22 36.90 -22.68
C PHE A 372 1.72 36.97 -21.25
N ALA A 373 1.10 37.80 -20.43
CA ALA A 373 1.57 37.95 -19.07
C ALA A 373 0.41 38.31 -18.15
N THR A 374 0.56 37.96 -16.87
CA THR A 374 -0.33 38.43 -15.82
C THR A 374 0.47 39.33 -14.90
N PHE A 375 -0.08 40.51 -14.60
CA PHE A 375 0.59 41.56 -13.87
C PHE A 375 -0.20 41.90 -12.62
N ASN A 376 0.45 42.55 -11.67
CA ASN A 376 -0.23 42.99 -10.47
C ASN A 376 -0.90 44.33 -10.74
N PRO A 377 -2.24 44.44 -10.65
CA PRO A 377 -2.89 45.71 -10.98
C PRO A 377 -2.68 46.80 -9.93
N LEU A 378 -2.25 46.42 -8.73
CA LEU A 378 -2.14 47.33 -7.60
C LEU A 378 -0.83 48.10 -7.59
N THR A 379 0.05 47.86 -8.56
CA THR A 379 1.43 48.31 -8.43
C THR A 379 1.56 49.80 -8.72
N GLY A 380 1.15 50.24 -9.91
CA GLY A 380 1.23 51.65 -10.25
C GLY A 380 1.00 51.95 -11.73
N ASN A 385 5.23 52.96 -9.15
CA ASN A 385 5.99 51.73 -8.97
C ASN A 385 5.99 50.92 -10.26
N PRO A 386 7.11 50.27 -10.57
CA PRO A 386 7.19 49.48 -11.81
C PRO A 386 6.35 48.21 -11.71
N ILE A 387 5.44 48.04 -12.67
CA ILE A 387 4.42 47.00 -12.58
C ILE A 387 5.05 45.65 -12.89
N ALA A 388 4.96 44.74 -11.92
CA ALA A 388 5.65 43.46 -11.95
C ALA A 388 4.64 42.32 -12.06
N LEU A 389 5.16 41.10 -12.05
CA LEU A 389 4.39 39.91 -12.29
C LEU A 389 3.52 39.54 -11.09
N TYR A 390 2.43 38.84 -11.37
CA TYR A 390 1.48 38.41 -10.37
C TYR A 390 1.55 36.88 -10.28
N ASP A 391 1.09 36.34 -9.15
CA ASP A 391 1.18 34.90 -8.93
C ASP A 391 0.19 34.12 -9.79
N SER A 392 -0.97 34.68 -10.09
CA SER A 392 -2.05 33.91 -10.66
C SER A 392 -2.75 34.73 -11.73
N ILE A 393 -3.90 34.23 -12.17
CA ILE A 393 -4.70 34.85 -13.22
C ILE A 393 -5.98 35.36 -12.60
N ASN A 394 -6.16 36.64 -12.66
CA ASN A 394 -7.23 37.52 -12.26
C ASN A 394 -7.76 38.19 -13.51
N PRO A 395 -9.08 38.31 -13.70
CA PRO A 395 -9.59 39.01 -14.90
C PRO A 395 -9.21 40.48 -15.02
N ALA A 396 -8.74 41.12 -13.95
CA ALA A 396 -8.22 42.47 -14.04
C ALA A 396 -6.70 42.50 -14.15
N SER A 397 -6.06 41.35 -14.33
CA SER A 397 -4.61 41.25 -14.32
C SER A 397 -4.02 40.88 -15.67
N LEU A 398 -4.84 40.72 -16.70
CA LEU A 398 -4.37 40.14 -17.95
C LEU A 398 -3.70 41.19 -18.81
N ALA A 399 -2.60 40.82 -19.45
CA ALA A 399 -1.80 41.79 -20.16
C ALA A 399 -0.99 41.13 -21.26
N VAL A 400 -0.56 41.95 -22.21
CA VAL A 400 0.36 41.56 -23.27
C VAL A 400 1.42 42.64 -23.40
N MET A 401 2.69 42.23 -23.47
CA MET A 401 3.80 43.18 -23.49
C MET A 401 4.63 43.01 -24.76
N CYS A 402 5.12 44.12 -25.31
CA CYS A 402 6.01 44.11 -26.46
C CYS A 402 7.28 43.30 -26.17
N THR A 403 7.78 42.64 -27.20
CA THR A 403 9.07 41.97 -27.11
C THR A 403 10.20 42.92 -27.50
N LYS A 404 9.94 43.80 -28.45
CA LYS A 404 10.94 44.77 -28.90
C LYS A 404 11.17 45.81 -27.82
N SER A 405 12.44 46.08 -27.52
CA SER A 405 12.84 46.64 -26.24
C SER A 405 12.54 48.13 -26.11
N ASN A 406 12.43 48.85 -27.22
CA ASN A 406 12.22 50.30 -27.15
C ASN A 406 11.15 50.77 -28.12
N SER A 407 10.32 49.88 -28.65
CA SER A 407 9.26 50.28 -29.55
C SER A 407 8.03 50.66 -28.74
N ASN A 408 6.93 50.93 -29.43
CA ASN A 408 5.74 51.45 -28.78
C ASN A 408 4.55 51.05 -29.64
N PHE A 409 3.43 50.75 -28.96
CA PHE A 409 2.18 50.48 -29.66
C PHE A 409 1.72 51.69 -30.43
N ASP A 410 1.02 51.44 -31.54
CA ASP A 410 0.59 52.53 -32.41
C ASP A 410 -0.59 53.28 -31.80
N SER A 411 -0.71 54.54 -32.19
CA SER A 411 -1.60 55.48 -31.49
C SER A 411 -3.07 55.22 -31.78
N SER A 412 -3.40 54.83 -33.01
CA SER A 412 -4.80 54.68 -33.40
C SER A 412 -5.27 53.23 -33.45
N GLY A 413 -4.40 52.30 -33.87
CA GLY A 413 -4.83 50.92 -34.00
C GLY A 413 -4.94 50.21 -32.67
N PHE A 414 -4.16 50.63 -31.68
CA PHE A 414 -4.14 50.02 -30.36
C PHE A 414 -4.70 50.98 -29.31
N ALA A 415 -5.75 51.71 -29.67
CA ALA A 415 -6.40 52.61 -28.74
C ALA A 415 -7.24 51.82 -27.74
N ASN A 416 -7.75 52.53 -26.73
CA ASN A 416 -8.47 51.90 -25.63
C ASN A 416 -9.87 51.42 -26.03
N ASP A 417 -10.34 51.77 -27.23
CA ASP A 417 -11.63 51.30 -27.73
C ASP A 417 -11.46 50.30 -28.88
N LYS A 418 -10.32 49.62 -28.91
CA LYS A 418 -10.00 48.65 -29.94
C LYS A 418 -9.95 47.25 -29.35
N ASN A 419 -9.59 46.31 -30.21
CA ASN A 419 -9.49 44.91 -29.86
C ASN A 419 -8.16 44.38 -30.38
N VAL A 420 -7.77 43.22 -29.88
CA VAL A 420 -6.55 42.56 -30.33
C VAL A 420 -6.80 41.06 -30.38
N VAL A 421 -6.20 40.40 -31.36
CA VAL A 421 -6.19 38.94 -31.45
C VAL A 421 -4.73 38.51 -31.54
N VAL A 422 -4.32 37.62 -30.65
CA VAL A 422 -2.93 37.22 -30.52
C VAL A 422 -2.90 35.70 -30.59
N GLN A 423 -1.91 35.15 -31.30
CA GLN A 423 -1.68 33.72 -31.30
C GLN A 423 -0.59 33.34 -30.31
N MET A 424 -0.54 32.06 -30.00
CA MET A 424 0.53 31.49 -29.19
C MET A 424 1.45 30.80 -30.18
N SER A 425 2.53 31.47 -30.55
CA SER A 425 3.40 30.97 -31.60
C SER A 425 4.72 30.41 -31.10
N TRP A 426 5.40 31.09 -30.19
CA TRP A 426 6.65 30.56 -29.68
C TRP A 426 6.75 30.80 -28.18
N GLU A 427 7.86 30.35 -27.61
CA GLU A 427 8.11 30.43 -26.18
C GLU A 427 9.48 31.08 -25.96
N MET A 428 9.56 31.95 -24.95
CA MET A 428 10.82 32.56 -24.57
C MET A 428 11.17 32.19 -23.14
N TYR A 429 12.45 31.91 -22.91
CA TYR A 429 12.93 31.45 -21.60
C TYR A 429 13.60 32.59 -20.83
N THR A 430 14.70 33.12 -21.40
CA THR A 430 15.64 34.06 -20.76
C THR A 430 16.16 33.53 -19.41
N ASN A 431 16.20 32.21 -19.26
CA ASN A 431 16.68 31.49 -18.09
C ASN A 431 16.90 30.03 -18.51
N SER A 432 17.09 29.15 -17.53
CA SER A 432 17.11 27.72 -17.76
C SER A 432 15.83 27.05 -17.25
N GLN A 433 14.70 27.76 -17.31
CA GLN A 433 13.45 27.29 -16.75
C GLN A 433 12.36 27.41 -17.80
N GLN A 434 11.80 26.29 -18.21
CA GLN A 434 10.74 26.26 -19.21
C GLN A 434 9.39 26.24 -18.51
N ILE A 435 8.33 26.11 -19.29
CA ILE A 435 6.97 26.14 -18.75
C ILE A 435 6.40 24.75 -18.97
N GLN A 436 7.25 23.73 -18.84
CA GLN A 436 6.93 22.35 -19.21
C GLN A 436 5.69 21.83 -18.49
N GLY A 437 5.79 21.60 -17.19
CA GLY A 437 4.65 21.21 -16.41
C GLY A 437 4.01 22.36 -15.66
N ARG A 438 4.48 23.58 -15.87
CA ARG A 438 4.09 24.72 -15.06
C ARG A 438 2.84 25.36 -15.62
N VAL A 439 1.87 25.63 -14.75
CA VAL A 439 0.58 26.21 -15.11
C VAL A 439 0.36 27.39 -14.19
N THR A 440 0.03 28.54 -14.77
CA THR A 440 -0.35 29.68 -13.95
C THR A 440 -1.78 29.49 -13.46
N PRO A 441 -2.02 29.47 -12.17
CA PRO A 441 -3.38 29.23 -11.66
C PRO A 441 -4.22 30.50 -11.69
N MET A 442 -5.43 30.38 -11.15
CA MET A 442 -6.30 31.52 -10.90
C MET A 442 -6.26 31.86 -9.41
N GLN A 443 -6.94 32.95 -9.05
CA GLN A 443 -7.04 33.31 -7.65
C GLN A 443 -7.98 32.36 -6.91
N GLY A 444 -7.55 31.90 -5.74
CA GLY A 444 -8.35 31.00 -4.94
C GLY A 444 -8.51 29.63 -5.55
N THR A 445 -7.56 29.22 -6.37
CA THR A 445 -7.64 28.01 -7.18
C THR A 445 -6.49 27.09 -6.80
N ASN A 446 -6.82 25.87 -6.40
CA ASN A 446 -5.85 24.83 -6.07
C ASN A 446 -6.38 23.53 -6.67
N PHE A 447 -6.00 23.26 -7.90
CA PHE A 447 -6.33 21.99 -8.53
C PHE A 447 -5.04 21.19 -8.67
N VAL A 448 -5.00 20.05 -7.99
CA VAL A 448 -3.86 19.15 -8.03
C VAL A 448 -4.34 17.82 -8.61
N PHE A 449 -3.50 17.20 -9.42
CA PHE A 449 -3.86 15.97 -10.09
C PHE A 449 -2.72 14.99 -9.91
N THR A 450 -3.00 13.91 -9.21
CA THR A 450 -1.97 13.05 -8.65
C THR A 450 -2.26 11.62 -9.08
N SER A 451 -1.20 10.85 -9.29
CA SER A 451 -1.31 9.43 -9.45
C SER A 451 -1.15 8.72 -8.12
N SER A 452 -1.79 7.57 -7.98
CA SER A 452 -1.93 6.91 -6.69
C SER A 452 -0.76 5.98 -6.38
N GLY A 453 -0.58 4.94 -7.19
CA GLY A 453 0.43 3.93 -6.93
C GLY A 453 0.42 2.84 -7.97
N ALA A 454 1.63 2.43 -8.40
CA ALA A 454 1.86 1.47 -9.48
C ALA A 454 1.23 1.92 -10.80
N ASN A 455 1.11 3.23 -10.98
CA ASN A 455 0.57 3.96 -12.10
C ASN A 455 0.96 5.42 -11.93
N THR A 456 1.37 6.06 -13.01
CA THR A 456 1.97 7.38 -12.95
C THR A 456 1.20 8.32 -13.86
N LEU A 457 1.05 9.57 -13.44
CA LEU A 457 0.40 10.57 -14.27
C LEU A 457 1.25 10.85 -15.49
N ALA A 458 0.64 10.83 -16.66
CA ALA A 458 1.35 10.99 -17.92
C ALA A 458 0.84 12.22 -18.65
N LEU A 459 1.75 12.92 -19.34
CA LEU A 459 1.39 14.12 -20.07
C LEU A 459 1.96 14.02 -21.49
N TRP A 460 1.33 14.75 -22.40
CA TRP A 460 1.81 14.84 -23.77
C TRP A 460 2.82 15.97 -23.87
N GLU A 461 3.79 15.80 -24.75
CA GLU A 461 4.81 16.81 -24.98
C GLU A 461 4.38 17.63 -26.19
N GLU A 462 3.99 18.89 -25.97
CA GLU A 462 3.75 19.73 -27.11
C GLU A 462 5.07 20.20 -27.71
N ARG A 463 4.99 20.72 -28.94
CA ARG A 463 6.14 21.27 -29.63
C ARG A 463 5.84 22.70 -30.00
N LEU A 464 6.53 23.64 -29.36
CA LEU A 464 6.49 25.03 -29.74
C LEU A 464 7.68 25.38 -30.61
N LEU A 465 7.59 26.54 -31.25
CA LEU A 465 8.76 27.23 -31.73
C LEU A 465 9.49 27.82 -30.53
N SER A 466 10.80 27.97 -30.66
CA SER A 466 11.60 28.49 -29.57
C SER A 466 12.40 29.70 -30.03
N TYR A 467 12.75 30.54 -29.06
CA TYR A 467 13.57 31.71 -29.34
C TYR A 467 15.05 31.36 -29.42
N ASP A 468 15.41 30.10 -29.20
CA ASP A 468 16.78 29.62 -29.33
C ASP A 468 16.86 28.37 -30.19
N GLY A 469 18.02 27.74 -30.22
CA GLY A 469 18.23 26.51 -30.95
C GLY A 469 17.87 25.26 -30.19
N HIS A 470 17.27 25.38 -29.01
CA HIS A 470 16.79 24.22 -28.28
C HIS A 470 15.32 23.96 -28.62
N GLN A 471 14.83 22.81 -28.15
CA GLN A 471 13.48 22.38 -28.43
C GLN A 471 12.55 22.87 -27.33
N ALA A 472 11.47 23.56 -27.72
CA ALA A 472 10.51 24.09 -26.76
C ALA A 472 9.36 23.10 -26.59
N ILE A 473 9.21 22.59 -25.37
CA ILE A 473 8.25 21.53 -25.08
C ILE A 473 7.43 21.92 -23.86
N LEU A 474 6.11 21.92 -24.00
CA LEU A 474 5.19 22.07 -22.88
C LEU A 474 4.51 20.73 -22.62
N TYR A 475 4.18 20.47 -21.37
CA TYR A 475 3.55 19.23 -20.96
C TYR A 475 2.06 19.49 -20.79
N SER A 476 1.25 18.90 -21.65
CA SER A 476 -0.18 19.17 -21.68
C SER A 476 -0.95 17.96 -21.17
N SER A 477 -2.14 18.22 -20.61
CA SER A 477 -2.87 17.17 -19.92
C SER A 477 -3.51 16.19 -20.90
N GLN A 478 -4.00 16.68 -22.03
CA GLN A 478 -4.56 15.84 -23.07
C GLN A 478 -4.37 16.55 -24.40
N MET A 479 -4.76 15.89 -25.48
CA MET A 479 -4.67 16.51 -26.79
C MET A 479 -6.02 17.08 -27.19
N GLU A 480 -6.03 17.81 -28.32
CA GLU A 480 -7.18 18.63 -28.68
C GLU A 480 -8.42 17.80 -28.97
N ARG A 481 -8.27 16.69 -29.70
CA ARG A 481 -9.44 15.90 -30.04
C ARG A 481 -9.94 15.11 -28.85
N THR A 482 -9.06 14.78 -27.91
CA THR A 482 -9.48 14.24 -26.62
C THR A 482 -10.29 15.27 -25.84
N SER A 483 -9.87 16.53 -25.89
CA SER A 483 -10.59 17.60 -25.20
C SER A 483 -11.93 17.89 -25.84
N GLU A 484 -11.98 17.87 -27.18
CA GLU A 484 -13.23 18.10 -27.90
C GLU A 484 -14.19 16.94 -27.72
N TYR A 485 -13.66 15.72 -27.64
CA TYR A 485 -14.51 14.55 -27.50
C TYR A 485 -15.05 14.46 -26.08
N PHE A 486 -14.22 14.78 -25.07
CA PHE A 486 -14.74 14.94 -23.72
C PHE A 486 -15.70 16.11 -23.63
N GLN A 487 -15.48 17.17 -24.40
CA GLN A 487 -16.30 18.37 -24.26
C GLN A 487 -17.68 18.17 -24.84
N ASN A 488 -17.77 17.57 -26.02
CA ASN A 488 -19.01 17.53 -26.76
C ASN A 488 -19.94 16.42 -26.31
N ASP A 489 -19.42 15.33 -25.79
CA ASP A 489 -20.23 14.22 -25.31
C ASP A 489 -19.91 13.93 -23.86
N ASN A 490 -20.80 13.19 -23.21
CA ASN A 490 -20.43 12.47 -22.00
C ASN A 490 -19.76 11.17 -22.42
N VAL A 491 -18.66 10.83 -21.76
CA VAL A 491 -17.90 9.64 -22.07
C VAL A 491 -18.09 8.66 -20.92
N ASN A 492 -18.43 7.42 -21.25
CA ASN A 492 -18.71 6.43 -20.23
C ASN A 492 -17.39 5.91 -19.67
N ILE A 493 -16.81 6.71 -18.78
CA ILE A 493 -15.72 6.27 -17.93
C ILE A 493 -16.22 6.44 -16.50
N PRO A 494 -16.54 5.36 -15.79
CA PRO A 494 -17.03 5.49 -14.42
C PRO A 494 -15.93 5.94 -13.48
N PRO A 495 -16.26 6.48 -12.30
CA PRO A 495 -15.22 7.03 -11.42
C PRO A 495 -14.28 6.02 -10.80
N GLY A 496 -14.58 4.72 -10.87
CA GLY A 496 -13.63 3.76 -10.35
C GLY A 496 -12.61 3.25 -11.34
N SER A 497 -12.76 3.53 -12.63
CA SER A 497 -11.94 2.84 -13.62
C SER A 497 -11.32 3.83 -14.62
N MET A 498 -10.68 3.24 -15.63
CA MET A 498 -9.93 3.88 -16.69
C MET A 498 -10.32 3.27 -18.04
N ALA A 499 -10.18 4.07 -19.08
CA ALA A 499 -10.22 3.60 -20.45
C ALA A 499 -8.80 3.34 -20.92
N VAL A 500 -8.50 2.08 -21.21
CA VAL A 500 -7.11 1.65 -21.44
C VAL A 500 -6.90 1.47 -22.94
N PHE A 501 -5.75 1.94 -23.41
CA PHE A 501 -5.34 1.95 -24.80
C PHE A 501 -3.97 1.30 -24.92
N ASN A 502 -3.80 0.47 -25.94
CA ASN A 502 -2.48 0.01 -26.35
C ASN A 502 -1.84 1.06 -27.26
N VAL A 503 -0.54 1.25 -27.08
CA VAL A 503 0.24 2.24 -27.81
C VAL A 503 1.38 1.48 -28.49
N GLU A 504 1.34 1.42 -29.82
CA GLU A 504 2.40 0.83 -30.62
C GLU A 504 3.18 1.94 -31.31
N THR A 505 4.42 2.13 -30.89
CA THR A 505 5.38 2.97 -31.57
C THR A 505 6.28 2.02 -32.39
N ASN A 506 7.39 2.53 -32.92
CA ASN A 506 8.33 1.68 -33.66
C ASN A 506 8.99 0.66 -32.75
N SER A 507 9.37 1.06 -31.54
CA SER A 507 10.04 0.17 -30.60
C SER A 507 9.15 -0.20 -29.42
N ALA A 508 8.65 0.80 -28.70
CA ALA A 508 7.91 0.55 -27.47
C ALA A 508 6.42 0.39 -27.74
N SER A 509 5.84 -0.67 -27.18
CA SER A 509 4.40 -0.84 -27.07
C SER A 509 4.06 -0.89 -25.59
N PHE A 510 3.09 -0.09 -25.18
CA PHE A 510 2.74 -0.02 -23.77
C PHE A 510 1.27 0.33 -23.65
N GLN A 511 0.82 0.62 -22.44
CA GLN A 511 -0.59 0.92 -22.17
C GLN A 511 -0.73 2.30 -21.56
N ILE A 512 -1.81 2.97 -21.91
CA ILE A 512 -2.19 4.27 -21.36
C ILE A 512 -3.61 4.16 -20.84
N GLY A 513 -3.85 4.61 -19.62
CA GLY A 513 -5.19 4.67 -19.07
C GLY A 513 -5.65 6.12 -18.93
N ILE A 514 -6.84 6.40 -19.44
CA ILE A 514 -7.47 7.70 -19.30
C ILE A 514 -8.51 7.60 -18.20
N ARG A 515 -8.43 8.51 -17.23
CA ARG A 515 -9.33 8.53 -16.09
C ARG A 515 -10.66 9.18 -16.46
N GLU A 516 -11.54 9.36 -15.48
CA GLU A 516 -12.68 10.23 -15.73
C GLU A 516 -12.34 11.69 -15.48
N ASP A 517 -11.19 11.97 -14.86
CA ASP A 517 -10.70 13.34 -14.73
C ASP A 517 -10.22 13.88 -16.06
N GLY A 518 -10.01 13.00 -17.04
CA GLY A 518 -9.40 13.37 -18.29
C GLY A 518 -7.90 13.19 -18.31
N TYR A 519 -7.30 12.84 -17.18
CA TYR A 519 -5.86 12.71 -17.10
C TYR A 519 -5.40 11.31 -17.47
N MET A 520 -4.12 11.23 -17.80
CA MET A 520 -3.50 10.02 -18.29
C MET A 520 -2.63 9.39 -17.23
N VAL A 521 -2.43 8.09 -17.39
CA VAL A 521 -1.90 7.19 -16.38
C VAL A 521 -1.22 6.04 -17.10
N THR A 522 0.03 5.77 -16.75
CA THR A 522 0.78 4.63 -17.26
C THR A 522 1.92 4.32 -16.31
N GLY A 523 2.40 3.08 -16.35
CA GLY A 523 3.41 2.64 -15.42
C GLY A 523 4.80 3.15 -15.75
N GLY A 524 5.66 3.16 -14.75
CA GLY A 524 7.03 3.58 -14.90
C GLY A 524 7.44 4.62 -13.88
N THR A 525 8.67 5.06 -14.00
CA THR A 525 9.27 6.00 -13.07
C THR A 525 8.91 7.42 -13.50
N ILE A 526 8.72 8.31 -12.50
CA ILE A 526 8.51 9.73 -12.78
C ILE A 526 9.74 10.29 -13.46
N GLY A 527 9.56 10.83 -14.66
CA GLY A 527 10.64 11.35 -15.47
C GLY A 527 10.90 10.58 -16.74
N THR A 528 10.17 9.50 -16.98
CA THR A 528 10.38 8.67 -18.16
C THR A 528 9.83 9.39 -19.39
N HIS A 529 10.68 9.57 -20.39
CA HIS A 529 10.32 10.22 -21.64
C HIS A 529 10.07 9.16 -22.71
N VAL A 530 9.03 9.36 -23.50
CA VAL A 530 8.76 8.54 -24.67
C VAL A 530 8.73 9.48 -25.86
N VAL A 531 9.27 9.02 -26.99
CA VAL A 531 9.24 9.77 -28.24
C VAL A 531 8.26 9.08 -29.17
N LEU A 532 7.25 9.81 -29.63
CA LEU A 532 6.18 9.25 -30.44
C LEU A 532 6.24 9.84 -31.84
N ASP A 533 6.56 9.01 -32.83
CA ASP A 533 6.45 9.40 -34.22
C ASP A 533 4.97 9.49 -34.59
N PRO A 534 4.63 10.20 -35.69
CA PRO A 534 3.21 10.25 -36.09
C PRO A 534 2.64 8.95 -36.66
N GLU A 535 3.40 7.87 -36.69
CA GLU A 535 2.87 6.54 -36.98
C GLU A 535 2.50 5.78 -35.72
N THR A 536 2.50 6.45 -34.57
CA THR A 536 2.13 5.82 -33.31
C THR A 536 0.64 5.48 -33.31
N ARG A 537 0.32 4.20 -33.10
CA ARG A 537 -1.06 3.75 -33.18
C ARG A 537 -1.61 3.46 -31.79
N PHE A 538 -2.89 3.80 -31.60
CA PHE A 538 -3.60 3.59 -30.36
C PHE A 538 -4.71 2.59 -30.61
N GLN A 539 -4.99 1.76 -29.61
CA GLN A 539 -6.03 0.75 -29.72
C GLN A 539 -6.80 0.71 -28.42
N TYR A 540 -8.11 0.90 -28.47
CA TYR A 540 -8.89 0.86 -27.25
C TYR A 540 -9.04 -0.57 -26.77
N VAL A 541 -8.62 -0.83 -25.53
CA VAL A 541 -8.76 -2.15 -24.93
C VAL A 541 -10.09 -2.22 -24.20
N GLY A 542 -10.26 -1.39 -23.17
CA GLY A 542 -11.47 -1.45 -22.39
C GLY A 542 -11.32 -0.64 -21.12
N LEU A 543 -12.27 -0.85 -20.22
CA LEU A 543 -12.25 -0.20 -18.92
C LEU A 543 -11.63 -1.13 -17.88
N LEU A 544 -10.47 -0.74 -17.36
CA LEU A 544 -9.81 -1.45 -16.28
C LEU A 544 -9.85 -0.54 -15.05
N PRO A 545 -9.98 -1.09 -13.85
CA PRO A 545 -10.03 -0.23 -12.65
C PRO A 545 -8.72 0.49 -12.38
N LEU A 546 -8.82 1.52 -11.53
CA LEU A 546 -7.66 2.36 -11.21
C LEU A 546 -6.56 1.61 -10.48
N THR A 547 -6.89 0.52 -9.80
CA THR A 547 -5.90 -0.27 -9.07
C THR A 547 -5.10 -1.18 -10.00
N ALA A 548 -5.48 -1.27 -11.27
CA ALA A 548 -4.74 -2.09 -12.22
C ALA A 548 -3.39 -1.47 -12.53
N ALA A 549 -2.40 -2.34 -12.72
CA ALA A 549 -1.06 -1.93 -13.11
C ALA A 549 -0.97 -1.94 -14.62
N LEU A 550 -0.74 -0.77 -15.21
CA LEU A 550 -0.64 -0.67 -16.65
C LEU A 550 0.80 -0.93 -17.07
N ALA A 551 0.95 -1.73 -18.12
CA ALA A 551 2.26 -1.97 -18.71
C ALA A 551 2.75 -0.68 -19.32
N GLY A 552 3.68 -0.02 -18.64
CA GLY A 552 4.19 1.25 -19.08
C GLY A 552 5.39 1.09 -19.98
N PRO A 553 6.06 2.19 -20.27
CA PRO A 553 7.31 2.12 -21.04
C PRO A 553 8.42 1.51 -20.21
N ASN A 554 9.44 1.03 -20.93
CA ASN A 554 10.65 0.40 -20.39
C ASN A 554 10.35 -0.81 -19.51
N PRO B 38 -43.80 -7.82 7.13
CA PRO B 38 -44.74 -8.91 6.92
C PRO B 38 -44.63 -9.51 5.52
N GLU B 39 -43.43 -9.48 4.97
CA GLU B 39 -43.12 -10.06 3.68
C GLU B 39 -41.72 -10.66 3.71
N GLN B 40 -41.62 -11.98 3.60
CA GLN B 40 -40.24 -12.45 3.49
C GLN B 40 -39.98 -13.01 2.10
N PRO B 41 -38.76 -12.92 1.61
CA PRO B 41 -38.45 -13.47 0.29
C PRO B 41 -38.48 -14.99 0.29
N ASN B 42 -38.65 -15.55 -0.90
CA ASN B 42 -38.57 -16.99 -1.06
C ASN B 42 -37.11 -17.41 -0.89
N GLY B 43 -36.80 -17.95 0.29
CA GLY B 43 -35.45 -18.32 0.68
C GLY B 43 -34.76 -19.32 -0.23
N PRO B 44 -35.33 -20.52 -0.40
CA PRO B 44 -34.71 -21.48 -1.33
C PRO B 44 -34.85 -21.13 -2.80
N ALA B 45 -35.70 -20.18 -3.18
CA ALA B 45 -35.78 -19.77 -4.57
C ALA B 45 -34.89 -18.58 -4.90
N GLN B 46 -34.50 -17.78 -3.91
CA GLN B 46 -33.35 -16.91 -4.10
C GLN B 46 -32.06 -17.70 -4.21
N ARG B 47 -31.99 -18.86 -3.59
CA ARG B 47 -30.82 -19.72 -3.69
C ARG B 47 -30.73 -20.37 -5.06
N LEU B 48 -31.87 -20.59 -5.73
CA LEU B 48 -31.84 -21.04 -7.12
C LEU B 48 -31.33 -19.97 -8.06
N GLU B 49 -31.52 -18.70 -7.72
CA GLU B 49 -31.02 -17.61 -8.57
C GLU B 49 -29.51 -17.55 -8.56
N MET B 50 -28.91 -17.83 -7.40
CA MET B 50 -27.47 -17.81 -7.24
C MET B 50 -26.81 -18.98 -7.96
N ALA B 51 -27.44 -20.16 -7.92
CA ALA B 51 -26.90 -21.33 -8.60
C ALA B 51 -26.99 -21.22 -10.11
N VAL B 52 -27.88 -20.38 -10.62
CA VAL B 52 -27.95 -20.10 -12.04
C VAL B 52 -26.92 -19.04 -12.44
N ALA B 53 -26.80 -17.99 -11.64
CA ALA B 53 -25.94 -16.87 -11.99
C ALA B 53 -24.47 -17.15 -11.79
N THR B 54 -24.12 -18.11 -10.93
CA THR B 54 -22.74 -18.37 -10.57
C THR B 54 -22.32 -19.81 -10.74
N GLY B 55 -23.26 -20.75 -10.79
CA GLY B 55 -22.91 -22.15 -10.75
C GLY B 55 -22.73 -22.72 -9.36
N ALA B 56 -23.13 -21.98 -8.33
CA ALA B 56 -22.98 -22.40 -6.94
C ALA B 56 -24.19 -23.21 -6.53
N ILE B 57 -24.21 -24.47 -6.94
CA ILE B 57 -25.35 -25.35 -6.68
C ILE B 57 -25.31 -25.92 -5.27
N GLN B 58 -24.11 -26.15 -4.74
CA GLN B 58 -23.91 -26.76 -3.45
C GLN B 58 -23.65 -25.70 -2.37
N SER B 59 -23.59 -26.16 -1.12
CA SER B 59 -23.42 -25.27 0.02
C SER B 59 -21.96 -25.06 0.35
N ASN B 60 -21.65 -23.85 0.81
CA ASN B 60 -20.28 -23.45 1.09
C ASN B 60 -20.07 -23.03 2.53
N VAL B 61 -21.12 -23.02 3.34
CA VAL B 61 -21.04 -22.63 4.75
C VAL B 61 -21.21 -23.88 5.59
N PRO B 62 -20.34 -24.12 6.58
CA PRO B 62 -20.51 -25.29 7.44
C PRO B 62 -21.73 -25.15 8.33
N GLU B 63 -22.35 -26.28 8.64
CA GLU B 63 -23.60 -26.21 9.39
C GLU B 63 -23.41 -26.05 10.89
N ALA B 64 -22.17 -25.97 11.37
CA ALA B 64 -21.95 -25.62 12.76
C ALA B 64 -22.05 -24.12 12.98
N ILE B 65 -21.87 -23.33 11.93
CA ILE B 65 -22.01 -21.89 12.02
C ILE B 65 -23.48 -21.51 11.99
N ARG B 66 -24.30 -22.28 11.27
CA ARG B 66 -25.73 -22.03 11.22
C ARG B 66 -26.45 -22.37 12.51
N ASN B 67 -25.76 -23.01 13.46
CA ASN B 67 -26.35 -23.40 14.72
C ASN B 67 -25.83 -22.59 15.90
N CYS B 68 -24.88 -21.70 15.69
CA CYS B 68 -24.21 -20.99 16.76
C CYS B 68 -24.38 -19.49 16.58
N PHE B 69 -25.12 -18.86 17.48
CA PHE B 69 -25.06 -17.41 17.61
C PHE B 69 -23.70 -17.01 18.12
N ALA B 70 -23.14 -15.96 17.52
CA ALA B 70 -21.87 -15.42 17.94
C ALA B 70 -22.05 -13.93 18.17
N VAL B 71 -21.45 -13.41 19.24
CA VAL B 71 -21.58 -12.01 19.58
C VAL B 71 -20.87 -11.16 18.53
N TYR B 72 -21.63 -10.28 17.88
CA TYR B 72 -21.08 -9.36 16.90
C TYR B 72 -20.64 -8.04 17.52
N ARG B 73 -21.55 -7.32 18.17
CA ARG B 73 -21.25 -5.95 18.53
C ARG B 73 -22.05 -5.55 19.76
N THR B 74 -21.45 -4.69 20.57
CA THR B 74 -22.03 -4.26 21.84
C THR B 74 -22.13 -2.75 21.81
N PHE B 75 -23.31 -2.23 22.13
CA PHE B 75 -23.56 -0.80 22.14
C PHE B 75 -23.77 -0.27 23.54
N ALA B 76 -23.07 0.82 23.87
CA ALA B 76 -23.28 1.53 25.11
C ALA B 76 -24.52 2.40 25.01
N TRP B 77 -25.29 2.44 26.09
CA TRP B 77 -26.53 3.20 26.12
C TRP B 77 -26.63 3.92 27.47
N ASN B 78 -26.60 5.24 27.43
CA ASN B 78 -26.36 6.12 28.56
C ASN B 78 -27.65 6.75 29.08
N ASP B 79 -27.51 7.46 30.20
CA ASP B 79 -28.56 8.36 30.66
C ASP B 79 -28.65 9.60 29.78
N ARG B 80 -27.51 10.03 29.23
CA ARG B 80 -27.38 11.33 28.58
C ARG B 80 -27.73 11.29 27.11
N MET B 81 -28.50 10.30 26.67
CA MET B 81 -28.95 10.27 25.29
C MET B 81 -30.47 10.36 25.25
N PRO B 82 -31.04 11.36 24.59
CA PRO B 82 -32.49 11.56 24.63
C PRO B 82 -33.27 10.55 23.82
N ALA B 83 -34.58 10.70 23.80
CA ALA B 83 -35.43 9.81 23.02
C ALA B 83 -35.26 10.09 21.53
N GLY B 84 -35.05 9.03 20.76
CA GLY B 84 -34.80 9.14 19.35
C GLY B 84 -33.35 9.05 18.94
N THR B 85 -32.44 8.85 19.89
CA THR B 85 -31.01 8.75 19.59
C THR B 85 -30.73 7.45 18.87
N PHE B 86 -30.13 7.55 17.69
CA PHE B 86 -29.75 6.37 16.92
C PHE B 86 -28.55 5.70 17.58
N LEU B 87 -28.70 4.44 17.96
CA LEU B 87 -27.63 3.73 18.66
C LEU B 87 -26.67 3.09 17.68
N GLY B 88 -27.17 2.56 16.58
CA GLY B 88 -26.34 1.96 15.57
C GLY B 88 -27.11 0.93 14.79
N SER B 89 -26.75 0.71 13.53
CA SER B 89 -27.43 -0.24 12.68
C SER B 89 -26.52 -1.40 12.35
N VAL B 90 -27.12 -2.57 12.19
CA VAL B 90 -26.43 -3.76 11.74
C VAL B 90 -26.88 -3.99 10.31
N SER B 91 -26.03 -3.63 9.36
CA SER B 91 -26.33 -3.87 7.96
C SER B 91 -26.01 -5.32 7.59
N LEU B 92 -26.76 -5.85 6.64
CA LEU B 92 -26.61 -7.24 6.26
C LEU B 92 -25.36 -7.42 5.40
N HIS B 93 -24.39 -8.16 5.92
CA HIS B 93 -23.13 -8.41 5.24
C HIS B 93 -22.53 -9.65 5.88
N PRO B 94 -21.59 -10.33 5.21
CA PRO B 94 -20.85 -11.39 5.90
C PRO B 94 -20.02 -10.93 7.08
N ASN B 95 -19.68 -9.64 7.20
CA ASN B 95 -18.81 -9.23 8.28
C ASN B 95 -19.51 -9.08 9.62
N ILE B 96 -20.78 -9.42 9.73
CA ILE B 96 -21.47 -9.28 11.00
C ILE B 96 -21.54 -10.62 11.72
N ASN B 97 -20.70 -11.58 11.30
CA ASN B 97 -20.53 -12.84 12.02
C ASN B 97 -19.03 -13.07 11.91
N PRO B 98 -18.34 -13.36 13.01
CA PRO B 98 -16.88 -13.60 12.92
C PRO B 98 -16.51 -14.87 12.15
N TYR B 99 -17.36 -15.89 12.15
CA TYR B 99 -17.09 -17.07 11.33
C TYR B 99 -17.36 -16.81 9.86
N THR B 100 -18.38 -16.00 9.57
CA THR B 100 -18.73 -15.70 8.18
C THR B 100 -17.84 -14.60 7.60
N SER B 101 -17.39 -13.64 8.42
CA SER B 101 -16.39 -12.68 7.95
C SER B 101 -15.06 -13.34 7.69
N HIS B 102 -14.77 -14.42 8.40
CA HIS B 102 -13.56 -15.19 8.13
C HIS B 102 -13.68 -15.94 6.82
N LEU B 103 -14.80 -16.64 6.60
CA LEU B 103 -15.02 -17.40 5.38
C LEU B 103 -15.09 -16.53 4.13
N SER B 104 -15.48 -15.26 4.27
CA SER B 104 -15.71 -14.41 3.11
C SER B 104 -14.43 -13.93 2.44
N GLY B 105 -13.25 -14.27 2.97
CA GLY B 105 -12.02 -13.89 2.31
C GLY B 105 -11.73 -14.74 1.09
N MET B 106 -12.37 -15.89 1.00
CA MET B 106 -12.23 -16.82 -0.11
C MET B 106 -13.26 -16.63 -1.20
N TRP B 107 -14.23 -15.77 -1.01
CA TRP B 107 -15.41 -15.76 -1.86
C TRP B 107 -15.64 -14.37 -2.42
N ALA B 108 -16.05 -14.31 -3.68
CA ALA B 108 -16.33 -13.06 -4.35
C ALA B 108 -17.81 -12.71 -4.37
N GLY B 109 -18.66 -13.57 -3.83
CA GLY B 109 -20.08 -13.27 -3.81
C GLY B 109 -20.78 -13.96 -2.66
N TRP B 110 -21.98 -13.49 -2.35
CA TRP B 110 -22.75 -14.04 -1.26
C TRP B 110 -24.22 -13.70 -1.47
N GLY B 111 -25.05 -14.17 -0.56
CA GLY B 111 -26.46 -13.89 -0.59
C GLY B 111 -27.19 -14.75 0.40
N GLY B 112 -28.21 -14.19 1.04
CA GLY B 112 -29.00 -14.91 2.01
C GLY B 112 -29.19 -14.10 3.27
N SER B 113 -30.11 -14.58 4.10
CA SER B 113 -30.51 -13.87 5.28
C SER B 113 -29.65 -14.27 6.47
N PHE B 114 -29.52 -13.36 7.43
CA PHE B 114 -28.97 -13.71 8.72
C PHE B 114 -30.06 -13.70 9.78
N GLU B 115 -29.73 -14.28 10.93
CA GLU B 115 -30.60 -14.35 12.07
C GLU B 115 -29.91 -13.64 13.22
N SER B 116 -30.61 -12.76 13.91
CA SER B 116 -30.00 -11.96 14.95
C SER B 116 -30.84 -11.97 16.21
N ARG B 117 -30.19 -11.85 17.36
CA ARG B 117 -30.91 -11.61 18.59
C ARG B 117 -30.23 -10.50 19.38
N VAL B 118 -31.05 -9.71 20.06
CA VAL B 118 -30.62 -8.48 20.73
C VAL B 118 -30.89 -8.65 22.22
N SER B 119 -29.89 -8.38 23.03
CA SER B 119 -30.03 -8.51 24.47
C SER B 119 -29.44 -7.28 25.16
N ILE B 120 -30.04 -6.92 26.28
CA ILE B 120 -29.62 -5.78 27.09
C ILE B 120 -28.97 -6.28 28.37
N SER B 121 -27.85 -5.67 28.74
CA SER B 121 -27.19 -5.90 30.01
C SER B 121 -27.34 -4.63 30.85
N GLY B 122 -28.40 -4.58 31.64
CA GLY B 122 -28.60 -3.51 32.60
C GLY B 122 -29.37 -4.03 33.79
N SER B 123 -29.42 -3.20 34.84
CA SER B 123 -30.13 -3.59 36.04
C SER B 123 -31.64 -3.59 35.81
N GLY B 124 -32.35 -4.29 36.68
CA GLY B 124 -33.80 -4.34 36.65
C GLY B 124 -34.49 -3.16 37.29
N VAL B 125 -33.72 -2.16 37.68
CA VAL B 125 -34.24 -0.94 38.27
C VAL B 125 -34.42 0.15 37.22
N PHE B 126 -33.63 0.11 36.15
CA PHE B 126 -33.61 1.17 35.15
C PHE B 126 -34.90 1.17 34.33
N ALA B 127 -35.21 2.33 33.78
CA ALA B 127 -36.39 2.52 32.95
C ALA B 127 -35.97 3.12 31.62
N GLY B 128 -36.37 2.47 30.53
CA GLY B 128 -36.12 2.98 29.20
C GLY B 128 -36.24 1.90 28.15
N ARG B 129 -36.87 2.21 27.03
CA ARG B 129 -37.01 1.27 25.94
C ARG B 129 -36.03 1.58 24.83
N VAL B 130 -35.78 0.57 24.01
CA VAL B 130 -35.03 0.69 22.77
C VAL B 130 -35.83 0.02 21.67
N VAL B 131 -36.13 0.76 20.61
CA VAL B 131 -36.75 0.15 19.43
C VAL B 131 -35.67 -0.46 18.56
N ALA B 132 -35.90 -1.70 18.16
CA ALA B 132 -35.06 -2.40 17.20
C ALA B 132 -35.95 -2.82 16.05
N SER B 133 -35.76 -2.21 14.90
CA SER B 133 -36.62 -2.46 13.76
C SER B 133 -35.80 -2.90 12.56
N VAL B 134 -36.40 -3.76 11.74
CA VAL B 134 -35.80 -4.21 10.50
C VAL B 134 -36.16 -3.22 9.42
N ILE B 135 -35.17 -2.79 8.65
CA ILE B 135 -35.27 -1.66 7.74
C ILE B 135 -35.18 -2.19 6.31
N PRO B 136 -36.04 -1.72 5.40
CA PRO B 136 -35.93 -2.16 4.01
C PRO B 136 -34.67 -1.59 3.37
N PRO B 137 -34.16 -2.22 2.32
CA PRO B 137 -32.94 -1.70 1.68
C PRO B 137 -33.22 -0.43 0.89
N GLY B 138 -32.29 0.51 0.97
CA GLY B 138 -32.45 1.80 0.34
C GLY B 138 -32.91 2.90 1.27
N VAL B 139 -33.12 2.60 2.55
CA VAL B 139 -33.50 3.59 3.54
C VAL B 139 -32.35 3.72 4.52
N ASP B 140 -31.90 4.94 4.75
CA ASP B 140 -30.85 5.21 5.73
C ASP B 140 -31.41 5.00 7.14
N PRO B 141 -30.76 4.20 7.99
CA PRO B 141 -31.23 4.08 9.38
C PRO B 141 -31.07 5.35 10.19
N SER B 142 -30.12 6.20 9.88
CA SER B 142 -29.96 7.46 10.60
C SER B 142 -30.84 8.57 10.07
N SER B 143 -31.70 8.29 9.10
CA SER B 143 -32.69 9.24 8.63
C SER B 143 -34.11 8.87 9.04
N ILE B 144 -34.29 7.72 9.67
CA ILE B 144 -35.62 7.24 10.04
C ILE B 144 -36.08 8.00 11.28
N ARG B 145 -37.23 8.65 11.17
CA ARG B 145 -37.78 9.47 12.25
C ARG B 145 -38.92 8.78 12.98
N ASP B 146 -39.48 7.71 12.42
CA ASP B 146 -40.52 6.91 13.08
C ASP B 146 -40.09 5.46 13.09
N PRO B 147 -39.27 5.05 14.06
CA PRO B 147 -38.85 3.65 14.11
C PRO B 147 -39.93 2.70 14.58
N GLY B 148 -40.89 3.17 15.37
CA GLY B 148 -41.97 2.33 15.84
C GLY B 148 -43.04 2.03 14.80
N VAL B 149 -42.95 2.63 13.62
CA VAL B 149 -43.87 2.31 12.55
C VAL B 149 -43.38 1.07 11.78
N LEU B 150 -42.06 0.89 11.69
CA LEU B 150 -41.46 -0.25 11.02
C LEU B 150 -41.75 -1.56 11.77
N PRO B 151 -41.51 -2.74 11.13
CA PRO B 151 -41.54 -3.99 11.89
C PRO B 151 -40.45 -4.01 12.96
N HIS B 152 -40.88 -3.88 14.21
CA HIS B 152 -40.00 -3.45 15.28
C HIS B 152 -40.17 -4.37 16.47
N ALA B 153 -39.37 -4.08 17.50
CA ALA B 153 -39.47 -4.76 18.78
C ALA B 153 -38.96 -3.82 19.84
N PHE B 154 -39.71 -3.72 20.93
CA PHE B 154 -39.29 -2.98 22.11
C PHE B 154 -38.29 -3.83 22.88
N VAL B 155 -37.12 -3.26 23.13
CA VAL B 155 -36.14 -3.97 23.94
C VAL B 155 -35.92 -3.14 25.19
N ASP B 156 -36.68 -3.44 26.23
CA ASP B 156 -36.67 -2.70 27.47
C ASP B 156 -35.46 -3.09 28.30
N ALA B 157 -35.08 -2.22 29.23
CA ALA B 157 -33.95 -2.50 30.12
C ALA B 157 -34.25 -3.63 31.11
N ARG B 158 -35.52 -3.85 31.43
CA ARG B 158 -35.94 -4.88 32.37
C ARG B 158 -36.05 -6.26 31.75
N ILE B 159 -35.64 -6.42 30.50
CA ILE B 159 -35.93 -7.65 29.76
C ILE B 159 -35.00 -8.77 30.25
N THR B 160 -35.48 -10.00 30.11
CA THR B 160 -34.75 -11.17 30.60
C THR B 160 -34.24 -12.05 29.47
N GLU B 161 -35.09 -12.37 28.53
CA GLU B 161 -34.80 -13.12 27.32
C GLU B 161 -34.48 -12.16 26.18
N PRO B 162 -33.59 -12.53 25.26
CA PRO B 162 -33.29 -11.65 24.14
C PRO B 162 -34.40 -11.67 23.10
N VAL B 163 -34.38 -10.65 22.24
CA VAL B 163 -35.36 -10.50 21.18
C VAL B 163 -34.73 -10.93 19.87
N SER B 164 -35.30 -11.96 19.23
CA SER B 164 -34.75 -12.53 18.03
C SER B 164 -35.33 -11.85 16.79
N PHE B 165 -34.49 -11.68 15.77
CA PHE B 165 -34.85 -11.06 14.50
C PHE B 165 -34.45 -11.96 13.34
N MET B 166 -35.16 -11.81 12.23
CA MET B 166 -34.70 -12.27 10.93
C MET B 166 -34.38 -11.04 10.08
N ILE B 167 -33.18 -10.99 9.54
CA ILE B 167 -32.78 -9.88 8.69
C ILE B 167 -32.80 -10.40 7.26
N PRO B 168 -33.82 -10.09 6.46
CA PRO B 168 -33.96 -10.74 5.16
C PRO B 168 -32.94 -10.23 4.16
N ASP B 169 -32.71 -11.02 3.13
CA ASP B 169 -31.92 -10.56 2.00
C ASP B 169 -32.91 -10.20 0.90
N VAL B 170 -33.42 -8.98 0.94
CA VAL B 170 -34.14 -8.42 -0.18
C VAL B 170 -33.11 -7.77 -1.09
N ARG B 171 -32.95 -8.30 -2.29
CA ARG B 171 -31.97 -7.79 -3.22
C ARG B 171 -32.57 -7.77 -4.63
N ASN B 172 -32.16 -6.76 -5.41
CA ASN B 172 -32.51 -6.71 -6.82
C ASN B 172 -31.78 -7.77 -7.60
N THR B 173 -30.59 -8.12 -7.16
CA THR B 173 -29.63 -8.87 -7.93
C THR B 173 -29.76 -10.35 -7.64
N ASP B 174 -28.89 -11.15 -8.24
CA ASP B 174 -28.90 -12.58 -8.00
C ASP B 174 -27.95 -12.98 -6.88
N TYR B 175 -26.85 -12.23 -6.74
CA TYR B 175 -25.96 -12.32 -5.60
C TYR B 175 -25.55 -10.91 -5.23
N HIS B 176 -24.72 -10.80 -4.19
CA HIS B 176 -24.07 -9.56 -3.82
C HIS B 176 -22.59 -9.72 -4.07
N ARG B 177 -21.96 -8.71 -4.64
CA ARG B 177 -20.50 -8.69 -4.69
C ARG B 177 -19.95 -8.53 -3.28
N MET B 178 -18.85 -9.21 -3.01
CA MET B 178 -18.27 -9.16 -1.68
C MET B 178 -17.65 -7.79 -1.40
N ASP B 179 -17.21 -7.10 -2.45
CA ASP B 179 -16.74 -5.74 -2.31
C ASP B 179 -17.80 -4.72 -2.68
N GLY B 180 -18.86 -5.13 -3.38
CA GLY B 180 -19.87 -4.22 -3.87
C GLY B 180 -20.69 -3.59 -2.76
N ASN B 181 -20.92 -2.29 -2.88
CA ASN B 181 -21.59 -1.53 -1.84
C ASN B 181 -23.07 -1.36 -2.17
N GLU B 182 -23.75 -2.48 -2.21
CA GLU B 182 -25.15 -2.56 -2.59
C GLU B 182 -26.01 -2.31 -1.36
N PRO B 183 -27.22 -1.75 -1.54
CA PRO B 183 -28.13 -1.57 -0.40
C PRO B 183 -28.68 -2.90 0.09
N THR B 184 -28.56 -3.13 1.39
CA THR B 184 -29.10 -4.32 2.05
C THR B 184 -30.09 -3.91 3.12
N CYS B 185 -30.80 -4.92 3.64
CA CYS B 185 -31.64 -4.71 4.81
C CYS B 185 -30.76 -4.47 6.03
N SER B 186 -31.32 -3.79 7.03
CA SER B 186 -30.56 -3.44 8.21
C SER B 186 -31.35 -3.80 9.47
N LEU B 187 -30.72 -3.53 10.61
CA LEU B 187 -31.32 -3.67 11.93
C LEU B 187 -30.85 -2.46 12.73
N GLY B 188 -31.64 -1.41 12.72
CA GLY B 188 -31.29 -0.23 13.46
C GLY B 188 -31.71 -0.30 14.91
N LEU B 189 -31.08 0.54 15.73
CA LEU B 189 -31.41 0.66 17.14
C LEU B 189 -31.57 2.13 17.46
N TRP B 190 -32.66 2.48 18.12
CA TRP B 190 -32.91 3.85 18.54
C TRP B 190 -33.30 3.85 20.01
N VAL B 191 -33.05 4.98 20.68
CA VAL B 191 -33.51 5.16 22.05
C VAL B 191 -34.96 5.61 21.96
N TYR B 192 -35.88 4.70 22.24
CA TYR B 192 -37.29 5.05 22.18
C TYR B 192 -37.69 5.88 23.40
N GLN B 193 -37.42 5.36 24.59
CA GLN B 193 -37.58 6.05 25.85
C GLN B 193 -36.22 6.13 26.54
N PRO B 194 -35.87 7.28 27.12
CA PRO B 194 -34.52 7.46 27.66
C PRO B 194 -34.27 6.60 28.88
N LEU B 195 -33.00 6.29 29.11
CA LEU B 195 -32.59 5.47 30.24
C LEU B 195 -32.45 6.35 31.47
N ILE B 196 -33.22 6.06 32.52
CA ILE B 196 -33.16 6.83 33.74
C ILE B 196 -32.92 5.89 34.92
N ASN B 197 -32.23 6.41 35.93
CA ASN B 197 -31.93 5.69 37.16
C ASN B 197 -32.81 6.24 38.26
N PRO B 198 -33.68 5.42 38.87
CA PRO B 198 -34.63 5.97 39.86
C PRO B 198 -33.98 6.41 41.15
N PHE B 199 -32.84 5.82 41.50
CA PHE B 199 -32.19 6.14 42.76
C PHE B 199 -31.48 7.48 42.64
N SER B 200 -31.23 8.12 43.79
CA SER B 200 -30.60 9.43 43.79
C SER B 200 -29.12 9.33 43.46
N THR B 201 -28.82 9.13 42.17
CA THR B 201 -27.47 8.95 41.68
C THR B 201 -27.25 9.96 40.55
N SER B 202 -26.36 10.92 40.78
CA SER B 202 -26.06 11.92 39.76
C SER B 202 -25.06 11.42 38.72
N ALA B 203 -24.48 10.24 38.92
CA ALA B 203 -23.52 9.70 37.96
C ALA B 203 -24.24 9.12 36.75
N VAL B 204 -23.49 8.96 35.66
CA VAL B 204 -24.04 8.42 34.43
C VAL B 204 -24.11 6.91 34.54
N SER B 205 -25.30 6.34 34.33
CA SER B 205 -25.51 4.90 34.37
C SER B 205 -25.63 4.38 32.95
N THR B 206 -24.78 3.41 32.62
CA THR B 206 -24.64 2.91 31.26
C THR B 206 -25.31 1.54 31.14
N CYS B 207 -26.00 1.35 30.02
CA CYS B 207 -26.59 0.06 29.69
C CYS B 207 -25.95 -0.44 28.40
N TRP B 208 -25.89 -1.76 28.27
CA TRP B 208 -25.11 -2.39 27.21
C TRP B 208 -26.02 -3.25 26.34
N VAL B 209 -26.12 -2.89 25.07
CA VAL B 209 -27.00 -3.58 24.13
C VAL B 209 -26.14 -4.48 23.26
N SER B 210 -26.34 -5.78 23.36
CA SER B 210 -25.54 -6.76 22.64
C SER B 210 -26.34 -7.37 21.50
N ILE B 211 -25.64 -7.66 20.40
CA ILE B 211 -26.24 -8.23 19.20
C ILE B 211 -25.46 -9.49 18.85
N GLU B 212 -26.15 -10.62 18.75
CA GLU B 212 -25.57 -11.89 18.35
C GLU B 212 -26.09 -12.27 16.98
N THR B 213 -25.36 -13.13 16.28
CA THR B 213 -25.67 -13.36 14.87
C THR B 213 -25.47 -14.82 14.49
N LYS B 214 -26.40 -15.36 13.70
CA LYS B 214 -26.31 -16.59 12.92
C LYS B 214 -26.42 -16.28 11.44
N PRO B 215 -25.78 -17.07 10.58
CA PRO B 215 -26.19 -17.13 9.17
C PRO B 215 -27.48 -17.93 9.08
N GLY B 216 -28.52 -17.31 8.54
CA GLY B 216 -29.79 -18.00 8.60
C GLY B 216 -30.19 -18.79 7.38
N GLY B 217 -29.92 -20.09 7.34
CA GLY B 217 -30.67 -20.92 6.43
C GLY B 217 -30.16 -20.92 5.01
N ASP B 218 -30.74 -20.04 4.21
CA ASP B 218 -30.44 -19.88 2.79
C ASP B 218 -29.17 -19.10 2.49
N PHE B 219 -28.40 -18.70 3.50
CA PHE B 219 -27.16 -17.96 3.24
C PHE B 219 -26.11 -18.86 2.61
N ASP B 220 -25.43 -18.35 1.58
CA ASP B 220 -24.35 -19.11 0.97
C ASP B 220 -23.38 -18.14 0.30
N PHE B 221 -22.31 -18.70 -0.24
CA PHE B 221 -21.26 -17.97 -0.95
C PHE B 221 -21.18 -18.44 -2.40
N CYS B 222 -20.53 -17.64 -3.25
CA CYS B 222 -20.69 -17.79 -4.70
C CYS B 222 -19.42 -18.19 -5.43
N LEU B 223 -18.36 -17.39 -5.36
CA LEU B 223 -17.33 -17.39 -6.39
C LEU B 223 -15.97 -17.41 -5.73
N LEU B 224 -15.23 -18.51 -5.89
CA LEU B 224 -13.91 -18.63 -5.27
C LEU B 224 -12.92 -17.62 -5.83
N LYS B 225 -12.43 -16.77 -4.95
CA LYS B 225 -11.21 -16.01 -5.18
C LYS B 225 -10.15 -16.65 -4.29
N PRO B 226 -8.87 -16.38 -4.52
CA PRO B 226 -7.84 -16.85 -3.59
C PRO B 226 -8.01 -16.21 -2.22
N PRO B 227 -7.58 -16.88 -1.15
CA PRO B 227 -7.80 -16.34 0.19
C PRO B 227 -6.97 -15.09 0.46
N GLY B 228 -7.68 -14.02 0.83
CA GLY B 228 -7.03 -12.75 1.08
C GLY B 228 -6.80 -11.93 -0.16
N GLN B 229 -7.50 -12.25 -1.25
CA GLN B 229 -7.36 -11.53 -2.49
C GLN B 229 -8.06 -10.18 -2.41
N ARG B 230 -7.33 -9.12 -2.74
CA ARG B 230 -7.90 -7.79 -2.84
C ARG B 230 -8.83 -7.70 -4.03
N MET B 231 -10.07 -7.29 -3.80
CA MET B 231 -11.01 -7.12 -4.90
C MET B 231 -10.86 -5.72 -5.48
N GLU B 232 -11.77 -5.38 -6.41
CA GLU B 232 -11.54 -4.30 -7.38
C GLU B 232 -11.50 -2.93 -6.75
N ASN B 233 -12.49 -2.57 -5.94
CA ASN B 233 -12.57 -1.23 -5.39
C ASN B 233 -12.06 -1.14 -3.95
N GLY B 234 -11.26 -2.09 -3.52
CA GLY B 234 -10.41 -1.91 -2.36
C GLY B 234 -10.62 -2.97 -1.30
N VAL B 235 -9.72 -2.93 -0.31
CA VAL B 235 -9.82 -3.77 0.87
C VAL B 235 -10.86 -3.18 1.81
N SER B 236 -11.25 -3.96 2.81
CA SER B 236 -12.24 -3.48 3.76
C SER B 236 -11.64 -2.42 4.65
N PRO B 237 -12.42 -1.47 5.15
CA PRO B 237 -11.86 -0.46 6.05
C PRO B 237 -11.70 -0.91 7.49
N GLU B 238 -11.74 -2.22 7.77
CA GLU B 238 -11.58 -2.72 9.13
C GLU B 238 -10.18 -2.47 9.67
N GLY B 239 -9.17 -2.43 8.80
CA GLY B 239 -7.79 -2.31 9.24
C GLY B 239 -7.29 -0.89 9.35
N LEU B 240 -8.20 0.08 9.44
CA LEU B 240 -7.77 1.47 9.57
C LEU B 240 -7.26 1.76 10.97
N LEU B 241 -7.93 1.22 11.99
CA LEU B 241 -7.58 1.42 13.38
C LEU B 241 -7.22 0.08 14.00
N PRO B 242 -6.34 0.05 15.01
CA PRO B 242 -5.90 -1.24 15.56
C PRO B 242 -6.96 -1.87 16.45
N ARG B 243 -6.63 -3.06 16.96
CA ARG B 243 -7.53 -3.71 17.90
C ARG B 243 -7.50 -3.01 19.25
N ARG B 244 -6.34 -2.48 19.63
CA ARG B 244 -6.21 -1.62 20.79
C ARG B 244 -5.17 -0.56 20.48
N LEU B 245 -5.27 0.58 21.16
CA LEU B 245 -4.44 1.75 20.84
C LEU B 245 -2.96 1.45 21.08
N GLY B 246 -2.60 1.22 22.34
CA GLY B 246 -1.22 0.90 22.66
C GLY B 246 -0.30 2.09 22.48
N TYR B 247 0.86 1.83 21.88
CA TYR B 247 1.85 2.87 21.62
C TYR B 247 1.74 3.37 20.19
N ALA B 248 0.58 3.95 19.88
CA ALA B 248 0.30 4.42 18.54
C ALA B 248 0.79 5.85 18.34
N ARG B 249 1.15 6.17 17.10
CA ARG B 249 1.76 7.43 16.77
C ARG B 249 0.97 8.15 15.69
N GLY B 250 0.83 9.47 15.83
CA GLY B 250 0.17 10.28 14.83
C GLY B 250 1.08 10.54 13.63
N ASN B 251 0.54 11.24 12.64
CA ASN B 251 1.25 11.41 11.38
C ASN B 251 1.90 12.77 11.19
N ARG B 252 1.86 13.67 12.17
CA ARG B 252 2.52 14.96 11.95
C ARG B 252 3.99 14.91 12.34
N VAL B 253 4.26 14.49 13.57
CA VAL B 253 5.62 14.30 14.03
C VAL B 253 5.93 12.83 14.32
N GLY B 254 4.99 12.09 14.90
CA GLY B 254 5.25 10.75 15.36
C GLY B 254 5.23 10.60 16.85
N GLY B 255 4.65 11.56 17.57
CA GLY B 255 4.57 11.46 19.00
C GLY B 255 3.48 10.51 19.44
N LEU B 256 3.47 10.23 20.74
CA LEU B 256 2.46 9.36 21.33
C LEU B 256 1.08 10.00 21.23
N VAL B 257 0.11 9.22 20.79
CA VAL B 257 -1.25 9.71 20.62
C VAL B 257 -1.92 9.79 21.99
N VAL B 258 -2.36 10.98 22.36
CA VAL B 258 -3.00 11.22 23.64
C VAL B 258 -4.50 10.98 23.59
N GLY B 259 -5.18 11.62 22.65
CA GLY B 259 -6.60 11.44 22.50
C GLY B 259 -7.16 12.31 21.38
N LEU B 260 -8.44 12.62 21.42
CA LEU B 260 -9.05 13.39 20.35
C LEU B 260 -9.17 14.86 20.70
N VAL B 261 -9.43 15.65 19.66
CA VAL B 261 -10.00 16.98 19.76
C VAL B 261 -11.09 17.11 18.70
N LEU B 262 -11.71 18.28 18.65
CA LEU B 262 -12.75 18.59 17.68
C LEU B 262 -12.50 19.99 17.16
N VAL B 263 -12.18 20.10 15.87
CA VAL B 263 -11.82 21.35 15.22
C VAL B 263 -12.75 21.50 14.01
N ALA B 264 -13.04 22.75 13.65
CA ALA B 264 -13.90 23.01 12.49
C ALA B 264 -13.19 22.67 11.19
N ASP B 265 -12.09 23.36 10.90
CA ASP B 265 -11.37 23.23 9.64
C ASP B 265 -9.92 22.85 9.92
N HIS B 266 -9.30 22.16 8.96
CA HIS B 266 -7.93 21.71 9.16
C HIS B 266 -7.26 21.59 7.82
N HIS B 267 -5.92 21.63 7.84
CA HIS B 267 -5.12 21.80 6.62
C HIS B 267 -4.02 20.75 6.48
N GLN B 268 -4.10 19.63 7.20
CA GLN B 268 -2.98 18.71 7.33
C GLN B 268 -2.85 17.92 6.03
N VAL B 269 -1.68 17.98 5.40
CA VAL B 269 -1.47 17.44 4.06
C VAL B 269 -0.29 16.47 4.08
N ASN B 270 0.66 16.67 5.00
CA ASN B 270 1.67 15.66 5.30
C ASN B 270 1.09 14.34 5.76
N ARG B 271 1.55 13.25 5.14
CA ARG B 271 1.31 11.86 5.56
C ARG B 271 -0.17 11.56 5.69
N HIS B 272 -0.98 12.24 4.89
CA HIS B 272 -2.41 12.06 4.86
C HIS B 272 -2.73 11.47 3.50
N PHE B 273 -3.39 10.33 3.49
CA PHE B 273 -3.61 9.58 2.27
C PHE B 273 -5.11 9.33 2.12
N ASN B 274 -5.59 9.40 0.88
CA ASN B 274 -6.99 9.15 0.61
C ASN B 274 -7.28 7.65 0.72
N ALA B 275 -8.56 7.31 0.60
CA ALA B 275 -8.93 5.92 0.34
C ALA B 275 -8.50 5.47 -1.04
N ASN B 276 -8.25 6.39 -1.95
CA ASN B 276 -7.63 6.13 -3.25
C ASN B 276 -6.11 6.13 -3.19
N SER B 277 -5.53 6.09 -1.98
CA SER B 277 -4.09 5.99 -1.72
C SER B 277 -3.30 7.15 -2.31
N ILE B 278 -3.87 8.35 -2.22
CA ILE B 278 -3.28 9.57 -2.78
C ILE B 278 -2.98 10.52 -1.63
N THR B 279 -1.75 11.00 -1.58
CA THR B 279 -1.39 12.12 -0.72
C THR B 279 -1.20 13.37 -1.58
N TYR B 280 -1.22 14.51 -0.90
CA TYR B 280 -0.97 15.80 -1.53
C TYR B 280 0.29 16.44 -0.99
N GLY B 281 0.96 15.81 -0.04
CA GLY B 281 2.15 16.31 0.60
C GLY B 281 3.41 15.74 0.02
N TRP B 282 4.41 15.59 0.87
CA TRP B 282 5.74 15.24 0.40
C TRP B 282 6.40 14.16 1.27
N SER B 283 5.67 13.59 2.23
CA SER B 283 6.25 12.64 3.17
C SER B 283 5.57 11.28 3.04
N THR B 284 6.31 10.26 3.43
CA THR B 284 5.90 8.87 3.44
C THR B 284 5.35 8.53 4.83
N ALA B 285 4.38 7.63 4.88
CA ALA B 285 3.60 7.37 6.09
C ALA B 285 4.34 6.73 7.27
N PRO B 286 5.29 5.80 7.10
CA PRO B 286 6.15 5.49 8.25
C PRO B 286 7.13 6.62 8.51
N VAL B 287 6.97 7.27 9.66
CA VAL B 287 7.77 8.44 10.02
C VAL B 287 9.21 8.02 10.27
N ASN B 288 10.13 8.63 9.54
CA ASN B 288 11.57 8.44 9.68
C ASN B 288 12.19 9.80 9.93
N PRO B 289 13.45 9.85 10.40
CA PRO B 289 14.14 11.13 10.45
C PRO B 289 14.50 11.62 9.06
N MET B 290 14.73 12.93 8.95
CA MET B 290 14.83 13.61 7.66
C MET B 290 16.25 13.52 7.12
N ALA B 291 16.51 12.55 6.26
CA ALA B 291 17.80 12.49 5.56
C ALA B 291 17.81 13.53 4.44
N ALA B 292 18.66 14.55 4.60
CA ALA B 292 18.63 15.69 3.69
C ALA B 292 20.06 16.08 3.33
N GLU B 293 20.19 16.75 2.19
CA GLU B 293 21.48 17.23 1.71
C GLU B 293 21.78 18.62 2.26
N ILE B 294 22.93 19.15 1.84
CA ILE B 294 23.37 20.49 2.20
C ILE B 294 23.79 21.21 0.92
N VAL B 295 23.19 22.38 0.67
CA VAL B 295 23.56 23.19 -0.47
C VAL B 295 24.51 24.29 -0.02
N VAL B 296 24.07 25.16 0.89
CA VAL B 296 24.84 26.32 1.31
C VAL B 296 24.94 26.33 2.84
N LYS B 297 26.18 26.48 3.33
CA LYS B 297 26.45 26.70 4.74
C LYS B 297 26.30 28.18 5.08
N HIS B 298 25.77 28.47 6.26
CA HIS B 298 25.69 29.83 6.79
C HIS B 298 26.22 29.84 8.21
N ASP B 299 26.90 30.93 8.57
CA ASP B 299 27.40 31.14 9.92
C ASP B 299 26.45 32.02 10.71
N TYR B 300 26.81 32.26 11.97
CA TYR B 300 25.93 32.98 12.88
C TYR B 300 26.02 34.49 12.66
N THR B 301 25.19 35.22 13.39
CA THR B 301 25.09 36.66 13.30
C THR B 301 25.04 37.20 14.74
N ASN B 302 25.26 38.50 14.90
CA ASN B 302 25.01 39.13 16.19
C ASN B 302 23.51 39.28 16.47
N ASN B 303 22.68 39.19 15.44
CA ASN B 303 21.23 39.32 15.57
C ASN B 303 20.50 37.99 15.69
N ARG B 304 21.01 36.93 15.08
CA ARG B 304 20.33 35.63 15.02
C ARG B 304 21.38 34.53 15.08
N ASN B 305 20.90 33.28 15.13
CA ASN B 305 21.80 32.14 15.23
C ASN B 305 22.31 31.74 13.85
N ALA B 306 23.06 30.65 13.80
CA ALA B 306 23.53 30.11 12.53
C ALA B 306 22.47 29.18 11.96
N TRP B 307 22.55 28.94 10.65
CA TRP B 307 21.58 28.08 9.99
C TRP B 307 22.20 27.45 8.75
N LEU B 308 21.40 26.66 8.05
CA LEU B 308 21.90 25.81 6.98
C LEU B 308 20.81 25.62 5.94
N SER B 309 21.14 25.86 4.68
CA SER B 309 20.17 25.66 3.62
C SER B 309 20.13 24.19 3.24
N ILE B 310 18.90 23.69 3.06
CA ILE B 310 18.66 22.30 2.74
C ILE B 310 18.06 22.22 1.35
N GLY B 311 18.69 21.40 0.49
CA GLY B 311 18.07 21.06 -0.77
C GLY B 311 18.61 19.76 -1.31
N ALA B 312 17.72 18.81 -1.60
CA ALA B 312 18.12 17.56 -2.21
C ALA B 312 18.29 17.74 -3.71
N LYS B 313 19.12 16.89 -4.31
CA LYS B 313 19.30 16.90 -5.76
C LYS B 313 18.21 16.05 -6.41
N ASN B 314 16.97 16.57 -6.30
CA ASN B 314 15.75 15.92 -6.78
C ASN B 314 15.59 14.52 -6.19
N LYS B 315 15.87 14.40 -4.89
CA LYS B 315 15.75 13.14 -4.18
C LYS B 315 14.58 13.13 -3.20
N GLY B 316 13.56 13.94 -3.44
CA GLY B 316 12.32 13.83 -2.70
C GLY B 316 11.49 12.69 -3.23
N PRO B 317 10.85 11.92 -2.34
CA PRO B 317 10.10 10.74 -2.79
C PRO B 317 8.78 11.10 -3.45
N LEU B 318 8.17 12.21 -3.06
CA LEU B 318 6.91 12.67 -3.62
C LEU B 318 7.04 13.99 -4.34
N PHE B 319 7.64 14.98 -3.68
CA PHE B 319 8.02 16.24 -4.33
C PHE B 319 9.53 16.28 -4.40
N PRO B 320 10.13 16.17 -5.59
CA PRO B 320 11.59 16.28 -5.69
C PRO B 320 12.07 17.68 -5.37
N GLY B 321 12.71 17.85 -4.23
CA GLY B 321 13.09 19.16 -3.75
C GLY B 321 12.70 19.33 -2.30
N LEU B 322 11.57 18.74 -1.92
CA LEU B 322 11.20 18.65 -0.51
C LEU B 322 11.66 17.32 0.03
N PRO B 323 12.45 17.29 1.09
CA PRO B 323 12.94 16.01 1.61
C PRO B 323 11.83 15.25 2.29
N ASN B 324 11.99 13.93 2.33
CA ASN B 324 11.09 13.07 3.05
C ASN B 324 11.12 13.45 4.53
N HIS B 325 9.93 13.60 5.11
CA HIS B 325 9.72 13.95 6.52
C HIS B 325 10.26 15.33 6.85
N PHE B 326 9.74 16.36 6.21
CA PHE B 326 9.93 17.67 6.80
C PHE B 326 8.63 18.10 7.48
N PRO B 327 8.70 18.69 8.67
CA PRO B 327 7.48 18.98 9.43
C PRO B 327 6.67 20.13 8.84
N ASP B 328 5.35 19.95 8.83
CA ASP B 328 4.41 21.03 8.59
C ASP B 328 4.09 21.79 9.87
N SER B 329 4.57 21.31 11.00
CA SER B 329 4.47 21.99 12.28
C SER B 329 5.75 22.75 12.58
N CYS B 330 6.52 23.06 11.54
CA CYS B 330 7.77 23.77 11.69
C CYS B 330 7.49 25.25 11.96
N ALA B 331 8.56 26.01 12.19
CA ALA B 331 8.43 27.42 12.51
C ALA B 331 8.18 28.22 11.24
N SER B 332 7.16 29.06 11.27
CA SER B 332 6.76 29.87 10.13
C SER B 332 6.05 31.11 10.64
N THR B 333 5.69 31.99 9.70
CA THR B 333 4.96 33.20 10.04
C THR B 333 3.55 32.88 10.50
N LEU B 334 2.94 31.84 9.94
CA LEU B 334 1.59 31.44 10.33
C LEU B 334 1.56 30.83 11.72
N VAL B 335 2.69 30.33 12.20
CA VAL B 335 2.78 29.78 13.56
C VAL B 335 3.09 30.86 14.58
N GLY B 336 4.23 31.54 14.44
CA GLY B 336 4.58 32.62 15.35
C GLY B 336 5.84 33.36 14.92
N ALA B 337 5.84 34.68 15.05
CA ALA B 337 6.94 35.50 14.54
C ALA B 337 8.16 35.44 15.47
N MET B 338 9.29 35.89 14.94
CA MET B 338 10.56 35.80 15.65
C MET B 338 10.68 36.91 16.69
N ASP B 339 11.69 36.76 17.57
CA ASP B 339 11.88 37.65 18.70
C ASP B 339 13.32 38.14 18.74
N THR B 340 13.56 39.17 19.55
CA THR B 340 14.92 39.50 19.97
C THR B 340 15.21 38.85 21.33
N GLY B 341 14.96 37.54 21.37
CA GLY B 341 15.19 36.74 22.56
C GLY B 341 16.28 35.72 22.31
N ARG B 342 15.87 34.48 22.01
CA ARG B 342 16.80 33.38 21.76
C ARG B 342 17.39 33.39 20.35
N HIS B 343 17.21 34.48 19.58
CA HIS B 343 17.89 34.72 18.31
C HIS B 343 17.50 33.68 17.26
N MET B 344 16.25 33.24 17.31
CA MET B 344 15.74 32.13 16.52
C MET B 344 14.21 32.23 16.53
N PRO B 345 13.52 31.50 15.64
CA PRO B 345 12.05 31.57 15.66
C PRO B 345 11.46 30.99 16.93
N ALA B 346 10.30 31.52 17.32
CA ALA B 346 9.77 31.29 18.66
C ALA B 346 9.22 29.87 18.79
N THR B 347 8.36 29.47 17.88
CA THR B 347 7.54 28.29 18.04
C THR B 347 7.81 27.31 16.90
N GLY B 348 8.29 26.11 17.25
CA GLY B 348 8.69 25.17 16.21
C GLY B 348 8.86 23.75 16.74
N VAL B 349 9.64 22.98 16.01
CA VAL B 349 9.97 21.58 16.33
C VAL B 349 11.46 21.38 16.08
N CYS B 350 12.19 20.90 17.09
CA CYS B 350 13.65 20.86 17.04
C CYS B 350 14.17 19.43 17.06
N GLY B 351 15.48 19.30 16.77
CA GLY B 351 16.17 18.03 16.85
C GLY B 351 17.65 18.08 16.48
N PRO B 352 18.42 17.08 16.91
CA PRO B 352 19.87 17.08 16.62
C PRO B 352 20.19 16.74 15.17
N ALA B 353 21.30 17.29 14.67
CA ALA B 353 21.67 17.18 13.27
C ALA B 353 22.92 16.33 13.09
N ILE B 354 22.76 15.14 12.53
CA ILE B 354 23.84 14.19 12.30
C ILE B 354 24.30 14.33 10.85
N GLY B 355 25.54 14.80 10.66
CA GLY B 355 26.07 15.05 9.32
C GLY B 355 26.86 13.86 8.82
N PHE B 356 26.82 13.66 7.49
CA PHE B 356 27.43 12.48 6.89
C PHE B 356 27.70 12.72 5.41
N GLN B 357 28.57 11.87 4.85
CA GLN B 357 28.97 11.98 3.46
C GLN B 357 28.11 11.07 2.58
N ASP B 358 28.43 11.02 1.29
CA ASP B 358 27.66 10.20 0.36
C ASP B 358 28.07 8.74 0.43
N ASN B 359 29.29 8.44 0.85
CA ASN B 359 29.72 7.06 1.08
C ASN B 359 29.36 6.57 2.48
N GLY B 360 28.66 7.38 3.26
CA GLY B 360 28.34 7.00 4.63
C GLY B 360 29.35 7.41 5.66
N ASP B 361 30.31 8.25 5.31
CA ASP B 361 31.30 8.75 6.26
C ASP B 361 30.59 9.75 7.16
N VAL B 362 30.20 9.31 8.35
CA VAL B 362 29.40 10.14 9.24
C VAL B 362 30.33 10.97 10.11
N PHE B 363 30.10 12.28 10.13
CA PHE B 363 30.92 13.19 10.93
C PHE B 363 30.63 12.98 12.40
N GLU B 364 31.68 12.89 13.20
CA GLU B 364 31.59 12.28 14.52
C GLU B 364 31.50 13.30 15.65
N ASN B 365 32.07 14.49 15.49
CA ASN B 365 32.35 15.35 16.64
C ASN B 365 31.11 16.12 17.09
N GLU B 366 30.58 17.00 16.24
CA GLU B 366 29.45 17.84 16.62
C GLU B 366 28.14 17.23 16.14
N THR B 367 27.10 17.44 16.93
CA THR B 367 25.72 17.12 16.55
C THR B 367 24.83 18.16 17.23
N PRO B 368 24.74 19.35 16.67
CA PRO B 368 24.05 20.45 17.38
C PRO B 368 22.54 20.34 17.33
N ALA B 369 21.90 20.91 18.34
CA ALA B 369 20.44 20.95 18.40
C ALA B 369 19.91 21.98 17.41
N VAL B 370 18.95 21.56 16.60
CA VAL B 370 18.60 22.25 15.36
C VAL B 370 17.08 22.31 15.23
N MET B 371 16.54 23.51 14.97
CA MET B 371 15.11 23.76 14.88
C MET B 371 14.65 23.73 13.43
N PHE B 372 13.51 23.08 13.17
CA PHE B 372 12.92 23.13 11.84
C PHE B 372 12.16 24.44 11.62
N ALA B 373 12.44 25.09 10.50
CA ALA B 373 11.78 26.34 10.17
C ALA B 373 11.72 26.51 8.66
N THR B 374 10.99 27.53 8.23
CA THR B 374 11.01 27.96 6.84
C THR B 374 11.26 29.46 6.78
N PHE B 375 12.11 29.86 5.84
CA PHE B 375 12.65 31.21 5.77
C PHE B 375 12.39 31.81 4.40
N ASN B 376 12.86 33.05 4.22
CA ASN B 376 12.65 33.74 2.97
C ASN B 376 13.97 33.80 2.22
N PRO B 377 14.11 33.09 1.09
CA PRO B 377 15.39 33.14 0.35
C PRO B 377 15.63 34.45 -0.37
N LEU B 378 14.61 35.28 -0.52
CA LEU B 378 14.72 36.55 -1.21
C LEU B 378 15.31 37.64 -0.33
N THR B 379 15.50 37.36 0.97
CA THR B 379 16.04 38.37 1.87
C THR B 379 17.53 38.57 1.65
N GLY B 380 18.29 37.48 1.60
CA GLY B 380 19.71 37.55 1.38
C GLY B 380 20.51 38.04 2.57
N ASN B 385 20.63 41.99 5.38
CA ASN B 385 19.25 41.96 5.84
C ASN B 385 18.97 40.67 6.62
N PRO B 386 18.25 40.77 7.74
CA PRO B 386 17.96 39.59 8.57
C PRO B 386 16.97 38.67 7.88
N ILE B 387 17.41 37.43 7.63
CA ILE B 387 16.62 36.49 6.85
C ILE B 387 15.57 35.85 7.76
N ALA B 388 14.31 36.24 7.55
CA ALA B 388 13.23 36.01 8.48
C ALA B 388 12.29 34.92 7.97
N LEU B 389 11.19 34.73 8.70
CA LEU B 389 10.27 33.65 8.45
C LEU B 389 9.47 33.88 7.17
N TYR B 390 8.69 32.86 6.80
CA TYR B 390 7.99 32.85 5.53
C TYR B 390 6.65 32.18 5.72
N ASP B 391 5.72 32.47 4.82
CA ASP B 391 4.36 31.98 4.98
C ASP B 391 4.22 30.50 4.68
N SER B 392 5.07 29.94 3.82
CA SER B 392 4.82 28.61 3.29
C SER B 392 6.15 27.87 3.14
N ILE B 393 6.10 26.72 2.49
CA ILE B 393 7.23 25.80 2.37
C ILE B 393 7.56 25.65 0.89
N ASN B 394 8.68 26.16 0.51
CA ASN B 394 9.32 26.21 -0.80
C ASN B 394 10.54 25.31 -0.76
N PRO B 395 10.86 24.52 -1.80
CA PRO B 395 12.13 23.78 -1.79
C PRO B 395 13.40 24.62 -1.83
N ALA B 396 13.32 25.95 -1.91
CA ALA B 396 14.46 26.81 -1.65
C ALA B 396 14.41 27.44 -0.26
N SER B 397 13.28 27.33 0.43
CA SER B 397 13.10 27.94 1.74
C SER B 397 13.42 27.00 2.88
N LEU B 398 13.85 25.79 2.57
CA LEU B 398 14.10 24.78 3.58
C LEU B 398 15.38 25.09 4.33
N ALA B 399 15.23 25.54 5.58
CA ALA B 399 16.36 26.09 6.29
C ALA B 399 16.13 25.90 7.79
N VAL B 400 17.15 25.36 8.44
CA VAL B 400 17.06 24.98 9.84
C VAL B 400 18.18 25.69 10.62
N MET B 401 17.82 26.29 11.76
CA MET B 401 18.77 27.06 12.55
C MET B 401 19.37 26.20 13.64
N CYS B 402 20.10 26.87 14.53
CA CYS B 402 20.60 26.26 15.75
C CYS B 402 19.72 26.64 16.93
N THR B 403 20.17 26.28 18.13
CA THR B 403 19.44 26.60 19.35
C THR B 403 20.31 27.36 20.35
N LYS B 404 21.64 27.24 20.24
CA LYS B 404 22.54 27.96 21.12
C LYS B 404 22.58 29.44 20.75
N SER B 405 23.24 30.22 21.61
CA SER B 405 23.30 31.66 21.39
C SER B 405 24.25 32.03 20.25
N ASN B 406 25.53 31.67 20.39
CA ASN B 406 26.54 32.07 19.42
C ASN B 406 27.36 30.90 18.90
N SER B 407 26.73 29.75 18.65
CA SER B 407 27.44 28.60 18.13
C SER B 407 27.67 28.78 16.62
N ASN B 408 28.38 27.81 16.04
CA ASN B 408 28.75 27.88 14.63
C ASN B 408 29.08 26.47 14.18
N PHE B 409 28.81 26.18 12.91
CA PHE B 409 29.07 24.86 12.36
C PHE B 409 30.57 24.64 12.16
N ASP B 410 30.96 23.37 12.05
CA ASP B 410 32.34 23.05 11.74
C ASP B 410 32.63 23.32 10.27
N SER B 411 33.92 23.41 9.95
CA SER B 411 34.34 23.76 8.60
C SER B 411 34.14 22.58 7.65
N SER B 412 34.73 21.43 7.98
CA SER B 412 34.78 20.31 7.05
C SER B 412 33.60 19.36 7.16
N GLY B 413 33.08 19.14 8.36
CA GLY B 413 32.05 18.14 8.56
C GLY B 413 30.67 18.55 8.12
N PHE B 414 30.36 19.84 8.25
CA PHE B 414 29.10 20.41 7.77
C PHE B 414 29.29 21.19 6.49
N ALA B 415 30.10 20.63 5.58
CA ALA B 415 30.44 21.29 4.34
C ALA B 415 29.26 21.31 3.37
N ASN B 416 29.47 21.97 2.23
CA ASN B 416 28.43 22.13 1.23
C ASN B 416 28.30 20.92 0.30
N ASP B 417 29.10 19.87 0.53
CA ASP B 417 28.98 18.62 -0.21
C ASP B 417 28.59 17.46 0.71
N LYS B 418 28.19 17.79 1.92
CA LYS B 418 27.82 16.82 2.94
C LYS B 418 26.31 16.64 2.96
N ASN B 419 25.85 15.83 3.92
CA ASN B 419 24.44 15.57 4.12
C ASN B 419 24.13 15.78 5.60
N VAL B 420 22.88 15.54 5.98
CA VAL B 420 22.40 15.78 7.34
C VAL B 420 21.18 14.91 7.56
N VAL B 421 20.96 14.50 8.81
CA VAL B 421 19.74 13.80 9.20
C VAL B 421 19.35 14.25 10.60
N VAL B 422 18.09 14.65 10.75
CA VAL B 422 17.58 15.24 11.98
C VAL B 422 16.34 14.47 12.42
N GLN B 423 16.28 14.13 13.70
CA GLN B 423 15.10 13.54 14.32
C GLN B 423 14.22 14.65 14.88
N MET B 424 12.92 14.40 14.97
CA MET B 424 11.99 15.34 15.58
C MET B 424 11.80 14.96 17.03
N SER B 425 12.14 15.85 17.94
CA SER B 425 12.03 15.56 19.36
C SER B 425 11.29 16.63 20.14
N TRP B 426 11.47 17.89 19.78
CA TRP B 426 11.02 19.02 20.59
C TRP B 426 9.75 19.66 20.05
N GLU B 427 9.12 20.47 20.91
CA GLU B 427 8.16 21.48 20.50
C GLU B 427 8.30 22.69 21.41
N MET B 428 9.02 23.70 20.94
CA MET B 428 9.16 24.95 21.67
C MET B 428 8.03 25.88 21.30
N TYR B 429 7.66 26.76 22.24
CA TYR B 429 6.65 27.78 21.98
C TYR B 429 7.24 29.18 21.98
N THR B 430 7.88 29.58 23.08
CA THR B 430 8.42 30.90 23.38
C THR B 430 7.32 32.00 23.37
N ASN B 431 6.04 31.60 23.42
CA ASN B 431 4.90 32.48 23.62
C ASN B 431 3.75 31.62 24.15
N SER B 432 2.55 32.18 24.14
CA SER B 432 1.34 31.45 24.52
C SER B 432 0.61 30.87 23.32
N GLN B 433 1.33 30.59 22.23
CA GLN B 433 0.74 30.11 20.99
C GLN B 433 1.22 28.70 20.70
N GLN B 434 0.28 27.79 20.44
CA GLN B 434 0.60 26.41 20.15
C GLN B 434 0.43 26.16 18.65
N ILE B 435 0.82 24.96 18.20
CA ILE B 435 0.80 24.63 16.78
C ILE B 435 -0.26 23.55 16.61
N GLN B 436 -1.33 23.63 17.40
CA GLN B 436 -2.34 22.58 17.43
C GLN B 436 -3.05 22.40 16.10
N GLY B 437 -3.88 23.36 15.72
CA GLY B 437 -4.58 23.29 14.45
C GLY B 437 -3.83 23.92 13.30
N ARG B 438 -2.55 24.20 13.48
CA ARG B 438 -1.81 25.01 12.52
C ARG B 438 -0.87 24.15 11.69
N VAL B 439 -1.01 24.26 10.37
CA VAL B 439 -0.21 23.52 9.41
C VAL B 439 0.41 24.54 8.47
N THR B 440 1.72 24.48 8.30
CA THR B 440 2.39 25.39 7.38
C THR B 440 2.20 24.92 5.95
N PRO B 441 1.64 25.75 5.06
CA PRO B 441 1.34 25.28 3.71
C PRO B 441 2.53 25.30 2.77
N MET B 442 2.29 25.03 1.49
CA MET B 442 3.26 25.16 0.42
C MET B 442 2.90 26.36 -0.45
N GLN B 443 3.81 26.73 -1.35
CA GLN B 443 3.52 27.84 -2.25
C GLN B 443 2.49 27.44 -3.29
N GLY B 444 1.54 28.33 -3.55
CA GLY B 444 0.47 28.04 -4.49
C GLY B 444 -0.46 26.96 -4.02
N THR B 445 -0.63 26.82 -2.70
CA THR B 445 -1.31 25.69 -2.11
C THR B 445 -2.26 26.19 -1.02
N ASN B 446 -3.53 25.82 -1.14
CA ASN B 446 -4.54 26.14 -0.14
C ASN B 446 -5.45 24.91 -0.05
N PHE B 447 -5.14 24.00 0.85
CA PHE B 447 -6.00 22.85 1.14
C PHE B 447 -6.82 23.15 2.39
N VAL B 448 -8.13 23.12 2.24
CA VAL B 448 -9.05 23.23 3.36
C VAL B 448 -9.83 21.94 3.44
N PHE B 449 -10.28 21.59 4.65
CA PHE B 449 -11.03 20.36 4.85
C PHE B 449 -12.11 20.64 5.89
N THR B 450 -13.37 20.46 5.50
CA THR B 450 -14.50 20.96 6.25
C THR B 450 -15.63 19.93 6.25
N SER B 451 -16.21 19.72 7.43
CA SER B 451 -17.36 18.82 7.60
C SER B 451 -18.64 19.47 7.07
N SER B 452 -19.72 18.68 7.09
CA SER B 452 -20.99 19.07 6.47
C SER B 452 -22.03 19.57 7.48
N GLY B 453 -22.42 18.73 8.43
CA GLY B 453 -23.50 19.08 9.35
C GLY B 453 -23.78 18.00 10.36
N ALA B 454 -23.96 18.40 11.64
CA ALA B 454 -23.98 17.51 12.81
C ALA B 454 -22.75 16.61 12.84
N ASN B 455 -21.61 17.16 12.43
CA ASN B 455 -20.41 16.45 12.04
C ASN B 455 -19.23 17.35 12.33
N THR B 456 -18.31 16.87 13.13
CA THR B 456 -17.18 17.70 13.53
C THR B 456 -15.90 17.00 13.14
N LEU B 457 -15.00 17.77 12.51
CA LEU B 457 -13.76 17.20 12.01
C LEU B 457 -12.82 16.86 13.17
N ALA B 458 -12.76 15.59 13.52
CA ALA B 458 -11.98 15.11 14.64
C ALA B 458 -10.52 14.98 14.24
N LEU B 459 -9.63 15.25 15.19
CA LEU B 459 -8.20 15.14 15.00
C LEU B 459 -7.60 14.44 16.21
N TRP B 460 -6.35 13.99 16.07
CA TRP B 460 -5.68 13.28 17.15
C TRP B 460 -4.69 14.18 17.87
N GLU B 461 -4.72 14.15 19.20
CA GLU B 461 -3.73 14.84 20.01
C GLU B 461 -2.43 14.05 20.02
N GLU B 462 -1.29 14.74 19.95
CA GLU B 462 -0.03 14.07 20.09
C GLU B 462 0.67 14.49 21.38
N ARG B 463 1.78 13.82 21.69
CA ARG B 463 2.58 14.11 22.87
C ARG B 463 4.01 14.32 22.43
N LEU B 464 4.60 15.44 22.85
CA LEU B 464 5.98 15.74 22.52
C LEU B 464 6.74 16.19 23.76
N LEU B 465 8.06 16.11 23.65
CA LEU B 465 8.97 16.60 24.68
C LEU B 465 9.06 18.12 24.51
N SER B 466 8.35 18.84 25.36
CA SER B 466 8.18 20.28 25.18
C SER B 466 9.40 21.05 25.66
N TYR B 467 9.27 22.37 25.64
CA TYR B 467 10.32 23.30 26.06
C TYR B 467 10.16 23.72 27.52
N ASP B 468 8.99 23.48 28.10
CA ASP B 468 8.72 23.64 29.52
C ASP B 468 8.04 22.38 30.03
N GLY B 469 7.50 22.46 31.25
CA GLY B 469 6.80 21.36 31.85
C GLY B 469 5.34 21.22 31.48
N HIS B 470 4.90 21.83 30.38
CA HIS B 470 3.52 21.74 29.95
C HIS B 470 3.41 20.88 28.70
N GLN B 471 2.26 20.22 28.55
CA GLN B 471 2.09 19.16 27.57
C GLN B 471 1.95 19.72 26.16
N ALA B 472 2.91 19.38 25.31
CA ALA B 472 2.96 19.84 23.93
C ALA B 472 2.06 18.95 23.08
N ILE B 473 1.05 19.55 22.44
CA ILE B 473 0.02 18.82 21.72
C ILE B 473 -0.08 19.35 20.29
N LEU B 474 0.01 18.46 19.32
CA LEU B 474 -0.27 18.76 17.92
C LEU B 474 -1.52 17.99 17.49
N TYR B 475 -2.35 18.62 16.68
CA TYR B 475 -3.60 18.01 16.24
C TYR B 475 -3.34 17.35 14.89
N SER B 476 -3.19 16.03 14.89
CA SER B 476 -2.87 15.29 13.68
C SER B 476 -4.13 14.71 13.05
N SER B 477 -4.08 14.55 11.73
CA SER B 477 -5.30 14.20 10.99
C SER B 477 -5.65 12.73 11.13
N GLN B 478 -4.64 11.88 11.25
CA GLN B 478 -4.83 10.44 11.39
C GLN B 478 -3.55 9.88 12.01
N MET B 479 -3.56 8.59 12.34
CA MET B 479 -2.37 7.99 12.91
C MET B 479 -1.55 7.31 11.83
N GLU B 480 -0.36 6.82 12.21
CA GLU B 480 0.57 6.25 11.22
C GLU B 480 0.02 4.98 10.61
N ARG B 481 -0.53 4.10 11.45
CA ARG B 481 -1.06 2.84 10.95
C ARG B 481 -2.35 3.04 10.17
N THR B 482 -3.02 4.18 10.32
CA THR B 482 -4.03 4.58 9.36
C THR B 482 -3.41 5.16 8.10
N SER B 483 -2.31 5.90 8.25
CA SER B 483 -1.63 6.50 7.10
C SER B 483 -0.91 5.44 6.27
N GLU B 484 -0.34 4.43 6.93
CA GLU B 484 0.32 3.37 6.19
C GLU B 484 -0.68 2.44 5.52
N TYR B 485 -1.85 2.27 6.12
CA TYR B 485 -2.85 1.39 5.54
C TYR B 485 -3.55 2.06 4.37
N PHE B 486 -3.75 3.38 4.44
CA PHE B 486 -4.24 4.09 3.27
C PHE B 486 -3.20 4.17 2.17
N GLN B 487 -1.90 4.12 2.50
CA GLN B 487 -0.88 4.05 1.46
C GLN B 487 -0.98 2.80 0.63
N ASN B 488 -0.74 1.66 1.25
CA ASN B 488 -0.35 0.46 0.55
C ASN B 488 -1.50 -0.22 -0.14
N ASP B 489 -2.73 0.05 0.29
CA ASP B 489 -3.92 -0.52 -0.30
C ASP B 489 -4.91 0.59 -0.55
N ASN B 490 -5.66 0.47 -1.64
CA ASN B 490 -6.89 1.23 -1.77
C ASN B 490 -7.92 0.63 -0.83
N VAL B 491 -8.70 1.48 -0.18
CA VAL B 491 -9.64 1.06 0.84
C VAL B 491 -11.05 1.25 0.28
N ASN B 492 -11.91 0.26 0.48
CA ASN B 492 -13.27 0.31 -0.04
C ASN B 492 -14.09 1.26 0.82
N ILE B 493 -13.91 2.55 0.55
CA ILE B 493 -14.83 3.56 1.06
C ILE B 493 -15.41 4.25 -0.17
N PRO B 494 -16.67 3.99 -0.50
CA PRO B 494 -17.30 4.66 -1.63
C PRO B 494 -17.46 6.15 -1.36
N PRO B 495 -17.60 6.98 -2.40
CA PRO B 495 -17.54 8.43 -2.20
C PRO B 495 -18.77 9.07 -1.55
N GLY B 496 -19.63 8.31 -0.90
CA GLY B 496 -20.67 8.91 -0.09
C GLY B 496 -20.71 8.46 1.36
N SER B 497 -19.85 7.52 1.76
CA SER B 497 -20.02 6.88 3.05
C SER B 497 -18.81 7.11 3.94
N MET B 498 -18.85 6.47 5.11
CA MET B 498 -17.88 6.63 6.19
C MET B 498 -17.62 5.28 6.83
N ALA B 499 -16.46 5.13 7.46
CA ALA B 499 -16.12 3.91 8.17
C ALA B 499 -16.12 4.18 9.67
N VAL B 500 -17.03 3.55 10.39
CA VAL B 500 -17.34 3.90 11.78
C VAL B 500 -16.60 2.93 12.71
N PHE B 501 -16.15 3.41 13.87
CA PHE B 501 -15.33 2.61 14.78
C PHE B 501 -15.65 2.91 16.24
N ASN B 502 -15.97 1.88 17.02
CA ASN B 502 -16.16 2.03 18.45
C ASN B 502 -14.85 2.38 19.15
N VAL B 503 -14.95 3.03 20.30
CA VAL B 503 -13.81 3.42 21.13
C VAL B 503 -14.11 2.96 22.55
N GLU B 504 -13.38 1.97 23.04
CA GLU B 504 -13.55 1.48 24.41
C GLU B 504 -12.47 2.08 25.30
N THR B 505 -12.82 3.13 26.03
CA THR B 505 -11.95 3.73 27.04
C THR B 505 -12.45 3.21 28.40
N ASN B 506 -11.81 3.60 29.50
CA ASN B 506 -12.20 3.09 30.82
C ASN B 506 -13.54 3.67 31.26
N SER B 507 -13.83 4.91 30.91
CA SER B 507 -15.11 5.52 31.21
C SER B 507 -15.88 5.87 29.94
N ALA B 508 -15.24 6.54 28.99
CA ALA B 508 -15.91 6.98 27.79
C ALA B 508 -16.10 5.83 26.81
N SER B 509 -17.16 5.93 26.02
CA SER B 509 -17.40 5.02 24.90
C SER B 509 -18.06 5.82 23.80
N PHE B 510 -17.42 5.86 22.63
CA PHE B 510 -17.89 6.70 21.54
C PHE B 510 -17.41 6.13 20.21
N GLN B 511 -17.75 6.82 19.13
CA GLN B 511 -17.50 6.34 17.77
C GLN B 511 -16.87 7.42 16.90
N ILE B 512 -16.24 7.00 15.81
CA ILE B 512 -15.46 7.83 14.90
C ILE B 512 -15.69 7.34 13.48
N GLY B 513 -16.05 8.24 12.57
CA GLY B 513 -16.27 7.91 11.17
C GLY B 513 -15.19 8.50 10.28
N ILE B 514 -14.64 7.66 9.41
CA ILE B 514 -13.53 8.02 8.53
C ILE B 514 -14.04 8.18 7.10
N ARG B 515 -13.76 9.33 6.49
CA ARG B 515 -14.16 9.62 5.12
C ARG B 515 -13.31 8.87 4.11
N GLU B 516 -13.54 9.12 2.83
CA GLU B 516 -12.62 8.69 1.81
C GLU B 516 -11.51 9.70 1.56
N ASP B 517 -11.59 10.88 2.19
CA ASP B 517 -10.46 11.79 2.24
C ASP B 517 -9.44 11.38 3.28
N GLY B 518 -9.79 10.44 4.15
CA GLY B 518 -8.95 10.08 5.26
C GLY B 518 -9.23 10.84 6.53
N TYR B 519 -10.05 11.89 6.46
CA TYR B 519 -10.35 12.69 7.64
C TYR B 519 -11.46 12.08 8.48
N MET B 520 -11.18 11.99 9.77
CA MET B 520 -12.10 11.49 10.78
C MET B 520 -13.18 12.51 11.09
N VAL B 521 -14.40 12.01 11.32
CA VAL B 521 -15.50 12.83 11.77
C VAL B 521 -16.20 12.12 12.92
N THR B 522 -16.25 12.76 14.08
CA THR B 522 -17.06 12.27 15.18
C THR B 522 -17.92 13.42 15.70
N GLY B 523 -18.87 13.09 16.57
CA GLY B 523 -19.78 14.09 17.08
C GLY B 523 -19.34 14.66 18.42
N GLY B 524 -19.77 15.89 18.68
CA GLY B 524 -19.50 16.55 19.93
C GLY B 524 -19.24 18.03 19.75
N THR B 525 -18.80 18.65 20.83
CA THR B 525 -18.60 20.09 20.91
C THR B 525 -17.16 20.44 20.57
N ILE B 526 -17.00 21.50 19.78
CA ILE B 526 -15.72 21.89 19.21
C ILE B 526 -14.75 22.29 20.32
N GLY B 527 -13.70 21.50 20.49
CA GLY B 527 -12.71 21.70 21.53
C GLY B 527 -12.65 20.60 22.56
N THR B 528 -13.33 19.48 22.33
CA THR B 528 -13.43 18.43 23.33
C THR B 528 -12.11 17.68 23.48
N HIS B 529 -11.46 17.85 24.63
CA HIS B 529 -10.23 17.13 24.92
C HIS B 529 -10.54 15.80 25.58
N VAL B 530 -10.18 14.72 24.91
CA VAL B 530 -10.29 13.37 25.44
C VAL B 530 -8.88 12.84 25.62
N VAL B 531 -8.66 12.09 26.70
CA VAL B 531 -7.38 11.42 26.95
C VAL B 531 -7.61 9.92 26.85
N LEU B 532 -6.77 9.24 26.07
CA LEU B 532 -6.92 7.82 25.80
C LEU B 532 -5.73 7.08 26.40
N ASP B 533 -6.01 6.13 27.30
CA ASP B 533 -5.00 5.22 27.81
C ASP B 533 -4.58 4.24 26.73
N PRO B 534 -3.44 3.55 26.89
CA PRO B 534 -3.10 2.48 25.92
C PRO B 534 -3.95 1.22 26.03
N GLU B 535 -4.92 1.16 26.94
CA GLU B 535 -5.91 0.10 26.93
C GLU B 535 -7.12 0.43 26.05
N THR B 536 -7.05 1.51 25.28
CA THR B 536 -8.18 1.95 24.47
C THR B 536 -8.30 1.08 23.23
N ARG B 537 -9.45 0.42 23.08
CA ARG B 537 -9.67 -0.53 22.01
C ARG B 537 -10.59 0.05 20.94
N PHE B 538 -10.48 -0.49 19.73
CA PHE B 538 -11.31 -0.11 18.59
C PHE B 538 -11.96 -1.34 18.00
N GLN B 539 -13.10 -1.13 17.32
CA GLN B 539 -13.80 -2.21 16.64
C GLN B 539 -14.58 -1.62 15.48
N TYR B 540 -14.54 -2.27 14.32
CA TYR B 540 -15.17 -1.75 13.12
C TYR B 540 -16.69 -1.88 13.21
N VAL B 541 -17.36 -0.76 13.38
CA VAL B 541 -18.77 -0.63 13.07
C VAL B 541 -18.88 -0.52 11.56
N GLY B 542 -20.01 -0.92 10.98
CA GLY B 542 -20.14 -0.90 9.53
C GLY B 542 -20.14 0.46 8.85
N LEU B 543 -20.42 0.48 7.55
CA LEU B 543 -20.47 1.73 6.80
C LEU B 543 -21.70 2.51 7.17
N LEU B 544 -21.55 3.82 7.33
CA LEU B 544 -22.62 4.79 7.43
C LEU B 544 -22.38 5.92 6.44
N PRO B 545 -23.42 6.57 5.92
CA PRO B 545 -23.20 7.68 4.99
C PRO B 545 -22.70 8.93 5.71
N LEU B 546 -22.56 10.01 4.94
CA LEU B 546 -22.04 11.25 5.49
C LEU B 546 -23.01 11.94 6.44
N THR B 547 -24.30 11.60 6.36
CA THR B 547 -25.35 12.33 7.06
C THR B 547 -25.47 11.95 8.53
N ALA B 548 -25.02 10.76 8.91
CA ALA B 548 -25.25 10.23 10.26
C ALA B 548 -24.42 10.98 11.31
N ALA B 549 -25.10 11.39 12.38
CA ALA B 549 -24.46 12.00 13.52
C ALA B 549 -24.11 10.92 14.53
N LEU B 550 -22.86 10.90 14.99
CA LEU B 550 -22.36 9.83 15.84
C LEU B 550 -22.55 10.17 17.31
N ALA B 551 -22.64 9.12 18.13
CA ALA B 551 -22.60 9.28 19.57
C ALA B 551 -21.16 9.44 20.00
N GLY B 552 -20.63 10.66 19.87
CA GLY B 552 -19.27 10.96 20.25
C GLY B 552 -19.12 11.20 21.73
N PRO B 553 -18.04 11.87 22.13
CA PRO B 553 -17.82 12.14 23.56
C PRO B 553 -18.83 13.14 24.11
N ASN B 554 -18.87 13.20 25.44
CA ASN B 554 -19.82 14.00 26.23
C ASN B 554 -21.27 13.73 25.86
N ASP C 21 -9.59 -34.22 -22.71
CA ASP C 21 -8.50 -33.25 -22.72
C ASP C 21 -7.57 -33.45 -23.90
N PRO C 22 -7.21 -32.34 -24.56
CA PRO C 22 -6.14 -32.41 -25.56
C PRO C 22 -4.82 -32.72 -24.88
N PRO C 23 -3.88 -33.38 -25.59
CA PRO C 23 -2.72 -33.97 -24.91
C PRO C 23 -1.67 -32.99 -24.41
N GLY C 24 -1.86 -31.68 -24.59
CA GLY C 24 -0.91 -30.74 -24.02
C GLY C 24 -1.50 -29.92 -22.90
N ALA C 25 -2.81 -30.00 -22.72
CA ALA C 25 -3.52 -29.20 -21.75
C ALA C 25 -4.07 -30.07 -20.63
N THR C 26 -4.04 -29.53 -19.42
CA THR C 26 -4.51 -30.23 -18.22
C THR C 26 -5.44 -29.28 -17.48
N GLY C 27 -6.69 -29.68 -17.33
CA GLY C 27 -7.62 -28.90 -16.54
C GLY C 27 -7.51 -29.26 -15.07
N PRO C 28 -8.39 -28.69 -14.25
CA PRO C 28 -8.49 -29.14 -12.86
C PRO C 28 -9.12 -30.53 -12.82
N THR C 29 -8.95 -31.18 -11.66
CA THR C 29 -9.48 -32.49 -11.26
C THR C 29 -8.76 -33.63 -12.01
N THR C 30 -7.93 -33.30 -12.99
CA THR C 30 -7.24 -34.31 -13.79
C THR C 30 -6.10 -34.90 -12.97
N SER C 31 -6.20 -36.18 -12.67
CA SER C 31 -5.21 -36.84 -11.85
C SER C 31 -5.04 -38.28 -12.32
N HIS C 32 -3.79 -38.72 -12.41
CA HIS C 32 -3.46 -40.12 -12.65
C HIS C 32 -2.76 -40.58 -11.39
N VAL C 33 -3.50 -41.24 -10.49
CA VAL C 33 -2.97 -41.58 -9.17
C VAL C 33 -2.01 -42.75 -9.31
N VAL C 34 -0.75 -42.52 -8.97
CA VAL C 34 0.26 -43.56 -8.93
C VAL C 34 0.48 -43.94 -7.47
N VAL C 35 0.32 -45.23 -7.18
CA VAL C 35 0.49 -45.73 -5.81
C VAL C 35 1.97 -45.99 -5.57
N SER C 36 2.52 -45.35 -4.53
CA SER C 36 3.90 -45.61 -4.15
C SER C 36 4.02 -46.65 -3.05
N ASN C 37 2.98 -46.84 -2.25
CA ASN C 37 2.99 -47.80 -1.16
C ASN C 37 1.66 -48.54 -1.15
N PRO C 38 1.66 -49.87 -1.31
CA PRO C 38 0.39 -50.60 -1.34
C PRO C 38 -0.16 -50.95 0.02
N GLU C 39 -0.10 -50.02 0.97
CA GLU C 39 -0.57 -50.24 2.34
C GLU C 39 -1.30 -48.98 2.83
N GLN C 40 -2.25 -48.51 2.05
CA GLN C 40 -3.03 -47.35 2.47
C GLN C 40 -3.96 -47.72 3.62
N PRO C 41 -4.22 -46.78 4.53
CA PRO C 41 -5.25 -46.99 5.53
C PRO C 41 -6.63 -47.00 4.91
N ASN C 42 -7.58 -47.57 5.65
CA ASN C 42 -8.97 -47.55 5.23
C ASN C 42 -9.49 -46.13 5.41
N GLY C 43 -9.47 -45.38 4.32
CA GLY C 43 -9.86 -43.99 4.27
C GLY C 43 -11.25 -43.66 4.76
N PRO C 44 -12.30 -44.25 4.17
CA PRO C 44 -13.66 -43.99 4.69
C PRO C 44 -13.96 -44.59 6.05
N ALA C 45 -13.16 -45.54 6.53
CA ALA C 45 -13.36 -46.05 7.89
C ALA C 45 -12.74 -45.14 8.93
N GLN C 46 -11.62 -44.50 8.61
CA GLN C 46 -11.09 -43.45 9.47
C GLN C 46 -11.98 -42.23 9.50
N ARG C 47 -12.70 -41.98 8.41
CA ARG C 47 -13.64 -40.87 8.38
C ARG C 47 -14.83 -41.13 9.29
N LEU C 48 -15.26 -42.38 9.41
CA LEU C 48 -16.30 -42.74 10.37
C LEU C 48 -15.79 -42.61 11.80
N GLU C 49 -14.51 -42.87 12.04
CA GLU C 49 -13.95 -42.74 13.38
C GLU C 49 -13.87 -41.28 13.81
N MET C 50 -13.70 -40.38 12.87
CA MET C 50 -13.63 -38.96 13.18
C MET C 50 -15.01 -38.41 13.55
N ALA C 51 -16.06 -39.02 13.00
CA ALA C 51 -17.41 -38.55 13.23
C ALA C 51 -17.98 -39.11 14.53
N VAL C 52 -17.48 -40.25 14.99
CA VAL C 52 -17.86 -40.73 16.31
C VAL C 52 -17.24 -39.86 17.39
N ALA C 53 -15.97 -39.46 17.19
CA ALA C 53 -15.25 -38.74 18.22
C ALA C 53 -15.64 -37.28 18.32
N THR C 54 -16.00 -36.65 17.20
CA THR C 54 -16.24 -35.22 17.16
C THR C 54 -17.62 -34.82 16.67
N GLY C 55 -18.40 -35.74 16.12
CA GLY C 55 -19.68 -35.36 15.56
C GLY C 55 -19.60 -34.72 14.19
N ALA C 56 -18.46 -34.87 13.51
CA ALA C 56 -18.27 -34.32 12.17
C ALA C 56 -18.83 -35.28 11.13
N ILE C 57 -20.15 -35.36 11.10
CA ILE C 57 -20.83 -36.30 10.22
C ILE C 57 -20.85 -35.77 8.79
N GLN C 58 -21.06 -34.47 8.62
CA GLN C 58 -21.12 -33.84 7.33
C GLN C 58 -19.80 -33.12 7.03
N SER C 59 -19.66 -32.68 5.78
CA SER C 59 -18.41 -32.09 5.32
C SER C 59 -18.32 -30.62 5.72
N ASN C 60 -17.21 -30.25 6.36
CA ASN C 60 -16.94 -28.87 6.74
C ASN C 60 -16.08 -28.16 5.71
N VAL C 61 -15.78 -28.83 4.60
CA VAL C 61 -14.96 -28.28 3.54
C VAL C 61 -15.86 -28.06 2.33
N PRO C 62 -15.80 -26.91 1.67
CA PRO C 62 -16.61 -26.69 0.47
C PRO C 62 -16.15 -27.60 -0.66
N GLU C 63 -17.12 -28.07 -1.46
CA GLU C 63 -16.78 -29.04 -2.49
C GLU C 63 -16.15 -28.40 -3.72
N ALA C 64 -16.03 -27.08 -3.74
CA ALA C 64 -15.23 -26.41 -4.75
C ALA C 64 -13.74 -26.60 -4.52
N ILE C 65 -13.34 -26.88 -3.28
CA ILE C 65 -11.94 -27.06 -2.94
C ILE C 65 -11.52 -28.51 -3.13
N ARG C 66 -12.43 -29.44 -2.86
CA ARG C 66 -12.15 -30.86 -3.00
C ARG C 66 -11.95 -31.28 -4.45
N ASN C 67 -12.39 -30.47 -5.40
CA ASN C 67 -12.35 -30.87 -6.80
C ASN C 67 -11.15 -30.34 -7.56
N CYS C 68 -10.46 -29.33 -7.04
CA CYS C 68 -9.42 -28.66 -7.81
C CYS C 68 -8.11 -28.63 -7.05
N PHE C 69 -7.02 -28.84 -7.78
CA PHE C 69 -5.69 -28.73 -7.22
C PHE C 69 -5.28 -27.27 -7.16
N ALA C 70 -4.63 -26.88 -6.07
CA ALA C 70 -4.04 -25.57 -5.95
C ALA C 70 -2.58 -25.73 -5.58
N VAL C 71 -1.76 -24.75 -5.95
CA VAL C 71 -0.32 -24.89 -5.85
C VAL C 71 0.14 -24.83 -4.40
N TYR C 72 1.15 -25.63 -4.06
CA TYR C 72 1.77 -25.57 -2.76
C TYR C 72 3.22 -25.13 -2.83
N ARG C 73 4.08 -25.87 -3.52
CA ARG C 73 5.48 -25.49 -3.61
C ARG C 73 5.94 -25.55 -5.04
N THR C 74 7.16 -25.10 -5.25
CA THR C 74 7.87 -25.24 -6.50
C THR C 74 9.35 -25.46 -6.18
N PHE C 75 9.88 -26.58 -6.64
CA PHE C 75 11.22 -27.03 -6.32
C PHE C 75 12.08 -26.90 -7.57
N ALA C 76 13.21 -26.22 -7.45
CA ALA C 76 14.18 -26.18 -8.53
C ALA C 76 14.99 -27.47 -8.54
N TRP C 77 15.21 -28.02 -9.73
CA TRP C 77 16.00 -29.23 -9.89
C TRP C 77 16.97 -29.04 -11.03
N ASN C 78 18.26 -29.16 -10.71
CA ASN C 78 19.37 -28.72 -11.54
C ASN C 78 20.19 -29.89 -12.05
N ASP C 79 21.10 -29.57 -12.97
CA ASP C 79 22.15 -30.52 -13.35
C ASP C 79 23.12 -30.75 -12.21
N ARG C 80 23.34 -29.73 -11.37
CA ARG C 80 24.42 -29.73 -10.40
C ARG C 80 24.01 -30.29 -9.05
N MET C 81 23.01 -31.15 -9.00
CA MET C 81 22.63 -31.80 -7.76
C MET C 81 22.73 -33.31 -7.90
N PRO C 82 23.49 -33.99 -7.07
CA PRO C 82 23.72 -35.42 -7.25
C PRO C 82 22.55 -36.29 -6.83
N ALA C 83 22.72 -37.60 -6.89
CA ALA C 83 21.70 -38.53 -6.43
C ALA C 83 21.53 -38.43 -4.93
N GLY C 84 20.29 -38.63 -4.47
CA GLY C 84 19.99 -38.51 -3.06
C GLY C 84 19.84 -37.10 -2.57
N THR C 85 19.87 -36.10 -3.45
CA THR C 85 19.60 -34.73 -3.06
C THR C 85 18.13 -34.57 -2.72
N PHE C 86 17.85 -34.13 -1.50
CA PHE C 86 16.49 -33.97 -1.03
C PHE C 86 15.89 -32.71 -1.64
N LEU C 87 14.86 -32.88 -2.46
CA LEU C 87 14.22 -31.73 -3.08
C LEU C 87 13.24 -31.07 -2.12
N GLY C 88 12.34 -31.84 -1.53
CA GLY C 88 11.47 -31.31 -0.52
C GLY C 88 10.42 -32.29 -0.08
N SER C 89 9.86 -32.10 1.10
CA SER C 89 8.80 -32.95 1.61
C SER C 89 7.49 -32.19 1.63
N VAL C 90 6.41 -32.93 1.47
CA VAL C 90 5.06 -32.40 1.61
C VAL C 90 4.47 -33.13 2.82
N SER C 91 4.62 -32.53 3.99
CA SER C 91 4.11 -33.13 5.21
C SER C 91 2.62 -32.89 5.32
N LEU C 92 1.90 -33.88 5.84
CA LEU C 92 0.45 -33.83 5.88
C LEU C 92 0.03 -32.86 6.97
N HIS C 93 -0.60 -31.77 6.57
CA HIS C 93 -1.08 -30.73 7.46
C HIS C 93 -2.11 -29.93 6.67
N PRO C 94 -3.01 -29.21 7.32
CA PRO C 94 -3.92 -28.34 6.56
C PRO C 94 -3.24 -27.18 5.84
N ASN C 95 -2.00 -26.83 6.18
CA ASN C 95 -1.36 -25.67 5.59
C ASN C 95 -0.68 -25.94 4.25
N ILE C 96 -0.97 -27.07 3.60
CA ILE C 96 -0.36 -27.39 2.33
C ILE C 96 -1.34 -27.25 1.17
N ASN C 97 -2.58 -26.89 1.44
CA ASN C 97 -3.51 -26.34 0.48
C ASN C 97 -3.76 -24.90 0.90
N PRO C 98 -3.73 -23.92 0.00
CA PRO C 98 -3.97 -22.54 0.44
C PRO C 98 -5.39 -22.25 0.89
N TYR C 99 -6.38 -23.01 0.42
CA TYR C 99 -7.74 -22.82 0.90
C TYR C 99 -7.95 -23.50 2.24
N THR C 100 -7.40 -24.70 2.39
CA THR C 100 -7.49 -25.42 3.64
C THR C 100 -6.70 -24.73 4.75
N SER C 101 -5.58 -24.10 4.40
CA SER C 101 -4.81 -23.34 5.39
C SER C 101 -5.58 -22.13 5.88
N HIS C 102 -6.37 -21.51 5.01
CA HIS C 102 -7.20 -20.40 5.43
C HIS C 102 -8.34 -20.87 6.32
N LEU C 103 -8.96 -22.01 5.97
CA LEU C 103 -10.08 -22.53 6.74
C LEU C 103 -9.66 -23.03 8.12
N SER C 104 -8.41 -23.39 8.31
CA SER C 104 -7.96 -24.03 9.55
C SER C 104 -7.84 -23.05 10.72
N GLY C 105 -8.07 -21.75 10.52
CA GLY C 105 -8.17 -20.84 11.64
C GLY C 105 -9.47 -20.96 12.40
N MET C 106 -10.48 -21.57 11.79
CA MET C 106 -11.76 -21.80 12.43
C MET C 106 -11.84 -23.10 13.18
N TRP C 107 -10.93 -24.03 12.97
CA TRP C 107 -11.15 -25.39 13.42
C TRP C 107 -10.05 -25.80 14.39
N ALA C 108 -10.42 -26.61 15.37
CA ALA C 108 -9.49 -27.08 16.39
C ALA C 108 -8.99 -28.49 16.13
N GLY C 109 -9.54 -29.17 15.12
CA GLY C 109 -9.08 -30.49 14.78
C GLY C 109 -9.25 -30.75 13.30
N TRP C 110 -8.59 -31.80 12.82
CA TRP C 110 -8.70 -32.22 11.44
C TRP C 110 -8.36 -33.70 11.36
N GLY C 111 -8.48 -34.25 10.16
CA GLY C 111 -8.08 -35.61 9.89
C GLY C 111 -8.38 -35.91 8.44
N GLY C 112 -7.66 -36.84 7.84
CA GLY C 112 -7.87 -37.22 6.46
C GLY C 112 -6.64 -37.00 5.60
N SER C 113 -6.74 -37.52 4.38
CA SER C 113 -5.64 -37.54 3.44
C SER C 113 -5.75 -36.40 2.45
N PHE C 114 -4.60 -35.96 1.94
CA PHE C 114 -4.57 -35.05 0.81
C PHE C 114 -4.06 -35.77 -0.42
N GLU C 115 -4.42 -35.23 -1.58
CA GLU C 115 -4.01 -35.76 -2.87
C GLU C 115 -3.08 -34.76 -3.54
N SER C 116 -1.96 -35.24 -4.05
CA SER C 116 -0.89 -34.37 -4.51
C SER C 116 -0.50 -34.72 -5.93
N ARG C 117 -0.78 -33.83 -6.89
CA ARG C 117 -0.25 -34.05 -8.23
C ARG C 117 1.03 -33.25 -8.42
N VAL C 118 1.97 -33.84 -9.16
CA VAL C 118 3.31 -33.31 -9.34
C VAL C 118 3.53 -33.10 -10.82
N SER C 119 3.98 -31.90 -11.19
CA SER C 119 4.29 -31.59 -12.57
C SER C 119 5.74 -31.17 -12.66
N ILE C 120 6.43 -31.70 -13.66
CA ILE C 120 7.86 -31.47 -13.87
C ILE C 120 8.01 -30.67 -15.17
N SER C 121 8.75 -29.56 -15.10
CA SER C 121 8.96 -28.69 -16.24
C SER C 121 10.22 -29.13 -16.98
N GLY C 122 10.13 -30.31 -17.58
CA GLY C 122 11.24 -30.87 -18.31
C GLY C 122 10.89 -31.03 -19.77
N SER C 123 11.88 -30.76 -20.61
CA SER C 123 11.69 -30.99 -22.04
C SER C 123 11.82 -32.49 -22.33
N GLY C 124 11.47 -32.87 -23.56
CA GLY C 124 11.61 -34.24 -23.97
C GLY C 124 13.03 -34.68 -24.24
N VAL C 125 13.99 -33.76 -24.16
CA VAL C 125 15.38 -34.08 -24.36
C VAL C 125 16.08 -34.46 -23.06
N PHE C 126 15.58 -33.96 -21.92
CA PHE C 126 16.20 -34.16 -20.62
C PHE C 126 16.06 -35.61 -20.16
N ALA C 127 16.78 -35.93 -19.10
CA ALA C 127 16.72 -37.23 -18.45
C ALA C 127 17.06 -37.05 -16.98
N GLY C 128 16.51 -37.90 -16.15
CA GLY C 128 16.64 -37.80 -14.71
C GLY C 128 15.35 -38.28 -14.07
N ARG C 129 15.49 -38.90 -12.90
CA ARG C 129 14.35 -39.38 -12.14
C ARG C 129 14.39 -38.82 -10.73
N VAL C 130 13.21 -38.70 -10.13
CA VAL C 130 13.08 -38.41 -8.71
C VAL C 130 12.40 -39.59 -8.03
N VAL C 131 12.78 -39.83 -6.78
CA VAL C 131 12.08 -40.77 -5.90
C VAL C 131 10.96 -40.02 -5.19
N ALA C 132 9.74 -40.49 -5.34
CA ALA C 132 8.64 -40.08 -4.47
C ALA C 132 8.30 -41.24 -3.57
N SER C 133 8.44 -41.03 -2.27
CA SER C 133 8.06 -42.06 -1.31
C SER C 133 7.24 -41.46 -0.18
N VAL C 134 6.24 -42.21 0.25
CA VAL C 134 5.42 -41.83 1.41
C VAL C 134 6.11 -42.37 2.66
N ILE C 135 6.32 -41.50 3.63
CA ILE C 135 7.17 -41.78 4.78
C ILE C 135 6.28 -42.03 6.00
N PRO C 136 6.56 -43.04 6.82
CA PRO C 136 5.71 -43.29 7.98
C PRO C 136 5.84 -42.18 9.01
N PRO C 137 4.80 -41.96 9.81
CA PRO C 137 4.90 -40.95 10.86
C PRO C 137 5.85 -41.38 11.96
N GLY C 138 6.60 -40.40 12.47
CA GLY C 138 7.65 -40.64 13.43
C GLY C 138 9.03 -40.68 12.82
N VAL C 139 9.14 -40.60 11.51
CA VAL C 139 10.41 -40.64 10.79
C VAL C 139 10.60 -39.28 10.10
N ASP C 140 11.75 -38.67 10.34
CA ASP C 140 12.10 -37.43 9.67
C ASP C 140 12.43 -37.72 8.21
N PRO C 141 11.80 -37.02 7.25
CA PRO C 141 12.19 -37.18 5.85
C PRO C 141 13.61 -36.73 5.54
N SER C 142 14.13 -35.74 6.27
CA SER C 142 15.47 -35.24 6.04
C SER C 142 16.52 -35.99 6.83
N SER C 143 16.16 -37.08 7.50
CA SER C 143 17.13 -37.95 8.15
C SER C 143 17.25 -39.30 7.45
N ILE C 144 16.41 -39.57 6.46
CA ILE C 144 16.47 -40.82 5.74
C ILE C 144 17.73 -40.84 4.89
N ARG C 145 18.61 -41.80 5.17
CA ARG C 145 19.92 -41.86 4.55
C ARG C 145 19.92 -42.59 3.23
N ASP C 146 19.06 -43.60 3.07
CA ASP C 146 18.85 -44.28 1.80
C ASP C 146 17.40 -44.06 1.42
N PRO C 147 17.13 -43.17 0.45
CA PRO C 147 15.75 -42.77 0.16
C PRO C 147 14.91 -43.85 -0.50
N GLY C 148 15.52 -44.77 -1.24
CA GLY C 148 14.79 -45.77 -1.98
C GLY C 148 14.61 -47.11 -1.31
N VAL C 149 14.83 -47.20 0.00
CA VAL C 149 14.55 -48.46 0.69
C VAL C 149 13.05 -48.62 0.89
N LEU C 150 12.35 -47.55 1.24
CA LEU C 150 10.91 -47.55 1.39
C LEU C 150 10.21 -47.77 0.05
N PRO C 151 8.97 -48.26 0.06
CA PRO C 151 8.23 -48.37 -1.20
C PRO C 151 7.98 -47.01 -1.84
N HIS C 152 8.44 -46.88 -3.08
CA HIS C 152 8.60 -45.60 -3.73
C HIS C 152 8.05 -45.65 -5.14
N ALA C 153 7.94 -44.48 -5.75
CA ALA C 153 7.62 -44.34 -7.15
C ALA C 153 8.69 -43.48 -7.81
N PHE C 154 8.98 -43.80 -9.06
CA PHE C 154 9.92 -43.04 -9.87
C PHE C 154 9.13 -42.14 -10.80
N VAL C 155 9.50 -40.86 -10.84
CA VAL C 155 8.92 -39.91 -11.77
C VAL C 155 10.05 -39.40 -12.65
N ASP C 156 9.85 -39.50 -13.96
CA ASP C 156 10.86 -39.14 -14.94
C ASP C 156 10.76 -37.65 -15.25
N ALA C 157 11.91 -37.05 -15.60
CA ALA C 157 11.94 -35.63 -15.92
C ALA C 157 11.28 -35.31 -17.26
N ARG C 158 11.21 -36.27 -18.16
CA ARG C 158 10.63 -36.08 -19.48
C ARG C 158 9.13 -36.34 -19.51
N ILE C 159 8.49 -36.40 -18.34
CA ILE C 159 7.09 -36.78 -18.25
C ILE C 159 6.23 -35.60 -18.69
N THR C 160 5.06 -35.91 -19.27
CA THR C 160 4.16 -34.91 -19.82
C THR C 160 2.91 -34.74 -19.00
N GLU C 161 2.25 -35.81 -18.66
CA GLU C 161 1.08 -35.74 -17.81
C GLU C 161 1.51 -35.64 -16.35
N PRO C 162 0.83 -34.83 -15.54
CA PRO C 162 1.17 -34.76 -14.11
C PRO C 162 0.71 -36.01 -13.37
N VAL C 163 1.52 -36.39 -12.37
CA VAL C 163 1.36 -37.64 -11.63
C VAL C 163 0.83 -37.33 -10.24
N SER C 164 -0.24 -38.00 -9.85
CA SER C 164 -0.92 -37.75 -8.59
C SER C 164 -0.50 -38.75 -7.53
N PHE C 165 -0.25 -38.26 -6.33
CA PHE C 165 0.08 -39.10 -5.18
C PHE C 165 -0.89 -38.83 -4.04
N MET C 166 -1.36 -39.89 -3.41
CA MET C 166 -2.13 -39.79 -2.18
C MET C 166 -1.18 -39.70 -1.01
N ILE C 167 -1.39 -38.72 -0.14
CA ILE C 167 -0.62 -38.62 1.10
C ILE C 167 -1.51 -39.13 2.22
N PRO C 168 -1.33 -40.36 2.70
CA PRO C 168 -2.29 -40.93 3.65
C PRO C 168 -2.16 -40.33 5.04
N ASP C 169 -3.19 -40.54 5.82
CA ASP C 169 -3.19 -40.12 7.22
C ASP C 169 -3.11 -41.39 8.05
N VAL C 170 -1.89 -41.83 8.33
CA VAL C 170 -1.66 -42.89 9.31
C VAL C 170 -1.63 -42.22 10.68
N ARG C 171 -2.58 -42.59 11.54
CA ARG C 171 -2.66 -41.94 12.84
C ARG C 171 -3.15 -42.92 13.89
N ASN C 172 -2.57 -42.82 15.09
CA ASN C 172 -3.10 -43.50 16.27
C ASN C 172 -4.50 -43.03 16.58
N THR C 173 -4.68 -41.72 16.60
CA THR C 173 -5.81 -41.05 17.20
C THR C 173 -7.00 -41.02 16.25
N ASP C 174 -8.12 -40.50 16.74
CA ASP C 174 -9.34 -40.40 15.94
C ASP C 174 -9.35 -39.17 15.05
N TYR C 175 -8.63 -38.13 15.45
CA TYR C 175 -8.42 -36.94 14.66
C TYR C 175 -7.12 -36.34 15.15
N HIS C 176 -6.60 -35.38 14.39
CA HIS C 176 -5.41 -34.63 14.77
C HIS C 176 -5.83 -33.32 15.42
N ARG C 177 -5.20 -32.97 16.54
CA ARG C 177 -5.35 -31.62 17.07
C ARG C 177 -4.71 -30.62 16.13
N MET C 178 -5.30 -29.43 16.06
CA MET C 178 -4.69 -28.37 15.28
C MET C 178 -3.46 -27.83 15.99
N ASP C 179 -3.45 -27.87 17.33
CA ASP C 179 -2.21 -27.75 18.09
C ASP C 179 -1.23 -28.84 17.74
N GLY C 180 -1.63 -30.08 18.03
CA GLY C 180 -0.80 -31.24 18.30
C GLY C 180 0.37 -31.47 17.38
N ASN C 181 1.56 -31.52 17.97
CA ASN C 181 2.76 -31.77 17.19
C ASN C 181 3.05 -33.27 17.14
N GLU C 182 2.02 -34.03 16.83
CA GLU C 182 2.16 -35.46 16.59
C GLU C 182 2.48 -35.68 15.12
N PRO C 183 3.35 -36.62 14.80
CA PRO C 183 3.86 -36.73 13.44
C PRO C 183 2.82 -37.29 12.49
N THR C 184 2.83 -36.76 11.27
CA THR C 184 1.99 -37.21 10.19
C THR C 184 2.87 -37.75 9.07
N CYS C 185 2.23 -38.36 8.08
CA CYS C 185 2.96 -38.85 6.92
C CYS C 185 3.46 -37.71 6.05
N SER C 186 4.50 -37.97 5.30
CA SER C 186 5.08 -37.01 4.39
C SER C 186 5.13 -37.60 2.98
N LEU C 187 5.39 -36.72 2.02
CA LEU C 187 5.75 -37.11 0.67
C LEU C 187 7.07 -36.43 0.38
N GLY C 188 8.18 -37.14 0.59
CA GLY C 188 9.49 -36.62 0.30
C GLY C 188 9.87 -36.86 -1.15
N LEU C 189 10.67 -35.94 -1.68
CA LEU C 189 11.24 -36.08 -3.01
C LEU C 189 12.75 -36.01 -2.93
N TRP C 190 13.42 -36.99 -3.52
CA TRP C 190 14.87 -36.99 -3.63
C TRP C 190 15.24 -37.10 -5.10
N VAL C 191 16.48 -36.73 -5.42
CA VAL C 191 17.00 -36.98 -6.76
C VAL C 191 17.52 -38.41 -6.80
N TYR C 192 16.99 -39.20 -7.72
CA TYR C 192 17.37 -40.60 -7.85
C TYR C 192 18.48 -40.79 -8.87
N GLN C 193 18.22 -40.43 -10.10
CA GLN C 193 19.19 -40.30 -11.15
C GLN C 193 19.26 -38.83 -11.54
N PRO C 194 20.44 -38.24 -11.61
CA PRO C 194 20.53 -36.78 -11.77
C PRO C 194 20.00 -36.27 -13.10
N LEU C 195 19.67 -34.99 -13.10
CA LEU C 195 19.16 -34.32 -14.29
C LEU C 195 20.30 -34.02 -15.24
N ILE C 196 20.15 -34.44 -16.50
CA ILE C 196 21.17 -34.21 -17.50
C ILE C 196 20.55 -33.54 -18.71
N ASN C 197 21.33 -32.67 -19.34
CA ASN C 197 20.98 -32.00 -20.58
C ASN C 197 22.01 -32.45 -21.62
N PRO C 198 21.59 -33.09 -22.72
CA PRO C 198 22.56 -33.56 -23.71
C PRO C 198 23.26 -32.45 -24.47
N PHE C 199 22.69 -31.25 -24.47
CA PHE C 199 23.23 -30.11 -25.20
C PHE C 199 24.19 -29.43 -24.24
N SER C 200 25.43 -29.92 -24.24
CA SER C 200 26.37 -29.71 -23.14
C SER C 200 26.88 -28.29 -23.11
N THR C 201 26.73 -27.65 -21.95
CA THR C 201 27.13 -26.27 -21.71
C THR C 201 27.40 -26.12 -20.22
N SER C 202 28.32 -25.21 -19.85
CA SER C 202 28.58 -24.90 -18.46
C SER C 202 27.40 -24.24 -17.75
N ALA C 203 26.42 -23.72 -18.49
CA ALA C 203 25.23 -23.16 -17.88
C ALA C 203 24.39 -24.25 -17.24
N VAL C 204 23.71 -23.89 -16.15
CA VAL C 204 22.89 -24.83 -15.42
C VAL C 204 21.52 -24.89 -16.08
N SER C 205 21.10 -26.07 -16.48
CA SER C 205 19.77 -26.27 -17.03
C SER C 205 18.85 -26.66 -15.88
N THR C 206 17.91 -25.77 -15.57
CA THR C 206 17.07 -25.89 -14.39
C THR C 206 15.74 -26.51 -14.79
N CYS C 207 15.28 -27.45 -13.98
CA CYS C 207 13.96 -28.03 -14.12
C CYS C 207 13.11 -27.58 -12.94
N TRP C 208 11.80 -27.50 -13.15
CA TRP C 208 10.89 -26.98 -12.14
C TRP C 208 9.89 -28.05 -11.74
N VAL C 209 9.95 -28.48 -10.50
CA VAL C 209 9.04 -29.48 -9.96
C VAL C 209 7.99 -28.76 -9.12
N SER C 210 6.78 -28.70 -9.63
CA SER C 210 5.72 -27.96 -8.97
C SER C 210 4.70 -28.93 -8.38
N ILE C 211 4.34 -28.71 -7.13
CA ILE C 211 3.47 -29.61 -6.40
C ILE C 211 2.16 -28.89 -6.11
N GLU C 212 1.06 -29.54 -6.45
CA GLU C 212 -0.29 -29.06 -6.21
C GLU C 212 -1.03 -30.03 -5.30
N THR C 213 -2.05 -29.51 -4.59
CA THR C 213 -2.67 -30.28 -3.53
C THR C 213 -4.17 -30.07 -3.49
N LYS C 214 -4.94 -31.17 -3.44
CA LYS C 214 -6.35 -31.25 -3.10
C LYS C 214 -6.54 -31.69 -1.67
N PRO C 215 -7.69 -31.39 -1.05
CA PRO C 215 -8.14 -32.19 0.09
C PRO C 215 -8.77 -33.47 -0.41
N GLY C 216 -8.19 -34.60 -0.05
CA GLY C 216 -8.60 -35.81 -0.72
C GLY C 216 -9.61 -36.67 -0.01
N GLY C 217 -10.89 -36.51 -0.33
CA GLY C 217 -11.82 -37.57 -0.05
C GLY C 217 -12.34 -37.57 1.37
N ASP C 218 -11.68 -38.37 2.21
CA ASP C 218 -11.99 -38.49 3.62
C ASP C 218 -11.44 -37.36 4.47
N PHE C 219 -10.95 -36.27 3.90
CA PHE C 219 -10.49 -35.15 4.71
C PHE C 219 -11.68 -34.37 5.25
N ASP C 220 -11.57 -33.92 6.50
CA ASP C 220 -12.57 -33.05 7.08
C ASP C 220 -11.94 -32.28 8.23
N PHE C 221 -12.68 -31.30 8.72
CA PHE C 221 -12.37 -30.56 9.93
C PHE C 221 -13.35 -30.95 11.04
N CYS C 222 -12.96 -30.67 12.29
CA CYS C 222 -13.64 -31.28 13.42
C CYS C 222 -14.38 -30.32 14.32
N LEU C 223 -13.71 -29.31 14.89
CA LEU C 223 -14.22 -28.63 16.09
C LEU C 223 -14.08 -27.12 15.93
N LEU C 224 -15.18 -26.38 16.02
CA LEU C 224 -15.11 -24.93 15.87
C LEU C 224 -14.41 -24.27 17.05
N LYS C 225 -13.36 -23.54 16.75
CA LYS C 225 -12.85 -22.49 17.59
C LYS C 225 -13.14 -21.16 16.93
N PRO C 226 -13.12 -20.03 17.65
CA PRO C 226 -13.24 -18.74 16.99
C PRO C 226 -12.07 -18.47 16.08
N PRO C 227 -12.26 -17.74 14.99
CA PRO C 227 -11.20 -17.60 13.99
C PRO C 227 -10.03 -16.77 14.50
N GLY C 228 -8.82 -17.31 14.32
CA GLY C 228 -7.62 -16.65 14.79
C GLY C 228 -7.28 -16.93 16.23
N GLN C 229 -7.86 -17.96 16.82
CA GLN C 229 -7.69 -18.25 18.23
C GLN C 229 -6.38 -19.00 18.46
N ARG C 230 -5.52 -18.40 19.28
CA ARG C 230 -4.35 -19.09 19.82
C ARG C 230 -4.78 -20.31 20.60
N MET C 231 -4.27 -21.47 20.23
CA MET C 231 -4.59 -22.69 20.95
C MET C 231 -3.50 -22.96 21.98
N GLU C 232 -3.51 -24.15 22.60
CA GLU C 232 -2.95 -24.35 23.94
C GLU C 232 -1.44 -24.17 23.99
N ASN C 233 -0.71 -24.64 22.97
CA ASN C 233 0.74 -24.54 23.00
C ASN C 233 1.30 -23.55 21.99
N GLY C 234 0.51 -22.55 21.60
CA GLY C 234 1.01 -21.36 20.97
C GLY C 234 0.41 -21.09 19.62
N VAL C 235 0.79 -19.96 19.05
CA VAL C 235 0.41 -19.62 17.69
C VAL C 235 1.37 -20.32 16.73
N SER C 236 1.05 -20.30 15.45
CA SER C 236 1.90 -20.91 14.45
C SER C 236 3.16 -20.07 14.28
N PRO C 237 4.29 -20.67 13.90
CA PRO C 237 5.50 -19.88 13.67
C PRO C 237 5.55 -19.18 12.33
N GLU C 238 4.42 -19.03 11.63
CA GLU C 238 4.41 -18.36 10.33
C GLU C 238 4.79 -16.90 10.43
N GLY C 239 4.32 -16.21 11.48
CA GLY C 239 4.50 -14.78 11.58
C GLY C 239 5.79 -14.35 12.23
N LEU C 240 6.74 -15.27 12.40
CA LEU C 240 8.04 -14.90 12.94
C LEU C 240 8.84 -14.04 12.00
N LEU C 241 8.92 -14.42 10.73
CA LEU C 241 9.65 -13.69 9.73
C LEU C 241 8.66 -13.05 8.76
N PRO C 242 8.99 -11.94 8.11
CA PRO C 242 8.03 -11.30 7.22
C PRO C 242 7.85 -12.10 5.93
N ARG C 243 6.81 -11.74 5.18
CA ARG C 243 6.63 -12.33 3.86
C ARG C 243 7.73 -11.87 2.92
N ARG C 244 8.15 -10.62 3.03
CA ARG C 244 9.35 -10.11 2.38
C ARG C 244 10.02 -9.11 3.30
N LEU C 245 11.34 -9.01 3.18
CA LEU C 245 12.19 -8.39 4.19
C LEU C 245 11.90 -6.92 4.41
N GLY C 246 12.16 -6.09 3.39
CA GLY C 246 11.91 -4.67 3.51
C GLY C 246 12.90 -3.98 4.43
N TYR C 247 12.41 -2.96 5.12
CA TYR C 247 13.23 -2.12 5.98
C TYR C 247 13.18 -2.63 7.42
N ALA C 248 13.58 -3.88 7.59
CA ALA C 248 13.47 -4.56 8.88
C ALA C 248 14.63 -4.20 9.78
N ARG C 249 14.38 -4.20 11.09
CA ARG C 249 15.34 -3.76 12.08
C ARG C 249 15.61 -4.87 13.09
N GLY C 250 16.87 -4.94 13.56
CA GLY C 250 17.26 -5.95 14.53
C GLY C 250 17.01 -5.50 15.96
N ASN C 251 17.21 -6.42 16.89
CA ASN C 251 16.92 -6.14 18.30
C ASN C 251 18.13 -5.67 19.10
N ARG C 252 19.29 -5.49 18.47
CA ARG C 252 20.43 -4.95 19.21
C ARG C 252 20.39 -3.42 19.22
N VAL C 253 20.33 -2.81 18.05
CA VAL C 253 20.20 -1.37 17.93
C VAL C 253 18.87 -0.97 17.29
N GLY C 254 18.46 -1.64 16.23
CA GLY C 254 17.38 -1.18 15.39
C GLY C 254 17.82 -0.72 14.03
N GLY C 255 18.92 -1.25 13.52
CA GLY C 255 19.40 -0.87 12.21
C GLY C 255 18.94 -1.83 11.14
N LEU C 256 19.12 -1.40 9.90
CA LEU C 256 18.63 -2.14 8.74
C LEU C 256 19.30 -3.50 8.62
N VAL C 257 18.50 -4.53 8.39
CA VAL C 257 19.04 -5.88 8.28
C VAL C 257 19.57 -6.08 6.87
N VAL C 258 20.86 -6.38 6.77
CA VAL C 258 21.55 -6.50 5.49
C VAL C 258 21.49 -7.92 4.95
N GLY C 259 21.82 -8.90 5.78
CA GLY C 259 21.78 -10.28 5.35
C GLY C 259 22.13 -11.25 6.45
N LEU C 260 22.70 -12.39 6.09
CA LEU C 260 23.02 -13.42 7.05
C LEU C 260 24.51 -13.62 7.21
N VAL C 261 24.87 -14.26 8.32
CA VAL C 261 26.17 -14.87 8.54
C VAL C 261 25.95 -16.26 9.10
N LEU C 262 27.05 -16.99 9.26
CA LEU C 262 27.05 -18.30 9.91
C LEU C 262 28.18 -18.32 10.93
N VAL C 263 27.82 -18.18 12.20
CA VAL C 263 28.77 -18.02 13.28
C VAL C 263 28.69 -19.26 14.16
N ALA C 264 29.83 -19.66 14.73
CA ALA C 264 29.86 -20.84 15.58
C ALA C 264 29.14 -20.60 16.91
N ASP C 265 29.49 -19.52 17.60
CA ASP C 265 28.92 -19.21 18.90
C ASP C 265 28.50 -17.76 18.95
N HIS C 266 27.57 -17.45 19.86
CA HIS C 266 27.08 -16.10 20.01
C HIS C 266 26.48 -15.95 21.40
N HIS C 267 26.34 -14.70 21.86
CA HIS C 267 26.00 -14.45 23.25
C HIS C 267 24.90 -13.39 23.40
N GLN C 268 24.09 -13.14 22.37
CA GLN C 268 23.19 -11.99 22.37
C GLN C 268 21.98 -12.29 23.26
N VAL C 269 21.75 -11.45 24.25
CA VAL C 269 20.77 -11.75 25.29
C VAL C 269 19.71 -10.64 25.30
N ASN C 270 20.08 -9.44 24.84
CA ASN C 270 19.18 -8.29 24.86
C ASN C 270 18.04 -8.41 23.86
N ARG C 271 16.82 -8.16 24.34
CA ARG C 271 15.58 -8.15 23.57
C ARG C 271 15.35 -9.48 22.86
N HIS C 272 15.87 -10.56 23.42
CA HIS C 272 15.78 -11.86 22.83
C HIS C 272 14.76 -12.65 23.64
N PHE C 273 13.80 -13.25 22.94
CA PHE C 273 12.65 -13.86 23.58
C PHE C 273 12.50 -15.28 23.08
N ASN C 274 12.12 -16.18 23.97
CA ASN C 274 11.93 -17.58 23.64
C ASN C 274 10.56 -17.79 23.03
N ALA C 275 10.29 -19.04 22.63
CA ALA C 275 8.96 -19.42 22.20
C ALA C 275 7.95 -19.40 23.33
N ASN C 276 8.41 -19.40 24.59
CA ASN C 276 7.59 -19.25 25.77
C ASN C 276 7.53 -17.81 26.28
N SER C 277 7.88 -16.84 25.44
CA SER C 277 7.82 -15.39 25.72
C SER C 277 8.68 -15.01 26.93
N ILE C 278 9.84 -15.65 27.06
CA ILE C 278 10.72 -15.44 28.21
C ILE C 278 12.03 -14.87 27.71
N THR C 279 12.47 -13.80 28.36
CA THR C 279 13.72 -13.13 28.03
C THR C 279 14.72 -13.27 29.18
N TYR C 280 15.99 -13.19 28.81
CA TYR C 280 17.09 -13.25 29.76
C TYR C 280 17.82 -11.92 29.90
N GLY C 281 17.48 -10.93 29.09
CA GLY C 281 18.07 -9.61 29.15
C GLY C 281 17.20 -8.64 29.93
N TRP C 282 17.41 -7.35 29.68
CA TRP C 282 16.78 -6.31 30.50
C TRP C 282 15.98 -5.29 29.71
N SER C 283 15.54 -5.61 28.49
CA SER C 283 14.89 -4.63 27.63
C SER C 283 13.60 -5.21 27.04
N THR C 284 12.84 -4.34 26.40
CA THR C 284 11.57 -4.69 25.78
C THR C 284 11.77 -4.72 24.26
N ALA C 285 10.94 -5.52 23.57
CA ALA C 285 11.23 -5.93 22.19
C ALA C 285 11.17 -4.85 21.11
N PRO C 286 10.20 -3.91 21.09
CA PRO C 286 10.39 -2.78 20.17
C PRO C 286 11.37 -1.78 20.75
N VAL C 287 12.40 -1.47 19.98
CA VAL C 287 13.49 -0.64 20.48
C VAL C 287 13.02 0.82 20.55
N ASN C 288 12.92 1.33 21.77
CA ASN C 288 12.69 2.74 22.04
C ASN C 288 14.04 3.35 22.36
N PRO C 289 14.16 4.68 22.32
CA PRO C 289 15.41 5.29 22.76
C PRO C 289 15.61 5.15 24.27
N MET C 290 16.87 5.12 24.67
CA MET C 290 17.26 4.70 26.03
C MET C 290 16.92 5.79 27.03
N ALA C 291 15.76 5.67 27.67
CA ALA C 291 15.44 6.55 28.79
C ALA C 291 16.34 6.20 29.97
N ALA C 292 17.01 7.21 30.53
CA ALA C 292 17.99 6.98 31.59
C ALA C 292 18.11 8.22 32.46
N GLU C 293 18.54 8.02 33.70
CA GLU C 293 18.82 9.11 34.61
C GLU C 293 20.31 9.23 34.84
N ILE C 294 20.72 10.41 35.29
CA ILE C 294 22.13 10.74 35.52
C ILE C 294 22.41 10.62 37.00
N VAL C 295 23.43 9.84 37.34
CA VAL C 295 23.78 9.66 38.75
C VAL C 295 24.87 10.66 39.14
N VAL C 296 26.04 10.56 38.51
CA VAL C 296 27.18 11.42 38.82
C VAL C 296 27.69 12.03 37.52
N LYS C 297 27.80 13.36 37.49
CA LYS C 297 28.36 14.08 36.37
C LYS C 297 29.88 14.08 36.45
N HIS C 298 30.55 13.99 35.30
CA HIS C 298 32.01 14.01 35.24
C HIS C 298 32.48 14.97 34.15
N ASP C 299 33.57 15.67 34.46
CA ASP C 299 34.14 16.68 33.58
C ASP C 299 35.28 16.08 32.76
N TYR C 300 35.80 16.87 31.82
CA TYR C 300 36.83 16.38 30.92
C TYR C 300 38.22 16.58 31.53
N THR C 301 39.09 15.61 31.27
CA THR C 301 40.46 15.59 31.75
C THR C 301 41.37 15.61 30.51
N ASN C 302 42.65 15.93 30.70
CA ASN C 302 43.61 15.93 29.62
C ASN C 302 43.84 14.52 29.05
N ASN C 303 43.68 13.49 29.86
CA ASN C 303 43.88 12.11 29.42
C ASN C 303 42.66 11.49 28.77
N ARG C 304 41.46 11.76 29.29
CA ARG C 304 40.23 11.17 28.80
C ARG C 304 39.13 12.22 28.82
N ASN C 305 38.16 12.05 27.93
CA ASN C 305 37.09 13.02 27.74
C ASN C 305 36.14 13.05 28.94
N ALA C 306 35.16 13.94 28.88
CA ALA C 306 34.12 14.00 29.90
C ALA C 306 33.19 12.82 29.76
N TRP C 307 32.55 12.43 30.85
CA TRP C 307 31.62 11.32 30.81
C TRP C 307 30.53 11.50 31.84
N LEU C 308 29.69 10.47 31.97
CA LEU C 308 28.42 10.62 32.65
C LEU C 308 27.95 9.26 33.11
N SER C 309 27.96 9.01 34.41
CA SER C 309 27.52 7.73 34.95
C SER C 309 26.00 7.62 34.88
N ILE C 310 25.53 6.46 34.43
CA ILE C 310 24.12 6.24 34.14
C ILE C 310 23.53 5.25 35.13
N GLY C 311 22.39 5.60 35.70
CA GLY C 311 21.61 4.67 36.49
C GLY C 311 20.22 5.20 36.78
N ALA C 312 19.20 4.37 36.53
CA ALA C 312 17.85 4.72 36.89
C ALA C 312 17.62 4.42 38.36
N LYS C 313 16.47 4.90 38.88
CA LYS C 313 16.10 4.67 40.28
C LYS C 313 15.25 3.41 40.37
N ASN C 314 15.91 2.28 40.07
CA ASN C 314 15.31 0.94 40.07
C ASN C 314 14.10 0.85 39.15
N LYS C 315 14.21 1.44 37.96
CA LYS C 315 13.08 1.52 37.04
C LYS C 315 13.32 0.78 35.72
N GLY C 316 14.26 -0.16 35.69
CA GLY C 316 14.35 -1.08 34.58
C GLY C 316 13.21 -2.08 34.67
N PRO C 317 12.55 -2.36 33.53
CA PRO C 317 11.35 -3.21 33.59
C PRO C 317 11.66 -4.68 33.83
N LEU C 318 12.89 -5.10 33.62
CA LEU C 318 13.31 -6.47 33.89
C LEU C 318 14.36 -6.54 34.98
N PHE C 319 15.48 -5.86 34.80
CA PHE C 319 16.50 -5.74 35.82
C PHE C 319 16.52 -4.29 36.29
N PRO C 320 15.86 -3.97 37.42
CA PRO C 320 15.77 -2.57 37.85
C PRO C 320 17.11 -2.03 38.30
N GLY C 321 17.71 -1.19 37.46
CA GLY C 321 19.08 -0.76 37.63
C GLY C 321 19.81 -0.72 36.31
N LEU C 322 19.48 -1.66 35.42
CA LEU C 322 19.88 -1.58 34.03
C LEU C 322 18.82 -0.83 33.26
N PRO C 323 19.16 0.17 32.46
CA PRO C 323 18.13 1.01 31.85
C PRO C 323 17.50 0.29 30.67
N ASN C 324 16.26 0.66 30.40
CA ASN C 324 15.56 0.11 29.25
C ASN C 324 16.25 0.58 27.99
N HIS C 325 16.58 -0.39 27.14
CA HIS C 325 17.19 -0.21 25.82
C HIS C 325 18.62 0.33 25.90
N PHE C 326 19.44 -0.28 26.79
CA PHE C 326 20.88 -0.06 26.79
C PHE C 326 21.56 -1.05 25.85
N PRO C 327 22.54 -0.62 25.06
CA PRO C 327 23.11 -1.51 24.04
C PRO C 327 24.09 -2.54 24.60
N ASP C 328 24.14 -3.70 23.94
CA ASP C 328 25.13 -4.72 24.18
C ASP C 328 26.39 -4.51 23.37
N SER C 329 26.32 -3.70 22.31
CA SER C 329 27.44 -3.42 21.43
C SER C 329 28.19 -2.16 21.87
N CYS C 330 28.17 -1.89 23.17
CA CYS C 330 28.86 -0.74 23.73
C CYS C 330 30.37 -1.00 23.75
N ALA C 331 31.11 0.00 24.20
CA ALA C 331 32.57 -0.10 24.29
C ALA C 331 32.95 -0.83 25.57
N SER C 332 33.72 -1.91 25.44
CA SER C 332 34.22 -2.65 26.58
C SER C 332 35.62 -3.15 26.25
N THR C 333 36.24 -3.81 27.24
CA THR C 333 37.56 -4.38 27.05
C THR C 333 37.53 -5.54 26.06
N LEU C 334 36.44 -6.31 26.08
CA LEU C 334 36.26 -7.39 25.11
C LEU C 334 36.06 -6.84 23.70
N VAL C 335 35.46 -5.66 23.58
CA VAL C 335 35.27 -5.03 22.27
C VAL C 335 36.55 -4.39 21.77
N GLY C 336 37.12 -3.47 22.55
CA GLY C 336 38.34 -2.80 22.14
C GLY C 336 38.94 -1.94 23.24
N ALA C 337 40.26 -1.96 23.36
CA ALA C 337 40.93 -1.18 24.38
C ALA C 337 40.92 0.31 24.04
N MET C 338 41.03 1.13 25.07
CA MET C 338 41.07 2.57 24.87
C MET C 338 42.42 2.98 24.29
N ASP C 339 42.39 3.95 23.38
CA ASP C 339 43.58 4.43 22.71
C ASP C 339 43.90 5.84 23.15
N THR C 340 45.15 6.25 22.93
CA THR C 340 45.57 7.62 23.19
C THR C 340 45.41 8.46 21.92
N GLY C 341 44.18 8.44 21.40
CA GLY C 341 43.79 9.21 20.24
C GLY C 341 42.80 10.27 20.62
N ARG C 342 41.51 9.97 20.42
CA ARG C 342 40.41 10.87 20.76
C ARG C 342 40.07 10.87 22.25
N HIS C 343 40.91 10.28 23.11
CA HIS C 343 40.78 10.33 24.58
C HIS C 343 39.47 9.70 25.03
N MET C 344 39.14 8.57 24.42
CA MET C 344 37.87 7.89 24.58
C MET C 344 38.08 6.44 24.16
N PRO C 345 37.11 5.54 24.39
CA PRO C 345 37.29 4.17 23.90
C PRO C 345 37.26 4.11 22.38
N ALA C 346 37.94 3.10 21.84
CA ALA C 346 38.15 3.02 20.39
C ALA C 346 36.87 2.63 19.67
N THR C 347 36.29 1.49 20.05
CA THR C 347 35.23 0.88 19.28
C THR C 347 33.93 0.90 20.09
N GLY C 348 32.95 1.62 19.59
CA GLY C 348 31.65 1.68 20.24
C GLY C 348 30.62 2.26 19.30
N VAL C 349 29.36 2.21 19.75
CA VAL C 349 28.22 2.72 19.00
C VAL C 349 27.84 4.07 19.58
N CYS C 350 27.91 5.12 18.76
CA CYS C 350 27.70 6.48 19.22
C CYS C 350 26.33 6.99 18.82
N GLY C 351 25.96 8.13 19.40
CA GLY C 351 24.68 8.75 19.17
C GLY C 351 24.59 10.12 19.82
N PRO C 352 23.61 10.93 19.39
CA PRO C 352 23.36 12.20 20.08
C PRO C 352 22.50 12.01 21.32
N ALA C 353 22.86 12.74 22.37
CA ALA C 353 22.23 12.63 23.68
C ALA C 353 21.31 13.82 23.91
N ILE C 354 20.17 13.57 24.54
CA ILE C 354 19.19 14.60 24.84
C ILE C 354 18.90 14.55 26.33
N GLY C 355 19.12 15.67 27.01
CA GLY C 355 18.88 15.78 28.44
C GLY C 355 17.57 16.51 28.73
N PHE C 356 16.75 15.90 29.57
CA PHE C 356 15.42 16.42 29.84
C PHE C 356 15.14 16.36 31.33
N GLN C 357 14.16 17.13 31.77
CA GLN C 357 13.79 17.16 33.18
C GLN C 357 12.61 16.24 33.45
N ASP C 358 12.26 16.13 34.73
CA ASP C 358 11.29 15.13 35.18
C ASP C 358 9.86 15.50 34.75
N ASN C 359 9.57 16.79 34.62
CA ASN C 359 8.27 17.26 34.20
C ASN C 359 8.19 17.57 32.70
N GLY C 360 9.32 17.64 32.01
CA GLY C 360 9.30 17.84 30.57
C GLY C 360 10.02 19.06 30.06
N ASP C 361 10.66 19.83 30.94
CA ASP C 361 11.49 20.95 30.51
C ASP C 361 12.80 20.37 29.98
N VAL C 362 12.81 20.05 28.68
CA VAL C 362 13.99 19.47 28.07
C VAL C 362 15.03 20.57 27.89
N PHE C 363 16.31 20.23 28.09
CA PHE C 363 17.39 21.20 27.85
C PHE C 363 17.60 21.32 26.35
N GLU C 364 17.54 22.55 25.84
CA GLU C 364 17.45 22.76 24.40
C GLU C 364 18.79 23.07 23.74
N ASN C 365 19.77 23.57 24.49
CA ASN C 365 20.94 24.19 23.87
C ASN C 365 21.92 23.15 23.31
N GLU C 366 22.52 22.34 24.17
CA GLU C 366 23.54 21.39 23.74
C GLU C 366 22.94 20.06 23.32
N THR C 367 23.72 19.34 22.51
CA THR C 367 23.46 17.94 22.19
C THR C 367 24.81 17.31 21.89
N PRO C 368 25.34 16.51 22.80
CA PRO C 368 26.68 15.95 22.61
C PRO C 368 26.67 14.62 21.88
N ALA C 369 27.69 14.43 21.07
CA ALA C 369 27.93 13.13 20.45
C ALA C 369 28.52 12.17 21.49
N VAL C 370 27.81 11.06 21.72
CA VAL C 370 27.94 10.31 22.96
C VAL C 370 28.07 8.82 22.65
N MET C 371 29.16 8.22 23.12
CA MET C 371 29.47 6.81 22.85
C MET C 371 29.11 5.96 24.06
N PHE C 372 28.46 4.82 23.80
CA PHE C 372 28.08 3.90 24.87
C PHE C 372 29.27 3.06 25.32
N ALA C 373 29.39 2.87 26.64
CA ALA C 373 30.51 2.13 27.18
C ALA C 373 30.11 1.47 28.51
N THR C 374 31.08 0.80 29.13
CA THR C 374 30.95 0.28 30.48
C THR C 374 32.29 0.44 31.21
N PHE C 375 32.25 1.00 32.41
CA PHE C 375 33.43 1.45 33.13
C PHE C 375 33.50 0.80 34.51
N ASN C 376 34.41 1.30 35.34
CA ASN C 376 34.69 0.64 36.61
C ASN C 376 34.51 1.62 37.75
N PRO C 377 33.60 1.37 38.69
CA PRO C 377 33.45 2.27 39.85
C PRO C 377 34.55 2.12 40.88
N LEU C 378 35.10 0.91 41.04
CA LEU C 378 36.07 0.60 42.08
C LEU C 378 37.43 1.23 41.81
N THR C 379 37.67 1.72 40.60
CA THR C 379 38.92 2.39 40.24
C THR C 379 39.10 3.70 41.02
N GLY C 380 38.13 4.61 40.89
CA GLY C 380 38.18 5.87 41.60
C GLY C 380 38.35 7.08 40.69
N ASN C 385 43.25 7.76 40.40
CA ASN C 385 43.24 6.77 39.34
C ASN C 385 42.22 7.10 38.24
N PRO C 386 42.65 7.02 36.99
CA PRO C 386 41.72 7.26 35.87
C PRO C 386 40.79 6.07 35.67
N ILE C 387 39.49 6.35 35.60
CA ILE C 387 38.49 5.29 35.50
C ILE C 387 38.50 4.71 34.09
N ALA C 388 38.74 3.40 33.99
CA ALA C 388 39.00 2.70 32.74
C ALA C 388 37.81 1.82 32.35
N LEU C 389 38.02 0.98 31.35
CA LEU C 389 36.97 0.10 30.86
C LEU C 389 36.70 -1.05 31.83
N TYR C 390 35.82 -1.95 31.40
CA TYR C 390 35.33 -3.03 32.24
C TYR C 390 34.78 -4.12 31.33
N ASP C 391 34.77 -5.35 31.85
CA ASP C 391 34.48 -6.51 31.01
C ASP C 391 33.00 -6.68 30.75
N SER C 392 32.15 -6.41 31.73
CA SER C 392 30.75 -6.83 31.68
C SER C 392 29.87 -5.61 31.94
N ILE C 393 28.59 -5.88 32.18
CA ILE C 393 27.58 -4.84 32.38
C ILE C 393 26.99 -5.03 33.78
N ASN C 394 27.39 -4.16 34.67
CA ASN C 394 27.02 -3.93 36.07
C ASN C 394 26.11 -2.71 36.11
N PRO C 395 25.02 -2.70 36.88
CA PRO C 395 24.23 -1.45 37.01
C PRO C 395 24.94 -0.27 37.68
N ALA C 396 26.16 -0.43 38.18
CA ALA C 396 26.99 0.71 38.57
C ALA C 396 28.01 1.07 37.50
N SER C 397 28.11 0.29 36.43
CA SER C 397 29.13 0.46 35.41
C SER C 397 28.65 1.22 34.20
N LEU C 398 27.38 1.61 34.18
CA LEU C 398 26.76 2.16 32.99
C LEU C 398 27.17 3.60 32.80
N ALA C 399 27.88 3.87 31.70
CA ALA C 399 28.49 5.18 31.54
C ALA C 399 28.77 5.43 30.07
N VAL C 400 28.71 6.70 29.69
CA VAL C 400 28.87 7.13 28.30
C VAL C 400 29.82 8.33 28.25
N MET C 401 30.69 8.35 27.24
CA MET C 401 31.65 9.43 27.06
C MET C 401 31.30 10.28 25.85
N CYS C 402 31.97 11.42 25.74
CA CYS C 402 31.84 12.31 24.60
C CYS C 402 32.66 11.79 23.42
N THR C 403 32.42 12.40 22.26
CA THR C 403 33.24 12.20 21.08
C THR C 403 34.18 13.39 20.83
N LYS C 404 33.76 14.58 21.27
CA LYS C 404 34.59 15.77 21.17
C LYS C 404 35.80 15.69 22.09
N SER C 405 36.76 16.58 21.87
CA SER C 405 38.02 16.52 22.61
C SER C 405 37.89 17.16 23.99
N ASN C 406 37.58 18.46 24.05
CA ASN C 406 37.62 19.20 25.29
C ASN C 406 36.31 19.89 25.62
N SER C 407 35.19 19.37 25.13
CA SER C 407 33.89 19.92 25.51
C SER C 407 33.52 19.43 26.90
N ASN C 408 32.44 19.99 27.43
CA ASN C 408 32.05 19.69 28.81
C ASN C 408 30.53 19.75 28.88
N PHE C 409 29.95 18.90 29.71
CA PHE C 409 28.52 18.92 29.93
C PHE C 409 28.14 20.16 30.74
N ASP C 410 26.98 20.74 30.42
CA ASP C 410 26.58 22.00 31.02
C ASP C 410 26.14 21.80 32.47
N SER C 411 26.08 22.92 33.19
CA SER C 411 25.82 22.86 34.64
C SER C 411 24.38 22.46 34.94
N SER C 412 23.43 23.25 34.49
CA SER C 412 22.02 22.92 34.73
C SER C 412 21.50 21.86 33.76
N GLY C 413 22.08 21.78 32.57
CA GLY C 413 21.56 20.90 31.54
C GLY C 413 21.76 19.42 31.81
N PHE C 414 22.98 19.04 32.19
CA PHE C 414 23.36 17.65 32.41
C PHE C 414 23.80 17.39 33.84
N ALA C 415 23.05 17.90 34.82
CA ALA C 415 23.44 17.81 36.22
C ALA C 415 23.15 16.43 36.80
N ASN C 416 23.32 16.32 38.12
CA ASN C 416 23.13 15.06 38.81
C ASN C 416 21.68 14.77 39.14
N ASP C 417 20.77 15.73 38.96
CA ASP C 417 19.35 15.53 39.15
C ASP C 417 18.56 15.72 37.85
N LYS C 418 19.12 15.23 36.74
CA LYS C 418 18.50 15.32 35.42
C LYS C 418 18.37 13.91 34.81
N ASN C 419 17.98 13.89 33.54
CA ASN C 419 17.79 12.66 32.77
C ASN C 419 18.60 12.76 31.48
N VAL C 420 18.69 11.66 30.75
CA VAL C 420 19.41 11.64 29.47
C VAL C 420 18.83 10.51 28.61
N VAL C 421 18.72 10.76 27.31
CA VAL C 421 18.22 9.79 26.35
C VAL C 421 18.99 9.93 25.04
N VAL C 422 19.44 8.80 24.49
CA VAL C 422 20.36 8.78 23.36
C VAL C 422 19.78 7.91 22.25
N GLN C 423 19.82 8.40 21.02
CA GLN C 423 19.46 7.64 19.84
C GLN C 423 20.72 7.13 19.12
N MET C 424 20.80 5.80 18.99
CA MET C 424 22.02 5.14 18.53
C MET C 424 22.12 5.26 17.01
N SER C 425 23.12 5.99 16.52
CA SER C 425 23.27 6.18 15.08
C SER C 425 24.58 5.69 14.52
N TRP C 426 25.71 6.07 15.11
CA TRP C 426 27.04 5.74 14.60
C TRP C 426 27.38 4.29 14.85
N GLU C 427 28.57 3.92 14.39
CA GLU C 427 29.31 2.78 14.89
C GLU C 427 30.79 3.07 14.65
N MET C 428 31.51 3.43 15.71
CA MET C 428 32.93 3.74 15.59
C MET C 428 33.77 2.51 15.88
N TYR C 429 34.93 2.45 15.23
CA TYR C 429 35.86 1.34 15.35
C TYR C 429 37.19 1.78 15.96
N THR C 430 37.88 2.72 15.30
CA THR C 430 39.20 3.24 15.64
C THR C 430 40.28 2.13 15.72
N ASN C 431 40.01 0.97 15.17
CA ASN C 431 40.95 -0.15 15.03
C ASN C 431 40.43 -1.04 13.91
N SER C 432 40.99 -2.24 13.79
CA SER C 432 40.55 -3.20 12.79
C SER C 432 39.58 -4.23 13.37
N GLN C 433 39.05 -3.99 14.56
CA GLN C 433 38.14 -4.90 15.24
C GLN C 433 36.75 -4.28 15.24
N GLN C 434 35.74 -5.10 14.98
CA GLN C 434 34.37 -4.63 14.99
C GLN C 434 33.59 -5.34 16.10
N ILE C 435 32.30 -5.08 16.19
CA ILE C 435 31.46 -5.61 17.27
C ILE C 435 30.48 -6.57 16.63
N GLN C 436 30.92 -7.24 15.56
CA GLN C 436 30.05 -8.00 14.67
C GLN C 436 29.30 -9.12 15.37
N GLY C 437 30.01 -10.15 15.80
CA GLY C 437 29.43 -11.17 16.64
C GLY C 437 29.66 -10.95 18.10
N ARG C 438 30.09 -9.75 18.50
CA ARG C 438 30.50 -9.50 19.86
C ARG C 438 29.38 -8.86 20.66
N VAL C 439 29.15 -9.40 21.86
CA VAL C 439 28.10 -8.96 22.78
C VAL C 439 28.77 -8.77 24.13
N THR C 440 28.47 -7.66 24.79
CA THR C 440 29.01 -7.44 26.13
C THR C 440 28.08 -8.09 27.15
N PRO C 441 28.56 -9.02 27.97
CA PRO C 441 27.68 -9.71 28.92
C PRO C 441 27.45 -8.92 30.21
N MET C 442 26.77 -9.52 31.18
CA MET C 442 26.59 -8.98 32.51
C MET C 442 27.49 -9.69 33.50
N GLN C 443 27.47 -9.23 34.75
CA GLN C 443 28.12 -9.97 35.84
C GLN C 443 27.31 -11.21 36.19
N GLY C 444 28.01 -12.30 36.48
CA GLY C 444 27.34 -13.56 36.77
C GLY C 444 26.58 -14.09 35.58
N THR C 445 27.07 -13.84 34.37
CA THR C 445 26.34 -14.10 33.14
C THR C 445 27.31 -14.67 32.12
N ASN C 446 27.16 -15.96 31.84
CA ASN C 446 27.91 -16.64 30.80
C ASN C 446 26.90 -17.49 30.05
N PHE C 447 26.19 -16.88 29.10
CA PHE C 447 25.26 -17.59 28.24
C PHE C 447 25.98 -17.90 26.94
N VAL C 448 25.87 -19.14 26.50
CA VAL C 448 26.36 -19.54 25.18
C VAL C 448 25.18 -20.12 24.42
N PHE C 449 25.26 -20.05 23.10
CA PHE C 449 24.23 -20.62 22.23
C PHE C 449 24.93 -21.23 21.03
N THR C 450 24.78 -22.54 20.85
CA THR C 450 25.62 -23.32 19.96
C THR C 450 24.78 -24.34 19.23
N SER C 451 25.05 -24.52 17.93
CA SER C 451 24.46 -25.64 17.20
C SER C 451 25.38 -26.86 17.27
N SER C 452 24.79 -28.03 17.01
CA SER C 452 25.46 -29.31 17.23
C SER C 452 25.91 -29.96 15.94
N GLY C 453 25.00 -30.20 15.00
CA GLY C 453 25.38 -30.91 13.80
C GLY C 453 24.50 -30.66 12.59
N ALA C 454 25.15 -30.66 11.41
CA ALA C 454 24.52 -30.46 10.09
C ALA C 454 23.79 -29.12 9.98
N ASN C 455 24.17 -28.16 10.82
CA ASN C 455 23.41 -26.96 11.13
C ASN C 455 24.32 -26.00 11.88
N THR C 456 24.27 -24.73 11.49
CA THR C 456 25.15 -23.69 12.02
C THR C 456 24.28 -22.53 12.49
N LEU C 457 24.62 -21.98 13.67
CA LEU C 457 23.96 -20.79 14.19
C LEU C 457 24.08 -19.62 13.22
N ALA C 458 22.93 -19.09 12.81
CA ALA C 458 22.88 -17.96 11.89
C ALA C 458 22.50 -16.70 12.64
N LEU C 459 22.92 -15.56 12.12
CA LEU C 459 22.62 -14.25 12.70
C LEU C 459 22.28 -13.27 11.60
N TRP C 460 21.69 -12.15 11.99
CA TRP C 460 21.29 -11.13 11.03
C TRP C 460 22.32 -10.03 10.93
N GLU C 461 22.86 -9.83 9.73
CA GLU C 461 23.74 -8.70 9.47
C GLU C 461 22.97 -7.39 9.57
N GLU C 462 23.22 -6.63 10.64
CA GLU C 462 22.59 -5.33 10.74
C GLU C 462 23.34 -4.28 9.93
N ARG C 463 22.99 -3.02 10.17
CA ARG C 463 23.61 -1.90 9.51
C ARG C 463 23.52 -0.70 10.44
N LEU C 464 24.66 -0.04 10.66
CA LEU C 464 24.69 1.26 11.29
C LEU C 464 25.36 2.25 10.35
N LEU C 465 25.56 3.44 10.87
CA LEU C 465 26.17 4.53 10.11
C LEU C 465 27.64 4.57 10.49
N SER C 466 28.52 4.17 9.58
CA SER C 466 29.93 4.05 9.91
C SER C 466 30.58 5.42 10.05
N TYR C 467 31.61 5.48 10.88
CA TYR C 467 32.41 6.70 10.95
C TYR C 467 33.44 6.74 9.84
N ASP C 468 33.50 5.71 9.00
CA ASP C 468 34.36 5.62 7.84
C ASP C 468 33.49 5.48 6.59
N GLY C 469 34.15 5.28 5.46
CA GLY C 469 33.48 4.98 4.22
C GLY C 469 33.18 3.51 4.01
N HIS C 470 33.27 2.70 5.06
CA HIS C 470 32.97 1.28 5.01
C HIS C 470 31.54 1.02 5.48
N GLN C 471 31.18 -0.25 5.52
CA GLN C 471 29.85 -0.67 5.92
C GLN C 471 29.90 -1.17 7.36
N ALA C 472 29.16 -0.51 8.24
CA ALA C 472 29.16 -0.83 9.67
C ALA C 472 28.04 -1.82 9.96
N ILE C 473 28.42 -3.04 10.34
CA ILE C 473 27.49 -4.17 10.45
C ILE C 473 27.62 -4.79 11.82
N LEU C 474 26.50 -4.98 12.50
CA LEU C 474 26.40 -5.86 13.66
C LEU C 474 25.69 -7.14 13.26
N TYR C 475 25.92 -8.21 14.04
CA TYR C 475 25.23 -9.46 13.84
C TYR C 475 24.25 -9.60 15.00
N SER C 476 22.96 -9.68 14.70
CA SER C 476 21.93 -9.72 15.72
C SER C 476 21.26 -11.08 15.80
N SER C 477 20.76 -11.41 16.99
CA SER C 477 20.24 -12.75 17.25
C SER C 477 18.90 -12.96 16.56
N GLN C 478 18.04 -11.95 16.59
CA GLN C 478 16.77 -11.98 15.90
C GLN C 478 16.38 -10.54 15.61
N MET C 479 15.37 -10.36 14.78
CA MET C 479 14.93 -9.02 14.45
C MET C 479 13.82 -8.57 15.39
N GLU C 480 13.36 -7.33 15.21
CA GLU C 480 12.37 -6.76 16.12
C GLU C 480 11.03 -7.44 15.98
N ARG C 481 10.57 -7.64 14.74
CA ARG C 481 9.29 -8.30 14.51
C ARG C 481 9.30 -9.76 14.90
N THR C 482 10.47 -10.38 15.03
CA THR C 482 10.56 -11.70 15.63
C THR C 482 10.59 -11.58 17.15
N SER C 483 11.22 -10.54 17.68
CA SER C 483 11.23 -10.31 19.12
C SER C 483 9.85 -9.89 19.62
N GLU C 484 9.14 -9.07 18.84
CA GLU C 484 7.79 -8.66 19.22
C GLU C 484 6.81 -9.82 19.13
N TYR C 485 7.01 -10.71 18.15
CA TYR C 485 6.07 -11.82 17.97
C TYR C 485 6.27 -12.89 19.03
N PHE C 486 7.51 -13.10 19.49
CA PHE C 486 7.71 -14.02 20.59
C PHE C 486 7.17 -13.46 21.91
N GLN C 487 7.13 -12.13 22.09
CA GLN C 487 6.53 -11.55 23.29
C GLN C 487 5.05 -11.85 23.41
N ASN C 488 4.27 -11.33 22.47
CA ASN C 488 2.85 -11.12 22.68
C ASN C 488 2.06 -12.41 22.67
N ASP C 489 2.59 -13.45 22.06
CA ASP C 489 1.99 -14.78 22.07
C ASP C 489 3.07 -15.80 22.38
N ASN C 490 2.66 -16.97 22.83
CA ASN C 490 3.51 -18.13 22.78
C ASN C 490 3.47 -18.68 21.37
N VAL C 491 4.56 -19.28 20.92
CA VAL C 491 4.72 -19.73 19.55
C VAL C 491 4.89 -21.24 19.58
N ASN C 492 4.18 -21.95 18.69
CA ASN C 492 4.20 -23.40 18.70
C ASN C 492 5.50 -23.89 18.08
N ILE C 493 6.55 -23.85 18.90
CA ILE C 493 7.80 -24.54 18.62
C ILE C 493 8.05 -25.46 19.81
N PRO C 494 7.84 -26.76 19.68
CA PRO C 494 8.13 -27.69 20.77
C PRO C 494 9.62 -27.80 21.00
N PRO C 495 10.06 -28.23 22.19
CA PRO C 495 11.49 -28.16 22.53
C PRO C 495 12.43 -29.05 21.74
N GLY C 496 11.93 -29.98 20.94
CA GLY C 496 12.83 -30.80 20.17
C GLY C 496 12.90 -30.44 18.71
N SER C 497 12.37 -29.28 18.32
CA SER C 497 12.20 -29.00 16.90
C SER C 497 12.65 -27.59 16.55
N MET C 498 12.55 -27.29 15.26
CA MET C 498 12.89 -26.00 14.67
C MET C 498 11.72 -25.55 13.81
N ALA C 499 11.65 -24.25 13.55
CA ALA C 499 10.69 -23.71 12.60
C ALA C 499 11.44 -23.26 11.36
N VAL C 500 11.25 -23.96 10.25
CA VAL C 500 12.09 -23.83 9.07
C VAL C 500 11.44 -22.86 8.09
N PHE C 501 12.23 -21.93 7.56
CA PHE C 501 11.78 -20.94 6.59
C PHE C 501 12.56 -21.06 5.30
N ASN C 502 11.84 -21.20 4.18
CA ASN C 502 12.45 -20.98 2.87
C ASN C 502 12.86 -19.52 2.73
N VAL C 503 13.98 -19.30 2.06
CA VAL C 503 14.47 -17.95 1.81
C VAL C 503 14.57 -17.79 0.29
N GLU C 504 13.54 -17.22 -0.32
CA GLU C 504 13.54 -16.92 -1.75
C GLU C 504 14.21 -15.56 -1.96
N THR C 505 15.48 -15.58 -2.33
CA THR C 505 16.23 -14.38 -2.62
C THR C 505 16.19 -14.17 -4.14
N ASN C 506 16.97 -13.25 -4.69
CA ASN C 506 17.07 -13.11 -6.13
C ASN C 506 17.82 -14.28 -6.76
N SER C 507 18.93 -14.70 -6.14
CA SER C 507 19.77 -15.76 -6.67
C SER C 507 19.68 -17.04 -5.87
N ALA C 508 19.95 -16.99 -4.57
CA ALA C 508 20.02 -18.18 -3.73
C ALA C 508 18.66 -18.54 -3.17
N SER C 509 18.50 -19.81 -2.81
CA SER C 509 17.30 -20.31 -2.14
C SER C 509 17.74 -21.35 -1.13
N PHE C 510 17.31 -21.20 0.11
CA PHE C 510 17.80 -22.05 1.19
C PHE C 510 16.80 -22.03 2.34
N GLN C 511 17.24 -22.56 3.49
CA GLN C 511 16.39 -22.78 4.65
C GLN C 511 17.02 -22.16 5.89
N ILE C 512 16.17 -21.65 6.79
CA ILE C 512 16.56 -21.13 8.10
C ILE C 512 15.61 -21.71 9.14
N GLY C 513 16.16 -22.33 10.19
CA GLY C 513 15.36 -22.83 11.29
C GLY C 513 15.50 -21.95 12.52
N ILE C 514 14.36 -21.64 13.13
CA ILE C 514 14.31 -20.91 14.39
C ILE C 514 13.92 -21.88 15.49
N ARG C 515 14.61 -21.79 16.63
CA ARG C 515 14.44 -22.73 17.72
C ARG C 515 13.37 -22.26 18.70
N GLU C 516 13.22 -22.96 19.82
CA GLU C 516 12.42 -22.44 20.92
C GLU C 516 13.23 -21.50 21.80
N ASP C 517 14.54 -21.42 21.62
CA ASP C 517 15.33 -20.39 22.27
C ASP C 517 15.28 -19.06 21.53
N GLY C 518 14.66 -19.03 20.35
CA GLY C 518 14.60 -17.83 19.55
C GLY C 518 15.75 -17.66 18.61
N TYR C 519 16.71 -18.57 18.60
CA TYR C 519 17.88 -18.42 17.76
C TYR C 519 17.70 -19.08 16.40
N MET C 520 18.37 -18.51 15.42
CA MET C 520 18.36 -18.95 14.04
C MET C 520 19.55 -19.87 13.78
N VAL C 521 19.27 -21.01 13.17
CA VAL C 521 20.26 -22.04 12.92
C VAL C 521 20.01 -22.60 11.53
N THR C 522 21.04 -22.65 10.68
CA THR C 522 20.86 -23.17 9.33
C THR C 522 22.12 -23.86 8.85
N GLY C 523 22.00 -24.52 7.69
CA GLY C 523 23.12 -25.24 7.13
C GLY C 523 24.11 -24.35 6.39
N GLY C 524 25.30 -24.89 6.18
CA GLY C 524 26.33 -24.23 5.41
C GLY C 524 27.64 -24.13 6.16
N THR C 525 28.57 -23.40 5.56
CA THR C 525 29.92 -23.22 6.08
C THR C 525 29.95 -22.05 7.04
N ILE C 526 30.66 -22.23 8.16
CA ILE C 526 30.77 -21.19 9.18
C ILE C 526 31.51 -19.98 8.60
N GLY C 527 30.82 -18.85 8.54
CA GLY C 527 31.37 -17.63 7.96
C GLY C 527 30.76 -17.24 6.64
N THR C 528 29.75 -17.96 6.17
CA THR C 528 29.14 -17.67 4.87
C THR C 528 28.27 -16.42 4.96
N HIS C 529 28.59 -15.42 4.14
CA HIS C 529 27.80 -14.21 4.05
C HIS C 529 26.76 -14.35 2.95
N VAL C 530 25.55 -13.87 3.24
CA VAL C 530 24.47 -13.81 2.25
C VAL C 530 24.00 -12.37 2.19
N VAL C 531 23.82 -11.85 0.98
CA VAL C 531 23.29 -10.51 0.78
C VAL C 531 21.80 -10.61 0.56
N LEU C 532 21.03 -9.96 1.43
CA LEU C 532 19.57 -10.01 1.37
C LEU C 532 19.05 -8.63 0.99
N ASP C 533 18.53 -8.52 -0.23
CA ASP C 533 17.85 -7.32 -0.66
C ASP C 533 16.50 -7.23 0.06
N PRO C 534 15.85 -6.06 0.07
CA PRO C 534 14.49 -5.99 0.61
C PRO C 534 13.44 -6.77 -0.18
N GLU C 535 13.77 -7.32 -1.34
CA GLU C 535 12.87 -8.22 -2.06
C GLU C 535 13.09 -9.69 -1.67
N THR C 536 13.84 -9.95 -0.60
CA THR C 536 14.02 -11.30 -0.11
C THR C 536 12.73 -11.83 0.48
N ARG C 537 12.19 -12.90 -0.08
CA ARG C 537 10.95 -13.46 0.40
C ARG C 537 11.21 -14.66 1.29
N PHE C 538 10.70 -14.59 2.51
CA PHE C 538 10.74 -15.70 3.46
C PHE C 538 9.43 -16.45 3.37
N GLN C 539 9.51 -17.78 3.32
CA GLN C 539 8.29 -18.59 3.23
C GLN C 539 8.42 -19.74 4.21
N TYR C 540 7.34 -20.03 4.92
CA TYR C 540 7.39 -20.93 6.06
C TYR C 540 7.12 -22.37 5.64
N VAL C 541 8.15 -23.21 5.71
CA VAL C 541 7.98 -24.65 5.73
C VAL C 541 7.54 -25.02 7.14
N GLY C 542 7.03 -26.23 7.35
CA GLY C 542 6.64 -26.62 8.68
C GLY C 542 7.75 -26.82 9.72
N LEU C 543 7.44 -27.54 10.79
CA LEU C 543 8.38 -27.79 11.86
C LEU C 543 9.22 -29.02 11.55
N LEU C 544 10.54 -28.89 11.69
CA LEU C 544 11.49 -29.98 11.58
C LEU C 544 12.24 -30.14 12.90
N PRO C 545 12.72 -31.34 13.24
CA PRO C 545 13.46 -31.52 14.49
C PRO C 545 14.83 -30.85 14.46
N LEU C 546 15.45 -30.78 15.65
CA LEU C 546 16.75 -30.16 15.79
C LEU C 546 17.86 -30.96 15.11
N THR C 547 17.66 -32.26 14.92
CA THR C 547 18.66 -33.12 14.30
C THR C 547 18.61 -33.03 12.77
N ALA C 548 17.55 -32.43 12.23
CA ALA C 548 17.38 -32.32 10.79
C ALA C 548 18.43 -31.43 10.16
N ALA C 549 18.87 -31.82 8.97
CA ALA C 549 19.86 -31.07 8.22
C ALA C 549 19.14 -30.06 7.34
N LEU C 550 19.58 -28.81 7.38
CA LEU C 550 18.96 -27.76 6.59
C LEU C 550 19.82 -27.45 5.37
N ALA C 551 19.18 -27.40 4.21
CA ALA C 551 19.85 -27.00 2.99
C ALA C 551 20.17 -25.52 3.07
N GLY C 552 21.43 -25.20 3.39
CA GLY C 552 21.84 -23.83 3.54
C GLY C 552 22.27 -23.22 2.22
N PRO C 553 22.81 -22.01 2.27
CA PRO C 553 23.27 -21.35 1.05
C PRO C 553 24.52 -22.01 0.49
N ASN C 554 24.65 -21.92 -0.83
CA ASN C 554 25.79 -22.41 -1.61
C ASN C 554 26.09 -23.89 -1.42
#